data_5EAO
# 
_entry.id   5EAO 
# 
_audit_conform.dict_name       mmcif_pdbx.dic 
_audit_conform.dict_version    5.379 
_audit_conform.dict_location   http://mmcif.pdb.org/dictionaries/ascii/mmcif_pdbx.dic 
# 
loop_
_database_2.database_id 
_database_2.database_code 
_database_2.pdbx_database_accession 
_database_2.pdbx_DOI 
PDB   5EAO         pdb_00005eao 10.2210/pdb5eao/pdb 
WWPDB D_1000214580 ?            ?                   
# 
loop_
_pdbx_database_related.db_name 
_pdbx_database_related.details 
_pdbx_database_related.db_id 
_pdbx_database_related.content_type 
PDB 'same RNA sequence, crystal form, etc.' 5DQK unspecified 
PDB .                                       5DI4 unspecified 
PDB .                                       5DI2 unspecified 
# 
_pdbx_database_status.status_code                     REL 
_pdbx_database_status.status_code_sf                  REL 
_pdbx_database_status.status_code_mr                  ? 
_pdbx_database_status.entry_id                        5EAO 
_pdbx_database_status.recvd_initial_deposition_date   2015-10-16 
_pdbx_database_status.SG_entry                        N 
_pdbx_database_status.deposit_site                    RCSB 
_pdbx_database_status.process_site                    RCSB 
_pdbx_database_status.status_code_cs                  ? 
_pdbx_database_status.methods_development_category    ? 
_pdbx_database_status.pdb_format_compatible           Y 
_pdbx_database_status.status_code_nmr_data            ? 
# 
loop_
_audit_author.name 
_audit_author.pdbx_ordinal 
'Mir, A.'      1 
'Golden, B.L.' 2 
# 
loop_
_citation.abstract 
_citation.abstract_id_CAS 
_citation.book_id_ISBN 
_citation.book_publisher 
_citation.book_publisher_city 
_citation.book_title 
_citation.coordinate_linkage 
_citation.country 
_citation.database_id_Medline 
_citation.details 
_citation.id 
_citation.journal_abbrev 
_citation.journal_id_ASTM 
_citation.journal_id_CSD 
_citation.journal_id_ISSN 
_citation.journal_full 
_citation.journal_issue 
_citation.journal_volume 
_citation.language 
_citation.page_first 
_citation.page_last 
_citation.title 
_citation.year 
_citation.database_id_CSD 
_citation.pdbx_database_id_DOI 
_citation.pdbx_database_id_PubMed 
_citation.unpublished_flag 
? ? ? ? ? ? ? US ? ? primary Biochemistry BICHAW 0033 0006-2960 ? ? 55 ? 633  636  
'Two Active Site Divalent Ions in the Crystal Structure of the Hammerhead Ribozyme Bound to a Transition State Analogue.' 2016 ? 
10.1021/acs.biochem.5b01139 26551631 ? 
? ? ? ? ? ? ? US ? ? 1       Biochemistry BICHAW 0033 0006-2960 ? ? 54 ? 6369 6381 
'Two Divalent Metal Ions and Conformational Changes Play Roles in the Hammerhead Ribozyme Cleavage Reaction.'             2015 ? 
10.1021/acs.biochem.5b00824 26398724 ? 
# 
loop_
_citation_author.citation_id 
_citation_author.name 
_citation_author.ordinal 
_citation_author.identifier_ORCID 
primary 'Mir, A.'      1 ? 
primary 'Golden, B.L.' 2 ? 
1       'Mir, A.'      3 ? 
1       'Chen, J.'     4 ? 
1       'Robinson, K.' 5 ? 
1       'Lendy, E.'    6 ? 
1       'Goodman, J.'  7 ? 
1       'Neau, D.'     8 ? 
1       'Golden, B.L.' 9 ? 
# 
_cell.entry_id           5EAO 
_cell.length_a           79.974 
_cell.length_b           87.016 
_cell.length_c           105.370 
_cell.angle_alpha        90.00 
_cell.angle_beta         90.00 
_cell.angle_gamma        90.00 
_cell.Z_PDB              8 
_cell.pdbx_unique_axis   ? 
# 
_symmetry.entry_id                         5EAO 
_symmetry.space_group_name_H-M             'C 2 2 21' 
_symmetry.pdbx_full_space_group_name_H-M   ? 
_symmetry.cell_setting                     ? 
_symmetry.Int_Tables_number                20 
# 
loop_
_entity.id 
_entity.type 
_entity.src_method 
_entity.pdbx_description 
_entity.formula_weight 
_entity.pdbx_number_of_molecules 
_entity.pdbx_ec 
_entity.pdbx_mutation 
_entity.pdbx_fragment 
_entity.details 
1 polymer     man 'RNA (48-MER)'                                                                 15500.287 1 ? ? ? ? 
2 polymer     syn 
;RNA (5'-R(*GP*GP*GP*CP*GP*U*(CVC)*UP*GP*GP*GP*CP*AP*GP*UP*AP*CP*CP*CP*A)-3')
;
6536.834  1 ? ? ? ? 
3 non-polymer syn 'MAGNESIUM ION'                                                                24.305    8 ? ? ? ? 
# 
loop_
_entity_poly.entity_id 
_entity_poly.type 
_entity_poly.nstd_linkage 
_entity_poly.nstd_monomer 
_entity_poly.pdbx_seq_one_letter_code 
_entity_poly.pdbx_seq_one_letter_code_can 
_entity_poly.pdbx_strand_id 
_entity_poly.pdbx_target_identifier 
1 polyribonucleotide no no  GGGUACUUAAGCCCACUGAUGAGUCGCUGGGAUGCGACGAAACGCCCA GGGUACUUAAGCCCACUGAUGAGUCGCUGGGAUGCGACGAAACGCCCA A ? 
2 polyribonucleotide no yes 'GGGCGU(CVC)UGGGCAGUACCCA'                       GGGCGUXUGGGCAGUACCCA                             B ? 
# 
loop_
_entity_poly_seq.entity_id 
_entity_poly_seq.num 
_entity_poly_seq.mon_id 
_entity_poly_seq.hetero 
1 1  G   n 
1 2  G   n 
1 3  G   n 
1 4  U   n 
1 5  A   n 
1 6  C   n 
1 7  U   n 
1 8  U   n 
1 9  A   n 
1 10 A   n 
1 11 G   n 
1 12 C   n 
1 13 C   n 
1 14 C   n 
1 15 A   n 
1 16 C   n 
1 17 U   n 
1 18 G   n 
1 19 A   n 
1 20 U   n 
1 21 G   n 
1 22 A   n 
1 23 G   n 
1 24 U   n 
1 25 C   n 
1 26 G   n 
1 27 C   n 
1 28 U   n 
1 29 G   n 
1 30 G   n 
1 31 G   n 
1 32 A   n 
1 33 U   n 
1 34 G   n 
1 35 C   n 
1 36 G   n 
1 37 A   n 
1 38 C   n 
1 39 G   n 
1 40 A   n 
1 41 A   n 
1 42 A   n 
1 43 C   n 
1 44 G   n 
1 45 C   n 
1 46 C   n 
1 47 C   n 
1 48 A   n 
2 1  G   n 
2 2  G   n 
2 3  G   n 
2 4  C   n 
2 5  G   n 
2 6  U   n 
2 7  CVC n 
2 8  U   n 
2 9  G   n 
2 10 G   n 
2 11 G   n 
2 12 C   n 
2 13 A   n 
2 14 G   n 
2 15 U   n 
2 16 A   n 
2 17 C   n 
2 18 C   n 
2 19 C   n 
2 20 A   n 
# 
_entity_src_gen.entity_id                          1 
_entity_src_gen.pdbx_src_id                        1 
_entity_src_gen.pdbx_alt_source_flag               sample 
_entity_src_gen.pdbx_seq_type                      'Biological sequence' 
_entity_src_gen.pdbx_beg_seq_num                   1 
_entity_src_gen.pdbx_end_seq_num                   48 
_entity_src_gen.gene_src_common_name               ? 
_entity_src_gen.gene_src_genus                     ? 
_entity_src_gen.pdbx_gene_src_gene                 ? 
_entity_src_gen.gene_src_species                   ? 
_entity_src_gen.gene_src_strain                    ? 
_entity_src_gen.gene_src_tissue                    ? 
_entity_src_gen.gene_src_tissue_fraction           ? 
_entity_src_gen.gene_src_details                   ? 
_entity_src_gen.pdbx_gene_src_fragment             ? 
_entity_src_gen.pdbx_gene_src_scientific_name      'synthetic construct' 
_entity_src_gen.pdbx_gene_src_ncbi_taxonomy_id     32630 
_entity_src_gen.pdbx_gene_src_variant              ? 
_entity_src_gen.pdbx_gene_src_cell_line            ? 
_entity_src_gen.pdbx_gene_src_atcc                 ? 
_entity_src_gen.pdbx_gene_src_organ                ? 
_entity_src_gen.pdbx_gene_src_organelle            ? 
_entity_src_gen.pdbx_gene_src_cell                 ? 
_entity_src_gen.pdbx_gene_src_cellular_location    ? 
_entity_src_gen.host_org_common_name               ? 
_entity_src_gen.pdbx_host_org_scientific_name      'Escherichia coli' 
_entity_src_gen.pdbx_host_org_ncbi_taxonomy_id     562 
_entity_src_gen.host_org_genus                     ? 
_entity_src_gen.pdbx_host_org_gene                 ? 
_entity_src_gen.pdbx_host_org_organ                ? 
_entity_src_gen.host_org_species                   ? 
_entity_src_gen.pdbx_host_org_tissue               ? 
_entity_src_gen.pdbx_host_org_tissue_fraction      ? 
_entity_src_gen.pdbx_host_org_strain               DH5alpha 
_entity_src_gen.pdbx_host_org_variant              ? 
_entity_src_gen.pdbx_host_org_cell_line            ? 
_entity_src_gen.pdbx_host_org_atcc                 ? 
_entity_src_gen.pdbx_host_org_culture_collection   ? 
_entity_src_gen.pdbx_host_org_cell                 ? 
_entity_src_gen.pdbx_host_org_organelle            ? 
_entity_src_gen.pdbx_host_org_cellular_location    ? 
_entity_src_gen.pdbx_host_org_vector_type          plasmid 
_entity_src_gen.pdbx_host_org_vector               ? 
_entity_src_gen.host_org_details                   ? 
_entity_src_gen.expression_system_id               ? 
_entity_src_gen.plasmid_name                       pUC19 
_entity_src_gen.plasmid_details                    ? 
_entity_src_gen.pdbx_description                   ? 
# 
_pdbx_entity_src_syn.entity_id              2 
_pdbx_entity_src_syn.pdbx_src_id            1 
_pdbx_entity_src_syn.pdbx_alt_source_flag   sample 
_pdbx_entity_src_syn.pdbx_beg_seq_num       1 
_pdbx_entity_src_syn.pdbx_end_seq_num       20 
_pdbx_entity_src_syn.organism_scientific    'synthetic construct' 
_pdbx_entity_src_syn.organism_common_name   ? 
_pdbx_entity_src_syn.ncbi_taxonomy_id       32630 
_pdbx_entity_src_syn.details                ? 
# 
loop_
_struct_ref.id 
_struct_ref.db_name 
_struct_ref.db_code 
_struct_ref.pdbx_db_accession 
_struct_ref.pdbx_db_isoform 
_struct_ref.entity_id 
_struct_ref.pdbx_seq_one_letter_code 
_struct_ref.pdbx_align_begin 
1 PDB 5EAO 5EAO ? 1 ? 1 
2 PDB 5EAO 5EAO ? 2 ? 1 
# 
loop_
_struct_ref_seq.align_id 
_struct_ref_seq.ref_id 
_struct_ref_seq.pdbx_PDB_id_code 
_struct_ref_seq.pdbx_strand_id 
_struct_ref_seq.seq_align_beg 
_struct_ref_seq.pdbx_seq_align_beg_ins_code 
_struct_ref_seq.seq_align_end 
_struct_ref_seq.pdbx_seq_align_end_ins_code 
_struct_ref_seq.pdbx_db_accession 
_struct_ref_seq.db_align_beg 
_struct_ref_seq.pdbx_db_align_beg_ins_code 
_struct_ref_seq.db_align_end 
_struct_ref_seq.pdbx_db_align_end_ins_code 
_struct_ref_seq.pdbx_auth_seq_align_beg 
_struct_ref_seq.pdbx_auth_seq_align_end 
1 1 5EAO A 1 ? 48 ? 5EAO 1 ? 48 ? 1 48 
2 2 5EAO B 1 ? 20 ? 5EAO 1 ? 20 ? 1 20 
# 
loop_
_chem_comp.id 
_chem_comp.type 
_chem_comp.mon_nstd_flag 
_chem_comp.name 
_chem_comp.pdbx_synonyms 
_chem_comp.formula 
_chem_comp.formula_weight 
A   'RNA linking' y "ADENOSINE-5'-MONOPHOSPHATE" ? 'C10 H14 N5 O7 P'   347.221 
C   'RNA linking' y "CYTIDINE-5'-MONOPHOSPHATE" ? 'C9 H14 N3 O8 P'    323.197 
CVC 'RNA linking' . 
;[(1~{R},5~{R},6~{R},8~{R})-6-(4-azanyl-2-oxidanylidene-pyrimidin-1-yl)-3,3-bis(oxidanyl)-2,4,7-trioxa-3$l^{4}-vanadabicyclo[3.3.0]octan-8-yl]methyl dihydrogen phosphate
;
? 'C9 H14 N3 O10 P V' 406.137 
G   'RNA linking' y "GUANOSINE-5'-MONOPHOSPHATE" ? 'C10 H14 N5 O8 P'   363.221 
MG  non-polymer   . 'MAGNESIUM ION' ? 'Mg 2'              24.305  
U   'RNA linking' y "URIDINE-5'-MONOPHOSPHATE" ? 'C9 H13 N2 O9 P'    324.181 
# 
_exptl.absorpt_coefficient_mu     ? 
_exptl.absorpt_correction_T_max   ? 
_exptl.absorpt_correction_T_min   ? 
_exptl.absorpt_correction_type    ? 
_exptl.absorpt_process_details    ? 
_exptl.entry_id                   5EAO 
_exptl.crystals_number            ? 
_exptl.details                    ? 
_exptl.method                     'X-RAY DIFFRACTION' 
_exptl.method_details             ? 
# 
_exptl_crystal.colour                      ? 
_exptl_crystal.density_diffrn              ? 
_exptl_crystal.density_Matthews            4.16 
_exptl_crystal.density_method              ? 
_exptl_crystal.density_percent_sol         70.43 
_exptl_crystal.description                 ? 
_exptl_crystal.F_000                       ? 
_exptl_crystal.id                          1 
_exptl_crystal.preparation                 ? 
_exptl_crystal.size_max                    ? 
_exptl_crystal.size_mid                    ? 
_exptl_crystal.size_min                    ? 
_exptl_crystal.size_rad                    ? 
_exptl_crystal.colour_lustre               ? 
_exptl_crystal.colour_modifier             ? 
_exptl_crystal.colour_primary              ? 
_exptl_crystal.density_meas                ? 
_exptl_crystal.density_meas_esd            ? 
_exptl_crystal.density_meas_gt             ? 
_exptl_crystal.density_meas_lt             ? 
_exptl_crystal.density_meas_temp           ? 
_exptl_crystal.density_meas_temp_esd       ? 
_exptl_crystal.density_meas_temp_gt        ? 
_exptl_crystal.density_meas_temp_lt        ? 
_exptl_crystal.pdbx_crystal_image_url      ? 
_exptl_crystal.pdbx_crystal_image_format   ? 
_exptl_crystal.pdbx_mosaicity              ? 
_exptl_crystal.pdbx_mosaicity_esd          ? 
# 
_exptl_crystal_grow.apparatus       ? 
_exptl_crystal_grow.atmosphere      ? 
_exptl_crystal_grow.crystal_id      1 
_exptl_crystal_grow.details         ? 
_exptl_crystal_grow.method          'VAPOR DIFFUSION, HANGING DROP' 
_exptl_crystal_grow.method_ref      ? 
_exptl_crystal_grow.pH              8.2 
_exptl_crystal_grow.pressure        ? 
_exptl_crystal_grow.pressure_esd    ? 
_exptl_crystal_grow.seeding         ? 
_exptl_crystal_grow.seeding_ref     ? 
_exptl_crystal_grow.temp            273 
_exptl_crystal_grow.temp_details    ? 
_exptl_crystal_grow.temp_esd        ? 
_exptl_crystal_grow.time            ? 
_exptl_crystal_grow.pdbx_details    '50 mM Tris pH 8.2, 10 mM MgCl2, 2 mM NH4VO3, 32% MPD, 0.9 M KCl, 0.5 mM spermine' 
_exptl_crystal_grow.pdbx_pH_range   ? 
# 
_diffrn.ambient_environment    ? 
_diffrn.ambient_temp           100 
_diffrn.ambient_temp_details   ? 
_diffrn.ambient_temp_esd       ? 
_diffrn.crystal_id             1 
_diffrn.crystal_support        ? 
_diffrn.crystal_treatment      ? 
_diffrn.details                ? 
_diffrn.id                     1 
_diffrn.ambient_pressure       ? 
_diffrn.ambient_pressure_esd   ? 
_diffrn.ambient_pressure_gt    ? 
_diffrn.ambient_pressure_lt    ? 
_diffrn.ambient_temp_gt        ? 
_diffrn.ambient_temp_lt        ? 
# 
_diffrn_detector.details                      ? 
_diffrn_detector.detector                     CCD 
_diffrn_detector.diffrn_id                    1 
_diffrn_detector.type                         'MARMOSAIC 225 mm CCD' 
_diffrn_detector.area_resol_mean              ? 
_diffrn_detector.dtime                        ? 
_diffrn_detector.pdbx_frames_total            ? 
_diffrn_detector.pdbx_collection_time_total   ? 
_diffrn_detector.pdbx_collection_date         2014-11-17 
# 
_diffrn_radiation.collimation                      ? 
_diffrn_radiation.diffrn_id                        1 
_diffrn_radiation.filter_edge                      ? 
_diffrn_radiation.inhomogeneity                    ? 
_diffrn_radiation.monochromator                    ? 
_diffrn_radiation.polarisn_norm                    ? 
_diffrn_radiation.polarisn_ratio                   ? 
_diffrn_radiation.probe                            ? 
_diffrn_radiation.type                             ? 
_diffrn_radiation.xray_symbol                      ? 
_diffrn_radiation.wavelength_id                    1 
_diffrn_radiation.pdbx_monochromatic_or_laue_m_l   M 
_diffrn_radiation.pdbx_wavelength_list             ? 
_diffrn_radiation.pdbx_wavelength                  ? 
_diffrn_radiation.pdbx_diffrn_protocol             'SINGLE WAVELENGTH' 
_diffrn_radiation.pdbx_analyzer                    ? 
_diffrn_radiation.pdbx_scattering_type             x-ray 
# 
_diffrn_radiation_wavelength.id           1 
_diffrn_radiation_wavelength.wavelength   0.979 
_diffrn_radiation_wavelength.wt           1.0 
# 
_diffrn_source.current                     ? 
_diffrn_source.details                     ? 
_diffrn_source.diffrn_id                   1 
_diffrn_source.power                       ? 
_diffrn_source.size                        ? 
_diffrn_source.source                      SYNCHROTRON 
_diffrn_source.target                      ? 
_diffrn_source.type                        'APS BEAMLINE 21-ID-F' 
_diffrn_source.voltage                     ? 
_diffrn_source.take-off_angle              ? 
_diffrn_source.pdbx_wavelength_list        0.979 
_diffrn_source.pdbx_wavelength             ? 
_diffrn_source.pdbx_synchrotron_beamline   21-ID-F 
_diffrn_source.pdbx_synchrotron_site       APS 
# 
_reflns.B_iso_Wilson_estimate            ? 
_reflns.entry_id                         5EAO 
_reflns.data_reduction_details           ? 
_reflns.data_reduction_method            ? 
_reflns.d_resolution_high                2.9876 
_reflns.d_resolution_low                 50 
_reflns.details                          ? 
_reflns.limit_h_max                      ? 
_reflns.limit_h_min                      ? 
_reflns.limit_k_max                      ? 
_reflns.limit_k_min                      ? 
_reflns.limit_l_max                      ? 
_reflns.limit_l_min                      ? 
_reflns.number_all                       14333 
_reflns.number_obs                       14333 
_reflns.observed_criterion               ? 
_reflns.observed_criterion_F_max         ? 
_reflns.observed_criterion_F_min         ? 
_reflns.observed_criterion_I_max         ? 
_reflns.observed_criterion_I_min         ? 
_reflns.observed_criterion_sigma_F       ? 
_reflns.observed_criterion_sigma_I       ? 
_reflns.percent_possible_obs             94.7 
_reflns.R_free_details                   ? 
_reflns.Rmerge_F_all                     ? 
_reflns.Rmerge_F_obs                     ? 
_reflns.Friedel_coverage                 ? 
_reflns.number_gt                        ? 
_reflns.threshold_expression             ? 
_reflns.pdbx_redundancy                  12.5 
_reflns.pdbx_Rmerge_I_obs                0.142 
_reflns.pdbx_Rmerge_I_all                ? 
_reflns.pdbx_Rsym_value                  ? 
_reflns.pdbx_netI_over_av_sigmaI         ? 
_reflns.pdbx_netI_over_sigmaI            51.6 
_reflns.pdbx_res_netI_over_av_sigmaI_2   ? 
_reflns.pdbx_res_netI_over_sigmaI_2      ? 
_reflns.pdbx_chi_squared                 ? 
_reflns.pdbx_scaling_rejects             ? 
_reflns.pdbx_d_res_high_opt              ? 
_reflns.pdbx_d_res_low_opt               ? 
_reflns.pdbx_d_res_opt_method            ? 
_reflns.phase_calculation_details        ? 
_reflns.pdbx_Rrim_I_all                  ? 
_reflns.pdbx_Rpim_I_all                  ? 
_reflns.pdbx_d_opt                       ? 
_reflns.pdbx_number_measured_all         ? 
_reflns.pdbx_diffrn_id                   1 
_reflns.pdbx_ordinal                     1 
_reflns.pdbx_CC_half                     ? 
_reflns.pdbx_R_split                     ? 
# 
_reflns_shell.d_res_high                  2.9876 
_reflns_shell.d_res_low                   3.05 
_reflns_shell.meanI_over_sigI_all         ? 
_reflns_shell.meanI_over_sigI_obs         5.7 
_reflns_shell.number_measured_all         ? 
_reflns_shell.number_measured_obs         ? 
_reflns_shell.number_possible             ? 
_reflns_shell.number_unique_all           ? 
_reflns_shell.number_unique_obs           ? 
_reflns_shell.percent_possible_all        97.8 
_reflns_shell.percent_possible_obs        ? 
_reflns_shell.Rmerge_F_all                ? 
_reflns_shell.Rmerge_F_obs                ? 
_reflns_shell.Rmerge_I_all                ? 
_reflns_shell.Rmerge_I_obs                0.555 
_reflns_shell.meanI_over_sigI_gt          ? 
_reflns_shell.meanI_over_uI_all           ? 
_reflns_shell.meanI_over_uI_gt            ? 
_reflns_shell.number_measured_gt          ? 
_reflns_shell.number_unique_gt            ? 
_reflns_shell.percent_possible_gt         ? 
_reflns_shell.Rmerge_F_gt                 ? 
_reflns_shell.Rmerge_I_gt                 ? 
_reflns_shell.pdbx_redundancy             12.6 
_reflns_shell.pdbx_Rsym_value             ? 
_reflns_shell.pdbx_chi_squared            ? 
_reflns_shell.pdbx_netI_over_sigmaI_all   ? 
_reflns_shell.pdbx_netI_over_sigmaI_obs   ? 
_reflns_shell.pdbx_Rrim_I_all             ? 
_reflns_shell.pdbx_Rpim_I_all             ? 
_reflns_shell.pdbx_rejects                ? 
_reflns_shell.pdbx_ordinal                1 
_reflns_shell.pdbx_diffrn_id              1 
_reflns_shell.pdbx_CC_half                ? 
_reflns_shell.pdbx_R_split                ? 
# 
_refine.pdbx_refine_id                           'X-RAY DIFFRACTION' 
_refine.entry_id                                 5EAO 
_refine.pdbx_diffrn_id                           1 
_refine.pdbx_TLS_residual_ADP_flag               ? 
_refine.ls_number_reflns_obs                     14229 
_refine.ls_number_reflns_all                     ? 
_refine.pdbx_ls_sigma_I                          ? 
_refine.pdbx_ls_sigma_F                          1.35 
_refine.pdbx_data_cutoff_high_absF               ? 
_refine.pdbx_data_cutoff_low_absF                ? 
_refine.pdbx_data_cutoff_high_rms_absF           ? 
_refine.ls_d_res_low                             28.355 
_refine.ls_d_res_high                            2.988 
_refine.ls_percent_reflns_obs                    98.92 
_refine.ls_R_factor_obs                          0.2323 
_refine.ls_R_factor_all                          ? 
_refine.ls_R_factor_R_work                       0.2281 
_refine.ls_R_factor_R_free                       0.2698 
_refine.ls_R_factor_R_free_error                 ? 
_refine.ls_R_factor_R_free_error_details         ? 
_refine.ls_percent_reflns_R_free                 9.87 
_refine.ls_number_reflns_R_free                  1405 
_refine.ls_number_parameters                     ? 
_refine.ls_number_restraints                     ? 
_refine.occupancy_min                            ? 
_refine.occupancy_max                            ? 
_refine.correlation_coeff_Fo_to_Fc               ? 
_refine.correlation_coeff_Fo_to_Fc_free          ? 
_refine.B_iso_mean                               ? 
_refine.aniso_B[1][1]                            ? 
_refine.aniso_B[2][2]                            ? 
_refine.aniso_B[3][3]                            ? 
_refine.aniso_B[1][2]                            ? 
_refine.aniso_B[1][3]                            ? 
_refine.aniso_B[2][3]                            ? 
_refine.solvent_model_details                    'FLAT BULK SOLVENT MODEL' 
_refine.solvent_model_param_ksol                 ? 
_refine.solvent_model_param_bsol                 ? 
_refine.pdbx_solvent_vdw_probe_radii             1.11 
_refine.pdbx_solvent_ion_probe_radii             ? 
_refine.pdbx_solvent_shrinkage_radii             0.90 
_refine.pdbx_ls_cross_valid_method               'FREE R-VALUE' 
_refine.details                                  ? 
_refine.pdbx_starting_model                      5DI2 
_refine.pdbx_method_to_determine_struct          'MOLECULAR REPLACEMENT' 
_refine.pdbx_isotropic_thermal_model             ? 
_refine.pdbx_stereochemistry_target_values       ML 
_refine.pdbx_stereochem_target_val_spec_case     ? 
_refine.pdbx_R_Free_selection_details            ? 
_refine.pdbx_overall_ESU_R                       ? 
_refine.pdbx_overall_ESU_R_Free                  ? 
_refine.overall_SU_ML                            0.34 
_refine.pdbx_overall_phase_error                 28.43 
_refine.overall_SU_B                             ? 
_refine.overall_SU_R_Cruickshank_DPI             ? 
_refine.pdbx_overall_SU_R_free_Cruickshank_DPI   ? 
_refine.pdbx_overall_SU_R_Blow_DPI               ? 
_refine.pdbx_overall_SU_R_free_Blow_DPI          ? 
# 
_refine_hist.pdbx_refine_id                   'X-RAY DIFFRACTION' 
_refine_hist.cycle_id                         LAST 
_refine_hist.pdbx_number_atoms_protein        0 
_refine_hist.pdbx_number_atoms_nucleic_acid   1456 
_refine_hist.pdbx_number_atoms_ligand         8 
_refine_hist.number_atoms_solvent             0 
_refine_hist.number_atoms_total               1464 
_refine_hist.d_res_high                       2.988 
_refine_hist.d_res_low                        28.355 
# 
loop_
_refine_ls_restr.type 
_refine_ls_restr.dev_ideal 
_refine_ls_restr.dev_ideal_target 
_refine_ls_restr.weight 
_refine_ls_restr.number 
_refine_ls_restr.pdbx_refine_id 
_refine_ls_restr.pdbx_restraint_function 
f_bond_d           0.004  ? ? 1628 'X-RAY DIFFRACTION' ? 
f_angle_d          0.993  ? ? 2533 'X-RAY DIFFRACTION' ? 
f_dihedral_angle_d 12.069 ? ? 795  'X-RAY DIFFRACTION' ? 
f_chiral_restr     0.062  ? ? 337  'X-RAY DIFFRACTION' ? 
f_plane_restr      0.008  ? ? 68   'X-RAY DIFFRACTION' ? 
# 
loop_
_refine_ls_shell.pdbx_refine_id 
_refine_ls_shell.pdbx_total_number_of_bins_used 
_refine_ls_shell.d_res_high 
_refine_ls_shell.d_res_low 
_refine_ls_shell.number_reflns_R_work 
_refine_ls_shell.R_factor_R_work 
_refine_ls_shell.percent_reflns_obs 
_refine_ls_shell.R_factor_R_free 
_refine_ls_shell.R_factor_R_free_error 
_refine_ls_shell.percent_reflns_R_free 
_refine_ls_shell.number_reflns_R_free 
_refine_ls_shell.number_reflns_all 
_refine_ls_shell.R_factor_all 
'X-RAY DIFFRACTION' . 2.9876 3.0942  1226 0.3081 94.00  0.3562 . . 130 . . 
'X-RAY DIFFRACTION' . 3.0942 3.2180  1251 0.2386 98.00  0.3223 . . 134 . . 
'X-RAY DIFFRACTION' . 3.2180 3.3642  1284 0.2491 100.00 0.2915 . . 162 . . 
'X-RAY DIFFRACTION' . 3.3642 3.5412  1276 0.2302 99.00  0.3022 . . 133 . . 
'X-RAY DIFFRACTION' . 3.5412 3.7626  1306 0.2321 100.00 0.2296 . . 145 . . 
'X-RAY DIFFRACTION' . 3.7626 4.0524  1282 0.2142 100.00 0.2542 . . 140 . . 
'X-RAY DIFFRACTION' . 4.0524 4.4588  1304 0.2127 100.00 0.2579 . . 131 . . 
'X-RAY DIFFRACTION' . 4.4588 5.1007  1304 0.2008 100.00 0.2596 . . 144 . . 
'X-RAY DIFFRACTION' . 5.1007 6.4141  1289 0.2062 100.00 0.2646 . . 145 . . 
'X-RAY DIFFRACTION' . 6.4141 28.3565 1302 0.2441 100.00 0.2539 . . 141 . . 
# 
_struct.entry_id                     5EAO 
_struct.title                        
'Two active site divalent ion in the crystal structure of the hammerhead ribozyme bound to a transition state analog-Mg2+' 
_struct.pdbx_model_details           ? 
_struct.pdbx_formula_weight          ? 
_struct.pdbx_formula_weight_method   ? 
_struct.pdbx_model_type_details      ? 
_struct.pdbx_CASP_flag               ? 
# 
_struct_keywords.entry_id        5EAO 
_struct_keywords.text            'ribozyme, hammerhead, RNA' 
_struct_keywords.pdbx_keywords   RNA 
# 
loop_
_struct_asym.id 
_struct_asym.pdbx_blank_PDB_chainid_flag 
_struct_asym.pdbx_modified 
_struct_asym.entity_id 
_struct_asym.details 
A N N 1 ? 
B N N 2 ? 
C N N 3 ? 
D N N 3 ? 
E N N 3 ? 
F N N 3 ? 
G N N 3 ? 
H N N 3 ? 
I N N 3 ? 
J N N 3 ? 
# 
loop_
_struct_conn.id 
_struct_conn.conn_type_id 
_struct_conn.pdbx_leaving_atom_flag 
_struct_conn.pdbx_PDB_id 
_struct_conn.ptnr1_label_asym_id 
_struct_conn.ptnr1_label_comp_id 
_struct_conn.ptnr1_label_seq_id 
_struct_conn.ptnr1_label_atom_id 
_struct_conn.pdbx_ptnr1_label_alt_id 
_struct_conn.pdbx_ptnr1_PDB_ins_code 
_struct_conn.pdbx_ptnr1_standard_comp_id 
_struct_conn.ptnr1_symmetry 
_struct_conn.ptnr2_label_asym_id 
_struct_conn.ptnr2_label_comp_id 
_struct_conn.ptnr2_label_seq_id 
_struct_conn.ptnr2_label_atom_id 
_struct_conn.pdbx_ptnr2_label_alt_id 
_struct_conn.pdbx_ptnr2_PDB_ins_code 
_struct_conn.ptnr1_auth_asym_id 
_struct_conn.ptnr1_auth_comp_id 
_struct_conn.ptnr1_auth_seq_id 
_struct_conn.ptnr2_auth_asym_id 
_struct_conn.ptnr2_auth_comp_id 
_struct_conn.ptnr2_auth_seq_id 
_struct_conn.ptnr2_symmetry 
_struct_conn.pdbx_ptnr3_label_atom_id 
_struct_conn.pdbx_ptnr3_label_seq_id 
_struct_conn.pdbx_ptnr3_label_comp_id 
_struct_conn.pdbx_ptnr3_label_asym_id 
_struct_conn.pdbx_ptnr3_label_alt_id 
_struct_conn.pdbx_ptnr3_PDB_ins_code 
_struct_conn.details 
_struct_conn.pdbx_dist_value 
_struct_conn.pdbx_value_order 
_struct_conn.pdbx_role 
covale1  covale none ? B U   6  "C3'" ? ? ? 1_555 B CVC 7  OP2   ? ? B U   6  B CVC 7   1_555 ? ? ? ? ? ? ?                    
1.435 ? ? 
metalc1  metalc ?    ? A A   22 OP2   ? ? ? 1_555 C MG  .  MG    ? ? A A   22 A MG  101 1_555 ? ? ? ? ? ? ?                    
2.225 ? ? 
metalc2  metalc ?    ? A G   39 O6    ? ? ? 1_555 G MG  .  MG    ? ? A G   39 A MG  105 1_555 ? ? ? ? ? ? ?                    
2.681 ? ? 
metalc3  metalc ?    ? A A   41 OP2   ? ? ? 1_555 D MG  .  MG    ? ? A A   41 A MG  102 1_555 ? ? ? ? ? ? ?                    
2.360 ? ? 
metalc4  metalc ?    ? B CVC 7  V     ? ? ? 1_555 B U   8  "O5'" ? ? B CVC 7  B U   8   1_555 ? ? ? ? ? ? ?                    
2.037 ? ? 
metalc5  metalc ?    ? B A   13 "O2'" ? ? ? 1_555 H MG  .  MG    ? ? B A   13 B MG  101 1_555 ? ? ? ? ? ? ?                    
2.923 ? ? 
metalc6  metalc ?    ? B A   13 "O2'" ? ? ? 1_555 H MG  .  MG    ? ? B A   13 B MG  101 3_855 ? ? ? ? ? ? ?                    
2.922 ? ? 
metalc7  metalc ?    ? B G   14 OP2   ? ? ? 1_555 H MG  .  MG    ? ? B G   14 B MG  101 1_555 ? ? ? ? ? ? ?                    
2.614 ? ? 
metalc8  metalc ?    ? B G   14 OP2   ? ? ? 1_555 H MG  .  MG    ? ? B G   14 B MG  101 3_855 ? ? ? ? ? ? ?                    
2.613 ? ? 
hydrog1  hydrog ?    ? A U   7  N3    ? ? ? 1_555 B A   13 N7    ? ? A U   7  B A   13  1_555 ? ? ? ? ? ? 'REVERSED HOOGSTEEN' ? ? 
? 
hydrog2  hydrog ?    ? A U   7  O2    ? ? ? 1_555 B A   13 N6    ? ? A U   7  B A   13  1_555 ? ? ? ? ? ? 'REVERSED HOOGSTEEN' ? ? 
? 
hydrog3  hydrog ?    ? A A   10 N1    ? ? ? 1_555 A G   29 N2    ? ? A A   10 A G   29  1_555 ? ? ? ? ? ? TYPE_10_PAIR         ? ? 
? 
hydrog4  hydrog ?    ? A A   10 N6    ? ? ? 1_555 A G   29 N3    ? ? A A   10 A G   29  1_555 ? ? ? ? ? ? TYPE_10_PAIR         ? ? 
? 
hydrog5  hydrog ?    ? A G   11 N1    ? ? ? 1_555 B C   12 N3    ? ? A G   11 B C   12  1_555 ? ? ? ? ? ? WATSON-CRICK         ? ? 
? 
hydrog6  hydrog ?    ? A G   11 N2    ? ? ? 1_555 B C   12 O2    ? ? A G   11 B C   12  1_555 ? ? ? ? ? ? WATSON-CRICK         ? ? 
? 
hydrog7  hydrog ?    ? A G   11 O6    ? ? ? 1_555 B C   12 N4    ? ? A G   11 B C   12  1_555 ? ? ? ? ? ? WATSON-CRICK         ? ? 
? 
hydrog8  hydrog ?    ? A C   12 N3    ? ? ? 1_555 B G   11 N1    ? ? A C   12 B G   11  1_555 ? ? ? ? ? ? WATSON-CRICK         ? ? 
? 
hydrog9  hydrog ?    ? A C   12 N4    ? ? ? 1_555 B G   11 O6    ? ? A C   12 B G   11  1_555 ? ? ? ? ? ? WATSON-CRICK         ? ? 
? 
hydrog10 hydrog ?    ? A C   12 O2    ? ? ? 1_555 B G   11 N2    ? ? A C   12 B G   11  1_555 ? ? ? ? ? ? WATSON-CRICK         ? ? 
? 
hydrog11 hydrog ?    ? A C   13 N3    ? ? ? 1_555 B G   10 N1    ? ? A C   13 B G   10  1_555 ? ? ? ? ? ? WATSON-CRICK         ? ? 
? 
hydrog12 hydrog ?    ? A C   13 N4    ? ? ? 1_555 B G   10 O6    ? ? A C   13 B G   10  1_555 ? ? ? ? ? ? WATSON-CRICK         ? ? 
? 
hydrog13 hydrog ?    ? A C   13 O2    ? ? ? 1_555 B G   10 N2    ? ? A C   13 B G   10  1_555 ? ? ? ? ? ? WATSON-CRICK         ? ? 
? 
hydrog14 hydrog ?    ? A C   14 N3    ? ? ? 1_555 B G   9  N1    ? ? A C   14 B G   9   1_555 ? ? ? ? ? ? WATSON-CRICK         ? ? 
? 
hydrog15 hydrog ?    ? A C   14 N4    ? ? ? 1_555 B G   9  O6    ? ? A C   14 B G   9   1_555 ? ? ? ? ? ? WATSON-CRICK         ? ? 
? 
hydrog16 hydrog ?    ? A C   14 O2    ? ? ? 1_555 B G   9  N2    ? ? A C   14 B G   9   1_555 ? ? ? ? ? ? WATSON-CRICK         ? ? 
? 
hydrog17 hydrog ?    ? A A   15 N1    ? ? ? 1_555 B U   8  N3    ? ? A A   15 B U   8   1_555 ? ? ? ? ? ? WATSON-CRICK         ? ? 
? 
hydrog18 hydrog ?    ? A A   15 N6    ? ? ? 1_555 B U   8  O4    ? ? A A   15 B U   8   1_555 ? ? ? ? ? ? WATSON-CRICK         ? ? 
? 
hydrog19 hydrog ?    ? A C   16 N3    ? ? ? 1_555 A G   21 N1    ? ? A C   16 A G   21  1_555 ? ? ? ? ? ? WATSON-CRICK         ? ? 
? 
hydrog20 hydrog ?    ? A C   16 N4    ? ? ? 1_555 A G   21 O6    ? ? A C   16 A G   21  1_555 ? ? ? ? ? ? WATSON-CRICK         ? ? 
? 
hydrog21 hydrog ?    ? A C   16 O2    ? ? ? 1_555 A G   21 N2    ? ? A C   16 A G   21  1_555 ? ? ? ? ? ? WATSON-CRICK         ? ? 
? 
hydrog22 hydrog ?    ? A G   18 N2    ? ? ? 1_555 A A   41 N1    ? ? A G   18 A A   41  1_555 ? ? ? ? ? ? 'G-A MISPAIR'        ? ? 
? 
hydrog23 hydrog ?    ? A A   22 N6    ? ? ? 1_555 A C   38 O2    ? ? A A   22 A C   38  1_555 ? ? ? ? ? ? 'A-C MISPAIR'        ? ? 
? 
hydrog24 hydrog ?    ? A A   22 N6    ? ? ? 1_555 A G   39 N3    ? ? A A   22 A G   39  1_555 ? ? ? ? ? ? TYPE_11_PAIR         ? ? 
? 
hydrog25 hydrog ?    ? A A   22 N7    ? ? ? 1_555 A G   39 N2    ? ? A A   22 A G   39  1_555 ? ? ? ? ? ? TYPE_11_PAIR         ? ? 
? 
hydrog26 hydrog ?    ? A G   23 N1    ? ? ? 1_555 A C   38 N3    ? ? A G   23 A C   38  1_555 ? ? ? ? ? ? WATSON-CRICK         ? ? 
? 
hydrog27 hydrog ?    ? A G   23 N2    ? ? ? 1_555 A C   38 O2    ? ? A G   23 A C   38  1_555 ? ? ? ? ? ? WATSON-CRICK         ? ? 
? 
hydrog28 hydrog ?    ? A G   23 O6    ? ? ? 1_555 A C   38 N4    ? ? A G   23 A C   38  1_555 ? ? ? ? ? ? WATSON-CRICK         ? ? 
? 
hydrog29 hydrog ?    ? A U   24 N3    ? ? ? 1_555 A A   37 N1    ? ? A U   24 A A   37  1_555 ? ? ? ? ? ? WATSON-CRICK         ? ? 
? 
hydrog30 hydrog ?    ? A U   24 O4    ? ? ? 1_555 A A   37 N6    ? ? A U   24 A A   37  1_555 ? ? ? ? ? ? WATSON-CRICK         ? ? 
? 
hydrog31 hydrog ?    ? A C   25 N3    ? ? ? 1_555 A G   36 N1    ? ? A C   25 A G   36  1_555 ? ? ? ? ? ? WATSON-CRICK         ? ? 
? 
hydrog32 hydrog ?    ? A C   25 N4    ? ? ? 1_555 A G   36 O6    ? ? A C   25 A G   36  1_555 ? ? ? ? ? ? WATSON-CRICK         ? ? 
? 
hydrog33 hydrog ?    ? A C   25 O2    ? ? ? 1_555 A G   36 N2    ? ? A C   25 A G   36  1_555 ? ? ? ? ? ? WATSON-CRICK         ? ? 
? 
hydrog34 hydrog ?    ? A G   26 N1    ? ? ? 1_555 A C   35 N3    ? ? A G   26 A C   35  1_555 ? ? ? ? ? ? WATSON-CRICK         ? ? 
? 
hydrog35 hydrog ?    ? A G   26 N2    ? ? ? 1_555 A C   35 O2    ? ? A G   26 A C   35  1_555 ? ? ? ? ? ? WATSON-CRICK         ? ? 
? 
hydrog36 hydrog ?    ? A G   26 O6    ? ? ? 1_555 A C   35 N4    ? ? A G   26 A C   35  1_555 ? ? ? ? ? ? WATSON-CRICK         ? ? 
? 
hydrog37 hydrog ?    ? A C   27 N3    ? ? ? 1_555 A G   34 N1    ? ? A C   27 A G   34  1_555 ? ? ? ? ? ? WATSON-CRICK         ? ? 
? 
hydrog38 hydrog ?    ? A C   27 N4    ? ? ? 1_555 A G   34 O6    ? ? A C   27 A G   34  1_555 ? ? ? ? ? ? WATSON-CRICK         ? ? 
? 
hydrog39 hydrog ?    ? A C   27 O2    ? ? ? 1_555 A G   34 N2    ? ? A C   27 A G   34  1_555 ? ? ? ? ? ? WATSON-CRICK         ? ? 
? 
hydrog40 hydrog ?    ? A U   28 N3    ? ? ? 1_555 A A   32 N7    ? ? A U   28 A A   32  1_555 ? ? ? ? ? ? 'REVERSED HOOGSTEEN' ? ? 
? 
hydrog41 hydrog ?    ? A U   28 O2    ? ? ? 1_555 A A   32 N6    ? ? A U   28 A A   32  1_555 ? ? ? ? ? ? 'REVERSED HOOGSTEEN' ? ? 
? 
hydrog42 hydrog ?    ? A A   42 N1    ? ? ? 1_555 B U   6  N3    ? ? A A   42 B U   6   1_555 ? ? ? ? ? ? WATSON-CRICK         ? ? 
? 
hydrog43 hydrog ?    ? A A   42 N6    ? ? ? 1_555 B U   6  O4    ? ? A A   42 B U   6   1_555 ? ? ? ? ? ? WATSON-CRICK         ? ? 
? 
hydrog44 hydrog ?    ? A C   43 N3    ? ? ? 1_555 B G   5  N1    ? ? A C   43 B G   5   1_555 ? ? ? ? ? ? WATSON-CRICK         ? ? 
? 
hydrog45 hydrog ?    ? A C   43 N4    ? ? ? 1_555 B G   5  O6    ? ? A C   43 B G   5   1_555 ? ? ? ? ? ? WATSON-CRICK         ? ? 
? 
hydrog46 hydrog ?    ? A C   43 O2    ? ? ? 1_555 B G   5  N2    ? ? A C   43 B G   5   1_555 ? ? ? ? ? ? WATSON-CRICK         ? ? 
? 
hydrog47 hydrog ?    ? A G   44 N1    ? ? ? 1_555 B C   4  N3    ? ? A G   44 B C   4   1_555 ? ? ? ? ? ? WATSON-CRICK         ? ? 
? 
hydrog48 hydrog ?    ? A G   44 N2    ? ? ? 1_555 B C   4  O2    ? ? A G   44 B C   4   1_555 ? ? ? ? ? ? WATSON-CRICK         ? ? 
? 
hydrog49 hydrog ?    ? A G   44 O6    ? ? ? 1_555 B C   4  N4    ? ? A G   44 B C   4   1_555 ? ? ? ? ? ? WATSON-CRICK         ? ? 
? 
hydrog50 hydrog ?    ? A C   45 N3    ? ? ? 1_555 B G   3  N1    ? ? A C   45 B G   3   1_555 ? ? ? ? ? ? WATSON-CRICK         ? ? 
? 
hydrog51 hydrog ?    ? A C   45 N4    ? ? ? 1_555 B G   3  O6    ? ? A C   45 B G   3   1_555 ? ? ? ? ? ? WATSON-CRICK         ? ? 
? 
hydrog52 hydrog ?    ? A C   45 O2    ? ? ? 1_555 B G   3  N2    ? ? A C   45 B G   3   1_555 ? ? ? ? ? ? WATSON-CRICK         ? ? 
? 
hydrog53 hydrog ?    ? A C   46 N3    ? ? ? 1_555 B G   2  N1    ? ? A C   46 B G   2   1_555 ? ? ? ? ? ? WATSON-CRICK         ? ? 
? 
hydrog54 hydrog ?    ? A C   46 N4    ? ? ? 1_555 B G   2  O6    ? ? A C   46 B G   2   1_555 ? ? ? ? ? ? WATSON-CRICK         ? ? 
? 
hydrog55 hydrog ?    ? A C   46 O2    ? ? ? 1_555 B G   2  N2    ? ? A C   46 B G   2   1_555 ? ? ? ? ? ? WATSON-CRICK         ? ? 
? 
hydrog56 hydrog ?    ? A C   47 N3    ? ? ? 1_555 B G   1  N1    ? ? A C   47 B G   1   1_555 ? ? ? ? ? ? WATSON-CRICK         ? ? 
? 
hydrog57 hydrog ?    ? A C   47 N4    ? ? ? 1_555 B G   1  O6    ? ? A C   47 B G   1   1_555 ? ? ? ? ? ? WATSON-CRICK         ? ? 
? 
hydrog58 hydrog ?    ? A C   47 O2    ? ? ? 1_555 B G   1  N2    ? ? A C   47 B G   1   1_555 ? ? ? ? ? ? WATSON-CRICK         ? ? 
? 
# 
loop_
_struct_conn_type.id 
_struct_conn_type.criteria 
_struct_conn_type.reference 
covale ? ? 
metalc ? ? 
hydrog ? ? 
# 
loop_
_struct_site.id 
_struct_site.pdbx_evidence_code 
_struct_site.pdbx_auth_asym_id 
_struct_site.pdbx_auth_comp_id 
_struct_site.pdbx_auth_seq_id 
_struct_site.pdbx_auth_ins_code 
_struct_site.pdbx_num_residues 
_struct_site.details 
AC1 Software A MG 101 ? 2 'binding site for residue MG A 101' 
AC2 Software A MG 102 ? 1 'binding site for residue MG A 102' 
AC3 Software A MG 103 ? 3 'binding site for residue MG A 103' 
AC4 Software A MG 104 ? 2 'binding site for residue MG A 104' 
AC5 Software A MG 105 ? 2 'binding site for residue MG A 105' 
AC6 Software B MG 101 ? 2 'binding site for residue MG B 101' 
AC7 Software B MG 102 ? 1 'binding site for residue MG B 102' 
AC8 Software B MG 103 ? 1 'binding site for residue MG B 103' 
# 
loop_
_struct_site_gen.id 
_struct_site_gen.site_id 
_struct_site_gen.pdbx_num_res 
_struct_site_gen.label_comp_id 
_struct_site_gen.label_asym_id 
_struct_site_gen.label_seq_id 
_struct_site_gen.pdbx_auth_ins_code 
_struct_site_gen.auth_comp_id 
_struct_site_gen.auth_asym_id 
_struct_site_gen.auth_seq_id 
_struct_site_gen.label_atom_id 
_struct_site_gen.label_alt_id 
_struct_site_gen.symmetry 
_struct_site_gen.details 
1  AC1 2 A   A 22 ? A   A 22  . ? 1_555 ? 
2  AC1 2 G   A 23 ? G   A 23  . ? 1_555 ? 
3  AC2 1 A   A 41 ? A   A 41  . ? 1_555 ? 
4  AC3 3 G   A 29 ? G   A 29  . ? 1_555 ? 
5  AC3 3 G   A 30 ? G   A 30  . ? 1_555 ? 
6  AC3 3 MG  I .  ? MG  B 102 . ? 5_455 ? 
7  AC4 2 U   A 17 ? U   A 17  . ? 1_555 ? 
8  AC4 2 U   A 20 ? U   A 20  . ? 1_555 ? 
9  AC5 2 G   A 39 ? G   A 39  . ? 1_555 ? 
10 AC5 2 CVC B 7  ? CVC B 7   . ? 1_555 ? 
11 AC6 2 A   B 13 ? A   B 13  . ? 1_555 ? 
12 AC6 2 G   B 14 ? G   B 14  . ? 1_555 ? 
13 AC7 1 MG  E .  ? MG  A 103 . ? 5_545 ? 
14 AC8 1 A   B 16 ? A   B 16  . ? 1_555 ? 
# 
_atom_sites.entry_id                    5EAO 
_atom_sites.fract_transf_matrix[1][1]   0.00113357 
_atom_sites.fract_transf_matrix[1][2]   0.00787853 
_atom_sites.fract_transf_matrix[1][3]   -0.00964333 
_atom_sites.fract_transf_matrix[2][1]   0.00919051 
_atom_sites.fract_transf_matrix[2][2]   0.00477414 
_atom_sites.fract_transf_matrix[2][3]   0.00498078 
_atom_sites.fract_transf_matrix[3][1]   0.00563207 
_atom_sites.fract_transf_matrix[3][2]   -0.00622601 
_atom_sites.fract_transf_matrix[3][3]   -0.00442456 
_atom_sites.fract_transf_vector[1]      1.347849 
_atom_sites.fract_transf_vector[2]      0.131511 
_atom_sites.fract_transf_vector[3]      0.087037 
# 
loop_
_atom_type.symbol 
C  
MG 
N  
O  
P  
V  
# 
loop_
_atom_site.group_PDB 
_atom_site.id 
_atom_site.type_symbol 
_atom_site.label_atom_id 
_atom_site.label_alt_id 
_atom_site.label_comp_id 
_atom_site.label_asym_id 
_atom_site.label_entity_id 
_atom_site.label_seq_id 
_atom_site.pdbx_PDB_ins_code 
_atom_site.Cartn_x 
_atom_site.Cartn_y 
_atom_site.Cartn_z 
_atom_site.occupancy 
_atom_site.B_iso_or_equiv 
_atom_site.pdbx_formal_charge 
_atom_site.auth_seq_id 
_atom_site.auth_comp_id 
_atom_site.auth_asym_id 
_atom_site.auth_atom_id 
_atom_site.pdbx_PDB_model_num 
ATOM   1    P  P     . G   A 1 1  ? -7.692  -8.528  -28.733 1.00 80.92 ? 1   G   A P     1 
ATOM   2    O  OP1   . G   A 1 1  ? -7.470  -7.470  -29.758 1.00 65.83 ? 1   G   A OP1   1 
ATOM   3    O  OP2   . G   A 1 1  ? -6.552  -9.020  -27.896 1.00 49.58 ? 1   G   A OP2   1 
ATOM   4    O  "O5'" . G   A 1 1  ? -8.884  -8.038  -27.793 1.00 66.29 ? 1   G   A "O5'" 1 
ATOM   5    C  "C5'" . G   A 1 1  ? -9.715  -6.950  -28.172 1.00 59.34 ? 1   G   A "C5'" 1 
ATOM   6    C  "C4'" . G   A 1 1  ? -11.129 -7.117  -27.666 1.00 62.14 ? 1   G   A "C4'" 1 
ATOM   7    O  "O4'" . G   A 1 1  ? -11.734 -8.293  -28.269 1.00 66.13 ? 1   G   A "O4'" 1 
ATOM   8    C  "C3'" . G   A 1 1  ? -11.286 -7.354  -26.172 1.00 59.65 ? 1   G   A "C3'" 1 
ATOM   9    O  "O3'" . G   A 1 1  ? -11.220 -6.165  -25.405 1.00 65.36 ? 1   G   A "O3'" 1 
ATOM   10   C  "C2'" . G   A 1 1  ? -12.633 -8.055  -26.092 1.00 57.89 ? 1   G   A "C2'" 1 
ATOM   11   O  "O2'" . G   A 1 1  ? -13.688 -7.122  -26.267 1.00 58.43 ? 1   G   A "O2'" 1 
ATOM   12   C  "C1'" . G   A 1 1  ? -12.574 -8.939  -27.333 1.00 55.68 ? 1   G   A "C1'" 1 
ATOM   13   N  N9    . G   A 1 1  ? -12.001 -10.268 -27.031 1.00 53.74 ? 1   G   A N9    1 
ATOM   14   C  C8    . G   A 1 1  ? -10.830 -10.779 -27.541 1.00 57.20 ? 1   G   A C8    1 
ATOM   15   N  N7    . G   A 1 1  ? -10.555 -11.979 -27.108 1.00 54.64 ? 1   G   A N7    1 
ATOM   16   C  C5    . G   A 1 1  ? -11.606 -12.285 -26.259 1.00 48.43 ? 1   G   A C5    1 
ATOM   17   C  C6    . G   A 1 1  ? -11.849 -13.457 -25.498 1.00 49.21 ? 1   G   A C6    1 
ATOM   18   O  O6    . G   A 1 1  ? -11.151 -14.478 -25.438 1.00 53.43 ? 1   G   A O6    1 
ATOM   19   N  N1    . G   A 1 1  ? -13.029 -13.374 -24.766 1.00 44.05 ? 1   G   A N1    1 
ATOM   20   C  C2    . G   A 1 1  ? -13.868 -12.290 -24.771 1.00 48.64 ? 1   G   A C2    1 
ATOM   21   N  N2    . G   A 1 1  ? -14.961 -12.382 -23.997 1.00 47.52 ? 1   G   A N2    1 
ATOM   22   N  N3    . G   A 1 1  ? -13.652 -11.190 -25.480 1.00 53.87 ? 1   G   A N3    1 
ATOM   23   C  C4    . G   A 1 1  ? -12.510 -11.247 -26.199 1.00 49.64 ? 1   G   A C4    1 
ATOM   24   P  P     . G   A 1 2  ? -10.624 -6.204  -23.913 1.00 76.49 ? 2   G   A P     1 
ATOM   25   O  OP1   . G   A 1 2  ? -10.799 -4.852  -23.311 1.00 62.36 ? 2   G   A OP1   1 
ATOM   26   O  OP2   . G   A 1 2  ? -9.279  -6.840  -23.969 1.00 60.55 ? 2   G   A OP2   1 
ATOM   27   O  "O5'" . G   A 1 2  ? -11.589 -7.206  -23.137 1.00 62.99 ? 2   G   A "O5'" 1 
ATOM   28   C  "C5'" . G   A 1 2  ? -12.899 -6.808  -22.760 1.00 57.50 ? 2   G   A "C5'" 1 
ATOM   29   C  "C4'" . G   A 1 2  ? -13.537 -7.817  -21.839 1.00 56.83 ? 2   G   A "C4'" 1 
ATOM   30   O  "O4'" . G   A 1 2  ? -13.718 -9.079  -22.538 1.00 52.51 ? 2   G   A "O4'" 1 
ATOM   31   C  "C3'" . G   A 1 2  ? -12.729 -8.207  -20.614 1.00 55.64 ? 2   G   A "C3'" 1 
ATOM   32   O  "O3'" . G   A 1 2  ? -12.755 -7.255  -19.568 1.00 54.93 ? 2   G   A "O3'" 1 
ATOM   33   C  "C2'" . G   A 1 2  ? -13.338 -9.549  -20.246 1.00 50.33 ? 2   G   A "C2'" 1 
ATOM   34   O  "O2'" . G   A 1 2  ? -14.610 -9.367  -19.640 1.00 46.92 ? 2   G   A "O2'" 1 
ATOM   35   C  "C1'" . G   A 1 2  ? -13.541 -10.154 -21.633 1.00 47.27 ? 2   G   A "C1'" 1 
ATOM   36   N  N9    . G   A 1 2  ? -12.356 -10.925 -22.050 1.00 44.64 ? 2   G   A N9    1 
ATOM   37   C  C8    . G   A 1 2  ? -11.366 -10.529 -22.916 1.00 48.64 ? 2   G   A C8    1 
ATOM   38   N  N7    . G   A 1 2  ? -10.436 -11.433 -23.085 1.00 44.84 ? 2   G   A N7    1 
ATOM   39   C  C5    . G   A 1 2  ? -10.832 -12.486 -22.275 1.00 41.32 ? 2   G   A C5    1 
ATOM   40   C  C6    . G   A 1 2  ? -10.217 -13.745 -22.045 1.00 42.75 ? 2   G   A C6    1 
ATOM   41   O  O6    . G   A 1 2  ? -9.163  -14.198 -22.524 1.00 43.91 ? 2   G   A O6    1 
ATOM   42   N  N1    . G   A 1 2  ? -10.962 -14.505 -21.149 1.00 37.56 ? 2   G   A N1    1 
ATOM   43   C  C2    . G   A 1 2  ? -12.133 -14.110 -20.555 1.00 37.70 ? 2   G   A C2    1 
ATOM   44   N  N2    . G   A 1 2  ? -12.694 -14.991 -19.718 1.00 37.44 ? 2   G   A N2    1 
ATOM   45   N  N3    . G   A 1 2  ? -12.712 -12.943 -20.761 1.00 39.91 ? 2   G   A N3    1 
ATOM   46   C  C4    . G   A 1 2  ? -12.012 -12.187 -21.627 1.00 41.64 ? 2   G   A C4    1 
ATOM   47   P  P     . G   A 1 3  ? -11.501 -7.165  -18.565 1.00 59.00 ? 3   G   A P     1 
ATOM   48   O  OP1   . G   A 1 3  ? -11.734 -5.996  -17.673 1.00 52.76 ? 3   G   A OP1   1 
ATOM   49   O  OP2   . G   A 1 3  ? -10.252 -7.280  -19.364 1.00 44.78 ? 3   G   A OP2   1 
ATOM   50   O  "O5'" . G   A 1 3  ? -11.608 -8.494  -17.690 1.00 49.74 ? 3   G   A "O5'" 1 
ATOM   51   C  "C5'" . G   A 1 3  ? -12.687 -8.678  -16.785 1.00 45.07 ? 3   G   A "C5'" 1 
ATOM   52   C  "C4'" . G   A 1 3  ? -12.689 -10.056 -16.172 1.00 36.51 ? 3   G   A "C4'" 1 
ATOM   53   O  "O4'" . G   A 1 3  ? -12.701 -11.068 -17.209 1.00 38.45 ? 3   G   A "O4'" 1 
ATOM   54   C  "C3'" . G   A 1 3  ? -11.486 -10.428 -15.327 1.00 33.57 ? 3   G   A "C3'" 1 
ATOM   55   O  "O3'" . G   A 1 3  ? -11.526 -9.865  -14.033 1.00 33.66 ? 3   G   A "O3'" 1 
ATOM   56   C  "C2'" . G   A 1 3  ? -11.546 -11.951 -15.330 1.00 34.04 ? 3   G   A "C2'" 1 
ATOM   57   O  "O2'" . G   A 1 3  ? -12.537 -12.419 -14.430 1.00 36.55 ? 3   G   A "O2'" 1 
ATOM   58   C  "C1'" . G   A 1 3  ? -12.034 -12.226 -16.750 1.00 34.46 ? 3   G   A "C1'" 1 
ATOM   59   N  N9    . G   A 1 3  ? -10.927 -12.536 -17.667 1.00 32.87 ? 3   G   A N9    1 
ATOM   60   C  C8    . G   A 1 3  ? -10.465 -11.759 -18.695 1.00 37.09 ? 3   G   A C8    1 
ATOM   61   N  N7    . G   A 1 3  ? -9.472  -12.310 -19.335 1.00 34.67 ? 3   G   A N7    1 
ATOM   62   C  C5    . G   A 1 3  ? -9.270  -13.520 -18.688 1.00 30.79 ? 3   G   A C5    1 
ATOM   63   C  C6    . G   A 1 3  ? -8.333  -14.548 -18.946 1.00 33.39 ? 3   G   A C6    1 
ATOM   64   O  O6    . G   A 1 3  ? -7.463  -14.591 -19.828 1.00 36.23 ? 3   G   A O6    1 
ATOM   65   N  N1    . G   A 1 3  ? -8.475  -15.605 -18.055 1.00 32.22 ? 3   G   A N1    1 
ATOM   66   C  C2    . G   A 1 3  ? -9.405  -15.668 -17.050 1.00 31.99 ? 3   G   A C2    1 
ATOM   67   N  N2    . G   A 1 3  ? -9.380  -16.775 -16.293 1.00 29.94 ? 3   G   A N2    1 
ATOM   68   N  N3    . G   A 1 3  ? -10.288 -14.712 -16.803 1.00 32.03 ? 3   G   A N3    1 
ATOM   69   C  C4    . G   A 1 3  ? -10.163 -13.676 -17.656 1.00 31.04 ? 3   G   A C4    1 
ATOM   70   P  P     . U   A 1 4  ? -10.158 -9.534  -13.258 1.00 39.99 ? 4   U   A P     1 
ATOM   71   O  OP1   . U   A 1 4  ? -10.532 -8.697  -12.083 1.00 39.69 ? 4   U   A OP1   1 
ATOM   72   O  OP2   . U   A 1 4  ? -9.151  -9.067  -14.244 1.00 30.64 ? 4   U   A OP2   1 
ATOM   73   O  "O5'" . U   A 1 4  ? -9.678  -10.943 -12.694 1.00 30.52 ? 4   U   A "O5'" 1 
ATOM   74   C  "C5'" . U   A 1 4  ? -10.494 -11.654 -11.780 1.00 29.56 ? 4   U   A "C5'" 1 
ATOM   75   C  "C4'" . U   A 1 4  ? -9.939  -13.017 -11.464 1.00 27.73 ? 4   U   A "C4'" 1 
ATOM   76   O  "O4'" . U   A 1 4  ? -9.996  -13.870 -12.633 1.00 28.56 ? 4   U   A "O4'" 1 
ATOM   77   C  "C3'" . U   A 1 4  ? -8.482  -13.069 -11.053 1.00 26.61 ? 4   U   A "C3'" 1 
ATOM   78   O  "O3'" . U   A 1 4  ? -8.281  -12.702 -9.707  1.00 29.38 ? 4   U   A "O3'" 1 
ATOM   79   C  "C2'" . U   A 1 4  ? -8.127  -14.517 -11.335 1.00 26.95 ? 4   U   A "C2'" 1 
ATOM   80   O  "O2'" . U   A 1 4  ? -8.688  -15.353 -10.336 1.00 28.24 ? 4   U   A "O2'" 1 
ATOM   81   C  "C1'" . U   A 1 4  ? -8.896  -14.756 -12.628 1.00 25.45 ? 4   U   A "C1'" 1 
ATOM   82   N  N1    . U   A 1 4  ? -8.073  -14.499 -13.830 1.00 24.04 ? 4   U   A N1    1 
ATOM   83   C  C2    . U   A 1 4  ? -7.146  -15.447 -14.182 1.00 27.73 ? 4   U   A C2    1 
ATOM   84   O  O2    . U   A 1 4  ? -6.970  -16.465 -13.536 1.00 34.82 ? 4   U   A O2    1 
ATOM   85   N  N3    . U   A 1 4  ? -6.423  -15.169 -15.312 1.00 24.73 ? 4   U   A N3    1 
ATOM   86   C  C4    . U   A 1 4  ? -6.539  -14.064 -16.115 1.00 23.54 ? 4   U   A C4    1 
ATOM   87   O  O4    . U   A 1 4  ? -5.814  -13.964 -17.101 1.00 30.41 ? 4   U   A O4    1 
ATOM   88   C  C5    . U   A 1 4  ? -7.521  -13.126 -15.695 1.00 24.28 ? 4   U   A C5    1 
ATOM   89   C  C6    . U   A 1 4  ? -8.238  -13.374 -14.597 1.00 27.58 ? 4   U   A C6    1 
ATOM   90   P  P     . A   A 1 5  ? -6.909  -11.997 -9.270  1.00 39.83 ? 5   A   A P     1 
ATOM   91   O  OP1   . A   A 1 5  ? -7.060  -11.590 -7.847  1.00 33.78 ? 5   A   A OP1   1 
ATOM   92   O  OP2   . A   A 1 5  ? -6.563  -11.012 -10.328 1.00 39.59 ? 5   A   A OP2   1 
ATOM   93   O  "O5'" . A   A 1 5  ? -5.841  -13.175 -9.303  1.00 28.35 ? 5   A   A "O5'" 1 
ATOM   94   C  "C5'" . A   A 1 5  ? -6.031  -14.308 -8.474  1.00 30.45 ? 5   A   A "C5'" 1 
ATOM   95   C  "C4'" . A   A 1 5  ? -5.030  -15.391 -8.759  1.00 28.81 ? 5   A   A "C4'" 1 
ATOM   96   O  "O4'" . A   A 1 5  ? -5.279  -15.979 -10.061 1.00 32.18 ? 5   A   A "O4'" 1 
ATOM   97   C  "C3'" . A   A 1 5  ? -3.581  -14.958 -8.836  1.00 28.62 ? 5   A   A "C3'" 1 
ATOM   98   O  "O3'" . A   A 1 5  ? -2.996  -14.748 -7.567  1.00 33.50 ? 5   A   A "O3'" 1 
ATOM   99   C  "C2'" . A   A 1 5  ? -2.954  -16.097 -9.615  1.00 30.00 ? 5   A   A "C2'" 1 
ATOM   100  O  "O2'" . A   A 1 5  ? -2.808  -17.228 -8.773  1.00 34.31 ? 5   A   A "O2'" 1 
ATOM   101  C  "C1'" . A   A 1 5  ? -4.056  -16.395 -10.633 1.00 30.56 ? 5   A   A "C1'" 1 
ATOM   102  N  N9    . A   A 1 5  ? -3.852  -15.658 -11.894 1.00 27.79 ? 5   A   A N9    1 
ATOM   103  C  C8    . A   A 1 5  ? -4.482  -14.513 -12.314 1.00 27.59 ? 5   A   A C8    1 
ATOM   104  N  N7    . A   A 1 5  ? -4.076  -14.094 -13.489 1.00 27.65 ? 5   A   A N7    1 
ATOM   105  C  C5    . A   A 1 5  ? -3.115  -15.025 -13.866 1.00 27.24 ? 5   A   A C5    1 
ATOM   106  C  C6    . A   A 1 5  ? -2.304  -15.148 -15.012 1.00 28.10 ? 5   A   A C6    1 
ATOM   107  N  N6    . A   A 1 5  ? -2.333  -14.294 -16.038 1.00 25.34 ? 5   A   A N6    1 
ATOM   108  N  N1    . A   A 1 5  ? -1.449  -16.191 -15.074 1.00 28.79 ? 5   A   A N1    1 
ATOM   109  C  C2    . A   A 1 5  ? -1.422  -17.043 -14.043 1.00 30.77 ? 5   A   A C2    1 
ATOM   110  N  N3    . A   A 1 5  ? -2.130  -17.032 -12.913 1.00 28.87 ? 5   A   A N3    1 
ATOM   111  C  C4    . A   A 1 5  ? -2.969  -15.989 -12.889 1.00 27.01 ? 5   A   A C4    1 
ATOM   112  P  P     . C   A 1 6  ? -1.827  -13.659 -7.398  1.00 40.70 ? 6   C   A P     1 
ATOM   113  O  OP1   . C   A 1 6  ? -1.450  -13.654 -5.959  1.00 30.28 ? 6   C   A OP1   1 
ATOM   114  O  OP2   . C   A 1 6  ? -2.253  -12.384 -8.030  1.00 30.35 ? 6   C   A OP2   1 
ATOM   115  O  "O5'" . C   A 1 6  ? -0.625  -14.275 -8.249  1.00 33.20 ? 6   C   A "O5'" 1 
ATOM   116  C  "C5'" . C   A 1 6  ? -0.005  -15.485 -7.837  1.00 30.12 ? 6   C   A "C5'" 1 
ATOM   117  C  "C4'" . C   A 1 6  ? 0.983   -15.992 -8.852  1.00 31.50 ? 6   C   A "C4'" 1 
ATOM   118  O  "O4'" . C   A 1 6  ? 0.324   -16.232 -10.121 1.00 35.80 ? 6   C   A "O4'" 1 
ATOM   119  C  "C3'" . C   A 1 6  ? 2.127   -15.060 -9.210  1.00 32.61 ? 6   C   A "C3'" 1 
ATOM   120  O  "O3'" . C   A 1 6  ? 3.167   -15.067 -8.245  1.00 33.44 ? 6   C   A "O3'" 1 
ATOM   121  C  "C2'" . C   A 1 6  ? 2.567   -15.599 -10.563 1.00 34.49 ? 6   C   A "C2'" 1 
ATOM   122  O  "O2'" . C   A 1 6  ? 3.345   -16.779 -10.408 1.00 32.04 ? 6   C   A "O2'" 1 
ATOM   123  C  "C1'" . C   A 1 6  ? 1.225   -15.986 -11.181 1.00 31.38 ? 6   C   A "C1'" 1 
ATOM   124  N  N1    . C   A 1 6  ? 0.682   -14.901 -12.025 1.00 28.80 ? 6   C   A N1    1 
ATOM   125  C  C2    . C   A 1 6  ? 1.233   -14.718 -13.294 1.00 30.62 ? 6   C   A C2    1 
ATOM   126  O  O2    . C   A 1 6  ? 2.150   -15.473 -13.657 1.00 31.76 ? 6   C   A O2    1 
ATOM   127  N  N3    . C   A 1 6  ? 0.760   -13.731 -14.088 1.00 27.56 ? 6   C   A N3    1 
ATOM   128  C  C4    . C   A 1 6  ? -0.221  -12.950 -13.643 1.00 27.21 ? 6   C   A C4    1 
ATOM   129  N  N4    . C   A 1 6  ? -0.664  -11.987 -14.451 1.00 29.66 ? 6   C   A N4    1 
ATOM   130  C  C5    . C   A 1 6  ? -0.800  -13.118 -12.354 1.00 27.47 ? 6   C   A C5    1 
ATOM   131  C  C6    . C   A 1 6  ? -0.322  -14.097 -11.581 1.00 28.63 ? 6   C   A C6    1 
ATOM   132  P  P     . U   A 1 7  ? 4.157   -13.810 -8.093  1.00 35.66 ? 7   U   A P     1 
ATOM   133  O  OP1   . U   A 1 7  ? 5.096   -14.152 -6.995  1.00 36.06 ? 7   U   A OP1   1 
ATOM   134  O  OP2   . U   A 1 7  ? 3.337   -12.574 -8.040  1.00 34.63 ? 7   U   A OP2   1 
ATOM   135  O  "O5'" . U   A 1 7  ? 5.031   -13.796 -9.428  1.00 31.21 ? 7   U   A "O5'" 1 
ATOM   136  C  "C5'" . U   A 1 7  ? 5.963   -14.838 -9.682  1.00 32.35 ? 7   U   A "C5'" 1 
ATOM   137  C  "C4'" . U   A 1 7  ? 6.549   -14.764 -11.071 1.00 31.89 ? 7   U   A "C4'" 1 
ATOM   138  O  "O4'" . U   A 1 7  ? 5.496   -14.830 -12.063 1.00 28.87 ? 7   U   A "O4'" 1 
ATOM   139  C  "C3'" . U   A 1 7  ? 7.295   -13.489 -11.422 1.00 33.93 ? 7   U   A "C3'" 1 
ATOM   140  O  "O3'" . U   A 1 7  ? 8.607   -13.455 -10.893 1.00 31.20 ? 7   U   A "O3'" 1 
ATOM   141  C  "C2'" . U   A 1 7  ? 7.246   -13.487 -12.945 1.00 32.47 ? 7   U   A "C2'" 1 
ATOM   142  O  "O2'" . U   A 1 7  ? 8.198   -14.397 -13.482 1.00 31.07 ? 7   U   A "O2'" 1 
ATOM   143  C  "C1'" . U   A 1 7  ? 5.861   -14.071 -13.199 1.00 29.33 ? 7   U   A "C1'" 1 
ATOM   144  N  N1    . U   A 1 7  ? 4.822   -13.046 -13.443 1.00 30.06 ? 7   U   A N1    1 
ATOM   145  C  C2    . U   A 1 7  ? 4.791   -12.423 -14.673 1.00 30.70 ? 7   U   A C2    1 
ATOM   146  O  O2    . U   A 1 7  ? 5.602   -12.655 -15.551 1.00 30.48 ? 7   U   A O2    1 
ATOM   147  N  N3    . U   A 1 7  ? 3.783   -11.504 -14.831 1.00 29.88 ? 7   U   A N3    1 
ATOM   148  C  C4    . U   A 1 7  ? 2.816   -11.158 -13.907 1.00 31.99 ? 7   U   A C4    1 
ATOM   149  O  O4    . U   A 1 7  ? 1.968   -10.313 -14.195 1.00 34.87 ? 7   U   A O4    1 
ATOM   150  C  C5    . U   A 1 7  ? 2.906   -11.851 -12.662 1.00 32.93 ? 7   U   A C5    1 
ATOM   151  C  C6    . U   A 1 7  ? 3.881   -12.752 -12.484 1.00 35.18 ? 7   U   A C6    1 
ATOM   152  P  P     . U   A 1 8  ? 9.227   -12.066 -10.387 1.00 33.17 ? 8   U   A P     1 
ATOM   153  O  OP1   . U   A 1 8  ? 10.579  -12.361 -9.845  1.00 34.96 ? 8   U   A OP1   1 
ATOM   154  O  OP2   . U   A 1 8  ? 8.234   -11.392 -9.508  1.00 31.05 ? 8   U   A OP2   1 
ATOM   155  O  "O5'" . U   A 1 8  ? 9.388   -11.223 -11.728 1.00 31.78 ? 8   U   A "O5'" 1 
ATOM   156  C  "C5'" . U   A 1 8  ? 10.296  -11.639 -12.737 1.00 33.07 ? 8   U   A "C5'" 1 
ATOM   157  C  "C4'" . U   A 1 8  ? 10.151  -10.814 -13.987 1.00 33.89 ? 8   U   A "C4'" 1 
ATOM   158  O  "O4'" . U   A 1 8  ? 8.814   -10.971 -14.522 1.00 38.47 ? 8   U   A "O4'" 1 
ATOM   159  C  "C3'" . U   A 1 8  ? 10.302  -9.310  -13.816 1.00 37.66 ? 8   U   A "C3'" 1 
ATOM   160  O  "O3'" . U   A 1 8  ? 11.660  -8.906  -13.776 1.00 43.72 ? 8   U   A "O3'" 1 
ATOM   161  C  "C2'" . U   A 1 8  ? 9.539   -8.762  -15.017 1.00 37.25 ? 8   U   A "C2'" 1 
ATOM   162  O  "O2'" . U   A 1 8  ? 10.331  -8.862  -16.192 1.00 41.44 ? 8   U   A "O2'" 1 
ATOM   163  C  "C1'" . U   A 1 8  ? 8.394   -9.768  -15.135 1.00 35.47 ? 8   U   A "C1'" 1 
ATOM   164  N  N1    . U   A 1 8  ? 7.149   -9.321  -14.473 1.00 34.83 ? 8   U   A N1    1 
ATOM   165  C  C2    . U   A 1 8  ? 6.213   -8.635  -15.225 1.00 34.83 ? 8   U   A C2    1 
ATOM   166  O  O2    . U   A 1 8  ? 6.382   -8.365  -16.401 1.00 37.75 ? 8   U   A O2    1 
ATOM   167  N  N3    . U   A 1 8  ? 5.073   -8.270  -14.553 1.00 30.84 ? 8   U   A N3    1 
ATOM   168  C  C4    . U   A 1 8  ? 4.789   -8.529  -13.225 1.00 35.82 ? 8   U   A C4    1 
ATOM   169  O  O4    . U   A 1 8  ? 3.727   -8.144  -12.737 1.00 43.35 ? 8   U   A O4    1 
ATOM   170  C  C5    . U   A 1 8  ? 5.799   -9.248  -12.517 1.00 35.73 ? 8   U   A C5    1 
ATOM   171  C  C6    . U   A 1 8  ? 6.915   -9.615  -13.152 1.00 36.21 ? 8   U   A C6    1 
ATOM   172  P  P     . A   A 1 9  ? 12.140  -7.721  -12.804 1.00 39.66 ? 9   A   A P     1 
ATOM   173  O  OP1   . A   A 1 9  ? 11.735  -6.438  -13.436 1.00 36.10 ? 9   A   A OP1   1 
ATOM   174  O  OP2   . A   A 1 9  ? 13.565  -7.984  -12.464 1.00 41.60 ? 9   A   A OP2   1 
ATOM   175  O  "O5'" . A   A 1 9  ? 11.290  -7.924  -11.473 1.00 38.99 ? 9   A   A "O5'" 1 
ATOM   176  C  "C5'" . A   A 1 9  ? 11.739  -7.402  -10.224 1.00 35.57 ? 9   A   A "C5'" 1 
ATOM   177  C  "C4'" . A   A 1 9  ? 10.591  -7.120  -9.285  1.00 33.24 ? 9   A   A "C4'" 1 
ATOM   178  O  "O4'" . A   A 1 9  ? 9.677   -6.197  -9.928  1.00 33.18 ? 9   A   A "O4'" 1 
ATOM   179  C  "C3'" . A   A 1 9  ? 9.748   -8.328  -8.885  1.00 33.05 ? 9   A   A "C3'" 1 
ATOM   180  O  "O3'" . A   A 1 9  ? 9.177   -8.081  -7.598  1.00 37.11 ? 9   A   A "O3'" 1 
ATOM   181  C  "C2'" . A   A 1 9  ? 8.622   -8.282  -9.908  1.00 33.90 ? 9   A   A "C2'" 1 
ATOM   182  O  "O2'" . A   A 1 9  ? 7.454   -8.965  -9.511  1.00 36.44 ? 9   A   A "O2'" 1 
ATOM   183  C  "C1'" . A   A 1 9  ? 8.392   -6.780  -10.000 1.00 31.35 ? 9   A   A "C1'" 1 
ATOM   184  N  N9    . A   A 1 9  ? 7.755   -6.294  -11.220 1.00 32.38 ? 9   A   A N9    1 
ATOM   185  C  C8    . A   A 1 9  ? 8.296   -6.156  -12.469 1.00 34.92 ? 9   A   A C8    1 
ATOM   186  N  N7    . A   A 1 9  ? 7.465   -5.639  -13.343 1.00 36.38 ? 9   A   A N7    1 
ATOM   187  C  C5    . A   A 1 9  ? 6.315   -5.400  -12.612 1.00 33.39 ? 9   A   A C5    1 
ATOM   188  C  C6    . A   A 1 9  ? 5.075   -4.855  -12.954 1.00 33.37 ? 9   A   A C6    1 
ATOM   189  N  N6    . A   A 1 9  ? 4.766   -4.438  -14.177 1.00 41.25 ? 9   A   A N6    1 
ATOM   190  N  N1    . A   A 1 9  ? 4.143   -4.749  -11.989 1.00 36.54 ? 9   A   A N1    1 
ATOM   191  C  C2    . A   A 1 9  ? 4.447   -5.173  -10.756 1.00 36.89 ? 9   A   A C2    1 
ATOM   192  N  N3    . A   A 1 9  ? 5.582   -5.701  -10.305 1.00 37.78 ? 9   A   A N3    1 
ATOM   193  C  C4    . A   A 1 9  ? 6.485   -5.783  -11.298 1.00 36.32 ? 9   A   A C4    1 
ATOM   194  P  P     . A   A 1 10 ? 10.022  -8.317  -6.251  1.00 30.01 ? 10  A   A P     1 
ATOM   195  O  OP1   . A   A 1 10 ? 10.926  -9.478  -6.485  1.00 29.33 ? 10  A   A OP1   1 
ATOM   196  O  OP2   . A   A 1 10 ? 9.083   -8.330  -5.100  1.00 26.45 ? 10  A   A OP2   1 
ATOM   197  O  "O5'" . A   A 1 10 ? 10.896  -6.995  -6.121  1.00 31.96 ? 10  A   A "O5'" 1 
ATOM   198  C  "C5'" . A   A 1 10 ? 10.478  -5.910  -5.300  1.00 31.68 ? 10  A   A "C5'" 1 
ATOM   199  C  "C4'" . A   A 1 10 ? 11.660  -5.158  -4.740  1.00 28.08 ? 10  A   A "C4'" 1 
ATOM   200  O  "O4'" . A   A 1 10 ? 12.050  -5.753  -3.478  1.00 32.88 ? 10  A   A "O4'" 1 
ATOM   201  C  "C3'" . A   A 1 10 ? 12.904  -5.172  -5.610  1.00 32.39 ? 10  A   A "C3'" 1 
ATOM   202  O  "O3'" . A   A 1 10 ? 13.638  -3.967  -5.375  1.00 34.71 ? 10  A   A "O3'" 1 
ATOM   203  C  "C2'" . A   A 1 10 ? 13.668  -6.387  -5.067  1.00 33.08 ? 10  A   A "C2'" 1 
ATOM   204  O  "O2'" . A   A 1 10 ? 15.057  -6.378  -5.319  1.00 38.21 ? 10  A   A "O2'" 1 
ATOM   205  C  "C1'" . A   A 1 10 ? 13.357  -6.302  -3.574  1.00 30.77 ? 10  A   A "C1'" 1 
ATOM   206  N  N9    . A   A 1 10 ? 13.285  -7.583  -2.872  1.00 23.31 ? 10  A   A N9    1 
ATOM   207  C  C8    . A   A 1 10 ? 12.628  -8.708  -3.278  1.00 27.62 ? 10  A   A C8    1 
ATOM   208  N  N7    . A   A 1 10 ? 12.666  -9.698  -2.420  1.00 25.88 ? 10  A   A N7    1 
ATOM   209  C  C5    . A   A 1 10 ? 13.368  -9.174  -1.357  1.00 24.55 ? 10  A   A C5    1 
ATOM   210  C  C6    . A   A 1 10 ? 13.738  -9.733  -0.132  1.00 25.23 ? 10  A   A C6    1 
ATOM   211  N  N6    . A   A 1 10 ? 13.434  -10.983 0.216   1.00 28.22 ? 10  A   A N6    1 
ATOM   212  N  N1    . A   A 1 10 ? 14.445  -8.968  0.716   1.00 23.77 ? 10  A   A N1    1 
ATOM   213  C  C2    . A   A 1 10 ? 14.740  -7.722  0.340   1.00 27.84 ? 10  A   A C2    1 
ATOM   214  N  N3    . A   A 1 10 ? 14.443  -7.079  -0.788  1.00 28.87 ? 10  A   A N3    1 
ATOM   215  C  C4    . A   A 1 10 ? 13.748  -7.873  -1.613  1.00 24.61 ? 10  A   A C4    1 
ATOM   216  P  P     . G   A 1 11 ? 13.084  -2.548  -5.905  1.00 39.26 ? 11  G   A P     1 
ATOM   217  O  OP1   . G   A 1 11 ? 14.160  -1.531  -5.789  1.00 40.39 ? 11  G   A OP1   1 
ATOM   218  O  OP2   . G   A 1 11 ? 11.779  -2.243  -5.269  1.00 44.67 ? 11  G   A OP2   1 
ATOM   219  O  "O5'" . G   A 1 11 ? 12.791  -2.802  -7.449  1.00 40.57 ? 11  G   A "O5'" 1 
ATOM   220  C  "C5'" . G   A 1 11 ? 13.840  -3.012  -8.382  1.00 36.05 ? 11  G   A "C5'" 1 
ATOM   221  C  "C4'" . G   A 1 11 ? 13.321  -2.935  -9.795  1.00 33.70 ? 11  G   A "C4'" 1 
ATOM   222  O  "O4'" . G   A 1 11 ? 12.242  -3.889  -9.964  1.00 34.48 ? 11  G   A "O4'" 1 
ATOM   223  C  "C3'" . G   A 1 11 ? 12.706  -1.603  -10.194 1.00 33.59 ? 11  G   A "C3'" 1 
ATOM   224  O  "O3'" . G   A 1 11 ? 13.679  -0.664  -10.609 1.00 34.15 ? 11  G   A "O3'" 1 
ATOM   225  C  "C2'" . G   A 1 11 ? 11.739  -1.994  -11.301 1.00 36.96 ? 11  G   A "C2'" 1 
ATOM   226  O  "O2'" . G   A 1 11 ? 12.436  -2.191  -12.523 1.00 38.92 ? 11  G   A "O2'" 1 
ATOM   227  C  "C1'" . G   A 1 11 ? 11.252  -3.355  -10.815 1.00 35.92 ? 11  G   A "C1'" 1 
ATOM   228  N  N9    . G   A 1 11 ? 9.969   -3.302  -10.081 1.00 34.52 ? 11  G   A N9    1 
ATOM   229  C  C8    . G   A 1 11 ? 9.784   -3.633  -8.763  1.00 33.78 ? 11  G   A C8    1 
ATOM   230  N  N7    . G   A 1 11 ? 8.544   -3.544  -8.373  1.00 32.03 ? 11  G   A N7    1 
ATOM   231  C  C5    . G   A 1 11 ? 7.862   -3.129  -9.502  1.00 30.80 ? 11  G   A C5    1 
ATOM   232  C  C6    . G   A 1 11 ? 6.486   -2.851  -9.677  1.00 31.64 ? 11  G   A C6    1 
ATOM   233  O  O6    . G   A 1 11 ? 5.575   -2.927  -8.845  1.00 34.08 ? 11  G   A O6    1 
ATOM   234  N  N1    . G   A 1 11 ? 6.207   -2.455  -10.974 1.00 33.46 ? 11  G   A N1    1 
ATOM   235  C  C2    . G   A 1 11 ? 7.135   -2.334  -11.972 1.00 33.27 ? 11  G   A C2    1 
ATOM   236  N  N2    . G   A 1 11 ? 6.680   -1.937  -13.166 1.00 37.94 ? 11  G   A N2    1 
ATOM   237  N  N3    . G   A 1 11 ? 8.421   -2.594  -11.822 1.00 33.30 ? 11  G   A N3    1 
ATOM   238  C  C4    . G   A 1 11 ? 8.719   -2.984  -10.568 1.00 32.65 ? 11  G   A C4    1 
ATOM   239  P  P     . C   A 1 12 ? 13.546  0.885   -10.214 1.00 38.23 ? 12  C   A P     1 
ATOM   240  O  OP1   . C   A 1 12 ? 14.860  1.517   -10.502 1.00 42.59 ? 12  C   A OP1   1 
ATOM   241  O  OP2   . C   A 1 12 ? 12.967  0.971   -8.848  1.00 33.86 ? 12  C   A OP2   1 
ATOM   242  O  "O5'" . C   A 1 12 ? 12.498  1.465   -11.264 1.00 41.48 ? 12  C   A "O5'" 1 
ATOM   243  C  "C5'" . C   A 1 12 ? 12.801  1.501   -12.652 1.00 37.33 ? 12  C   A "C5'" 1 
ATOM   244  C  "C4'" . C   A 1 12 ? 11.585  1.828   -13.483 1.00 38.14 ? 12  C   A "C4'" 1 
ATOM   245  O  "O4'" . C   A 1 12 ? 10.603  0.766   -13.365 1.00 34.05 ? 12  C   A "O4'" 1 
ATOM   246  C  "C3'" . C   A 1 12 ? 10.816  3.077   -13.084 1.00 43.98 ? 12  C   A "C3'" 1 
ATOM   247  O  "O3'" . C   A 1 12 ? 11.405  4.280   -13.547 1.00 43.70 ? 12  C   A "O3'" 1 
ATOM   248  C  "C2'" . C   A 1 12 ? 9.436   2.806   -13.666 1.00 39.54 ? 12  C   A "C2'" 1 
ATOM   249  O  "O2'" . C   A 1 12 ? 9.446   2.996   -15.070 1.00 38.18 ? 12  C   A "O2'" 1 
ATOM   250  C  "C1'" . C   A 1 12 ? 9.299   1.311   -13.410 1.00 36.74 ? 12  C   A "C1'" 1 
ATOM   251  N  N1    . C   A 1 12 ? 8.598   1.009   -12.137 1.00 35.57 ? 12  C   A N1    1 
ATOM   252  C  C2    . C   A 1 12 ? 7.209   1.181   -12.057 1.00 39.91 ? 12  C   A C2    1 
ATOM   253  O  O2    . C   A 1 12 ? 6.598   1.606   -13.051 1.00 44.79 ? 12  C   A O2    1 
ATOM   254  N  N3    . C   A 1 12 ? 6.563   0.886   -10.901 1.00 37.00 ? 12  C   A N3    1 
ATOM   255  C  C4    . C   A 1 12 ? 7.249   0.434   -9.857  1.00 36.05 ? 12  C   A C4    1 
ATOM   256  N  N4    . C   A 1 12 ? 6.582   0.158   -8.733  1.00 35.04 ? 12  C   A N4    1 
ATOM   257  C  C5    . C   A 1 12 ? 8.661   0.245   -9.914  1.00 35.05 ? 12  C   A C5    1 
ATOM   258  C  C6    . C   A 1 12 ? 9.287   0.538   -11.059 1.00 34.14 ? 12  C   A C6    1 
ATOM   259  P  P     . C   A 1 13 ? 11.214  5.640   -12.712 1.00 45.40 ? 13  C   A P     1 
ATOM   260  O  OP1   . C   A 1 13 ? 12.068  6.685   -13.327 1.00 49.64 ? 13  C   A OP1   1 
ATOM   261  O  OP2   . C   A 1 13 ? 11.378  5.303   -11.276 1.00 40.08 ? 13  C   A OP2   1 
ATOM   262  O  "O5'" . C   A 1 13 ? 9.684   6.040   -12.936 1.00 43.73 ? 13  C   A "O5'" 1 
ATOM   263  C  "C5'" . C   A 1 13 ? 9.181   6.329   -14.231 1.00 43.77 ? 13  C   A "C5'" 1 
ATOM   264  C  "C4'" . C   A 1 13 ? 7.684   6.532   -14.223 1.00 51.12 ? 13  C   A "C4'" 1 
ATOM   265  O  "O4'" . C   A 1 13 ? 7.010   5.307   -13.834 1.00 52.64 ? 13  C   A "O4'" 1 
ATOM   266  C  "C3'" . C   A 1 13 ? 7.143   7.563   -13.246 1.00 56.37 ? 13  C   A "C3'" 1 
ATOM   267  O  "O3'" . C   A 1 13 ? 7.288   8.896   -13.698 1.00 59.79 ? 13  C   A "O3'" 1 
ATOM   268  C  "C2'" . C   A 1 13 ? 5.692   7.132   -13.093 1.00 52.60 ? 13  C   A "C2'" 1 
ATOM   269  O  "O2'" . C   A 1 13 ? 4.937   7.526   -14.228 1.00 57.75 ? 13  C   A "O2'" 1 
ATOM   270  C  "C1'" . C   A 1 13 ? 5.829   5.616   -13.119 1.00 46.62 ? 13  C   A "C1'" 1 
ATOM   271  N  N1    . C   A 1 13 ? 5.933   5.047   -11.757 1.00 46.42 ? 13  C   A N1    1 
ATOM   272  C  C2    . C   A 1 13 ? 4.781   4.928   -10.980 1.00 49.82 ? 13  C   A C2    1 
ATOM   273  O  O2    . C   A 1 13 ? 3.705   5.314   -11.462 1.00 49.76 ? 13  C   A O2    1 
ATOM   274  N  N3    . C   A 1 13 ? 4.878   4.397   -9.737  1.00 48.00 ? 13  C   A N3    1 
ATOM   275  C  C4    . C   A 1 13 ? 6.066   4.000   -9.274  1.00 43.78 ? 13  C   A C4    1 
ATOM   276  N  N4    . C   A 1 13 ? 6.136   3.484   -8.049  1.00 42.99 ? 13  C   A N4    1 
ATOM   277  C  C5    . C   A 1 13 ? 7.249   4.112   -10.044 1.00 42.49 ? 13  C   A C5    1 
ATOM   278  C  C6    . C   A 1 13 ? 7.136   4.634   -11.268 1.00 45.70 ? 13  C   A C6    1 
ATOM   279  P  P     . C   A 1 14 ? 7.264   10.102  -12.639 1.00 68.78 ? 14  C   A P     1 
ATOM   280  O  OP1   . C   A 1 14 ? 7.370   11.352  -13.435 1.00 72.16 ? 14  C   A OP1   1 
ATOM   281  O  OP2   . C   A 1 14 ? 8.266   9.834   -11.568 1.00 57.71 ? 14  C   A OP2   1 
ATOM   282  O  "O5'" . C   A 1 14 ? 5.799   10.036  -12.010 1.00 53.15 ? 14  C   A "O5'" 1 
ATOM   283  C  "C5'" . C   A 1 14 ? 4.678   10.451  -12.772 1.00 56.87 ? 14  C   A "C5'" 1 
ATOM   284  C  "C4'" . C   A 1 14 ? 3.378   10.276  -12.028 1.00 63.16 ? 14  C   A "C4'" 1 
ATOM   285  O  "O4'" . C   A 1 14 ? 3.243   8.917   -11.544 1.00 60.72 ? 14  C   A "O4'" 1 
ATOM   286  C  "C3'" . C   A 1 14 ? 3.177   11.118  -10.781 1.00 61.56 ? 14  C   A "C3'" 1 
ATOM   287  O  "O3'" . C   A 1 14 ? 2.841   12.465  -11.063 1.00 61.47 ? 14  C   A "O3'" 1 
ATOM   288  C  "C2'" . C   A 1 14 ? 2.074   10.358  -10.057 1.00 56.87 ? 14  C   A "C2'" 1 
ATOM   289  O  "O2'" . C   A 1 14 ? 0.817   10.617  -10.662 1.00 57.35 ? 14  C   A "O2'" 1 
ATOM   290  C  "C1'" . C   A 1 14 ? 2.448   8.911   -10.373 1.00 56.29 ? 14  C   A "C1'" 1 
ATOM   291  N  N1    . C   A 1 14 ? 3.199   8.258   -9.278  1.00 53.97 ? 14  C   A N1    1 
ATOM   292  C  C2    . C   A 1 14 ? 2.512   7.874   -8.118  1.00 51.15 ? 14  C   A C2    1 
ATOM   293  O  O2    . C   A 1 14 ? 1.298   8.118   -8.034  1.00 49.77 ? 14  C   A O2    1 
ATOM   294  N  N3    . C   A 1 14 ? 3.195   7.256   -7.125  1.00 49.18 ? 14  C   A N3    1 
ATOM   295  C  C4    . C   A 1 14 ? 4.500   7.016   -7.262  1.00 48.53 ? 14  C   A C4    1 
ATOM   296  N  N4    . C   A 1 14 ? 5.143   6.409   -6.265  1.00 45.05 ? 14  C   A N4    1 
ATOM   297  C  C5    . C   A 1 14 ? 5.216   7.388   -8.436  1.00 50.94 ? 14  C   A C5    1 
ATOM   298  C  C6    . C   A 1 14 ? 4.532   7.999   -9.412  1.00 53.37 ? 14  C   A C6    1 
ATOM   299  P  P     . A   A 1 15 ? 3.260   13.628  -10.037 1.00 69.79 ? 15  A   A P     1 
ATOM   300  O  OP1   . A   A 1 15 ? 3.057   14.926  -10.725 1.00 70.69 ? 15  A   A OP1   1 
ATOM   301  O  OP2   . A   A 1 15 ? 4.589   13.297  -9.450  1.00 53.64 ? 15  A   A OP2   1 
ATOM   302  O  "O5'" . A   A 1 15 ? 2.183   13.513  -8.870  1.00 59.88 ? 15  A   A "O5'" 1 
ATOM   303  C  "C5'" . A   A 1 15 ? 0.791   13.507  -9.149  1.00 55.42 ? 15  A   A "C5'" 1 
ATOM   304  C  "C4'" . A   A 1 15 ? -0.004  13.169  -7.914  1.00 61.43 ? 15  A   A "C4'" 1 
ATOM   305  O  "O4'" . A   A 1 15 ? 0.246   11.799  -7.529  1.00 60.25 ? 15  A   A "O4'" 1 
ATOM   306  C  "C3'" . A   A 1 15 ? 0.338   13.985  -6.675  1.00 58.05 ? 15  A   A "C3'" 1 
ATOM   307  O  "O3'" . A   A 1 15 ? -0.381  15.202  -6.651  1.00 55.35 ? 15  A   A "O3'" 1 
ATOM   308  C  "C2'" . A   A 1 15 ? -0.026  13.056  -5.520  1.00 54.58 ? 15  A   A "C2'" 1 
ATOM   309  O  "O2'" . A   A 1 15 ? -1.409  13.161  -5.224  1.00 57.82 ? 15  A   A "O2'" 1 
ATOM   310  C  "C1'" . A   A 1 15 ? 0.216   11.674  -6.124  1.00 59.47 ? 15  A   A "C1'" 1 
ATOM   311  N  N9    . A   A 1 15 ? 1.451   10.998  -5.677  1.00 54.75 ? 15  A   A N9    1 
ATOM   312  C  C8    . A   A 1 15 ? 2.607   10.828  -6.396  1.00 54.40 ? 15  A   A C8    1 
ATOM   313  N  N7    . A   A 1 15 ? 3.525   10.132  -5.772  1.00 52.98 ? 15  A   A N7    1 
ATOM   314  C  C5    . A   A 1 15 ? 2.921   9.799   -4.571  1.00 52.97 ? 15  A   A C5    1 
ATOM   315  C  C6    . A   A 1 15 ? 3.374   9.061   -3.468  1.00 51.75 ? 15  A   A C6    1 
ATOM   316  N  N6    . A   A 1 15 ? 4.584   8.513   -3.411  1.00 48.32 ? 15  A   A N6    1 
ATOM   317  N  N1    . A   A 1 15 ? 2.538   8.905   -2.422  1.00 49.65 ? 15  A   A N1    1 
ATOM   318  C  C2    . A   A 1 15 ? 1.324   9.463   -2.496  1.00 50.26 ? 15  A   A C2    1 
ATOM   319  N  N3    . A   A 1 15 ? 0.783   10.181  -3.481  1.00 50.46 ? 15  A   A N3    1 
ATOM   320  C  C4    . A   A 1 15 ? 1.642   10.314  -4.502  1.00 50.62 ? 15  A   A C4    1 
ATOM   321  P  P     . C   A 1 16 ? 0.234   16.493  -5.933  1.00 61.32 ? 16  C   A P     1 
ATOM   322  O  OP1   . C   A 1 16 ? -0.610  17.652  -6.327  1.00 60.84 ? 16  C   A OP1   1 
ATOM   323  O  OP2   . C   A 1 16 ? 1.700   16.508  -6.179  1.00 53.20 ? 16  C   A OP2   1 
ATOM   324  O  "O5'" . C   A 1 16 ? 0.013   16.205  -4.382  1.00 57.79 ? 16  C   A "O5'" 1 
ATOM   325  C  "C5'" . C   A 1 16 ? -1.289  16.019  -3.836  1.00 46.35 ? 16  C   A "C5'" 1 
ATOM   326  C  "C4'" . C   A 1 16 ? -1.228  15.819  -2.342  1.00 46.14 ? 16  C   A "C4'" 1 
ATOM   327  O  "O4'" . C   A 1 16 ? -0.514  14.584  -2.052  1.00 46.16 ? 16  C   A "O4'" 1 
ATOM   328  C  "C3'" . C   A 1 16 ? -0.496  16.920  -1.569  1.00 47.97 ? 16  C   A "C3'" 1 
ATOM   329  O  "O3'" . C   A 1 16 ? -1.060  17.032  -0.267  1.00 43.87 ? 16  C   A "O3'" 1 
ATOM   330  C  "C2'" . C   A 1 16 ? 0.902   16.336  -1.422  1.00 49.75 ? 16  C   A "C2'" 1 
ATOM   331  O  "O2'" . C   A 1 16 ? 1.662   16.869  -0.357  1.00 51.21 ? 16  C   A "O2'" 1 
ATOM   332  C  "C1'" . C   A 1 16 ? 0.577   14.867  -1.198  1.00 47.78 ? 16  C   A "C1'" 1 
ATOM   333  N  N1    . C   A 1 16 ? 1.696   13.968  -1.496  1.00 47.79 ? 16  C   A N1    1 
ATOM   334  C  C2    . C   A 1 16 ? 2.082   13.088  -0.492  1.00 48.09 ? 16  C   A C2    1 
ATOM   335  O  O2    . C   A 1 16 ? 1.433   13.105  0.562   1.00 47.18 ? 16  C   A O2    1 
ATOM   336  N  N3    . C   A 1 16 ? 3.125   12.253  -0.703  1.00 51.09 ? 16  C   A N3    1 
ATOM   337  C  C4    . C   A 1 16 ? 3.775   12.289  -1.868  1.00 51.16 ? 16  C   A C4    1 
ATOM   338  N  N4    . C   A 1 16 ? 4.797   11.448  -2.047  1.00 49.62 ? 16  C   A N4    1 
ATOM   339  C  C5    . C   A 1 16 ? 3.403   13.191  -2.906  1.00 55.34 ? 16  C   A C5    1 
ATOM   340  C  C6    . C   A 1 16 ? 2.371   14.016  -2.680  1.00 54.40 ? 16  C   A C6    1 
ATOM   341  P  P     . U   A 1 17 ? -2.278  18.027  0.034   1.00 46.23 ? 17  U   A P     1 
ATOM   342  O  OP1   . U   A 1 17 ? -3.206  18.065  -1.126  1.00 48.29 ? 17  U   A OP1   1 
ATOM   343  O  OP2   . U   A 1 17 ? -1.679  19.273  0.577   1.00 52.80 ? 17  U   A OP2   1 
ATOM   344  O  "O5'" . U   A 1 17 ? -3.065  17.282  1.198   1.00 46.91 ? 17  U   A "O5'" 1 
ATOM   345  C  "C5'" . U   A 1 17 ? -3.683  16.031  0.947   1.00 43.28 ? 17  U   A "C5'" 1 
ATOM   346  C  "C4'" . U   A 1 17 ? -3.034  14.913  1.728   1.00 42.55 ? 17  U   A "C4'" 1 
ATOM   347  O  "O4'" . U   A 1 17 ? -1.606  14.871  1.485   1.00 42.16 ? 17  U   A "O4'" 1 
ATOM   348  C  "C3'" . U   A 1 17 ? -3.134  14.997  3.238   1.00 39.75 ? 17  U   A "C3'" 1 
ATOM   349  O  "O3'" . U   A 1 17 ? -4.405  14.614  3.720   1.00 46.48 ? 17  U   A "O3'" 1 
ATOM   350  C  "C2'" . U   A 1 17 ? -2.008  14.077  3.689   1.00 35.31 ? 17  U   A "C2'" 1 
ATOM   351  O  "O2'" . U   A 1 17 ? -2.399  12.718  3.592   1.00 33.29 ? 17  U   A "O2'" 1 
ATOM   352  C  "C1'" . U   A 1 17 ? -0.947  14.346  2.621   1.00 39.28 ? 17  U   A "C1'" 1 
ATOM   353  N  N1    . U   A 1 17 ? 0.079   15.305  3.087   1.00 40.83 ? 17  U   A N1    1 
ATOM   354  C  C2    . U   A 1 17 ? 1.000   14.843  4.004   1.00 41.57 ? 17  U   A C2    1 
ATOM   355  O  O2    . U   A 1 17 ? 0.998   13.701  4.434   1.00 41.56 ? 17  U   A O2    1 
ATOM   356  N  N3    . U   A 1 17 ? 1.929   15.768  4.407   1.00 42.15 ? 17  U   A N3    1 
ATOM   357  C  C4    . U   A 1 17 ? 2.034   17.077  3.996   1.00 41.96 ? 17  U   A C4    1 
ATOM   358  O  O4    . U   A 1 17 ? 2.932   17.788  4.453   1.00 41.04 ? 17  U   A O4    1 
ATOM   359  C  C5    . U   A 1 17 ? 1.044   17.476  3.046   1.00 47.79 ? 17  U   A C5    1 
ATOM   360  C  C6    . U   A 1 17 ? 0.124   16.598  2.634   1.00 45.94 ? 17  U   A C6    1 
ATOM   361  P  P     . G   A 1 18 ? -5.157  15.513  4.817   1.00 46.60 ? 18  G   A P     1 
ATOM   362  O  OP1   . G   A 1 18 ? -6.430  14.814  5.137   1.00 30.84 ? 18  G   A OP1   1 
ATOM   363  O  OP2   . G   A 1 18 ? -5.163  16.923  4.344   1.00 41.24 ? 18  G   A OP2   1 
ATOM   364  O  "O5'" . G   A 1 18 ? -4.197  15.444  6.087   1.00 35.58 ? 18  G   A "O5'" 1 
ATOM   365  C  "C5'" . G   A 1 18 ? -4.639  15.895  7.356   1.00 37.44 ? 18  G   A "C5'" 1 
ATOM   366  C  "C4'" . G   A 1 18 ? -3.960  15.134  8.464   1.00 34.71 ? 18  G   A "C4'" 1 
ATOM   367  O  "O4'" . G   A 1 18 ? -4.602  13.851  8.646   1.00 32.50 ? 18  G   A "O4'" 1 
ATOM   368  C  "C3'" . G   A 1 18 ? -2.500  14.803  8.219   1.00 35.38 ? 18  G   A "C3'" 1 
ATOM   369  O  "O3'" . G   A 1 18 ? -1.659  15.883  8.573   1.00 32.42 ? 18  G   A "O3'" 1 
ATOM   370  C  "C2'" . G   A 1 18 ? -2.275  13.550  9.066   1.00 35.88 ? 18  G   A "C2'" 1 
ATOM   371  O  "O2'" . G   A 1 18 ? -2.001  13.893  10.418  1.00 33.86 ? 18  G   A "O2'" 1 
ATOM   372  C  "C1'" . G   A 1 18 ? -3.649  12.883  9.022   1.00 34.85 ? 18  G   A "C1'" 1 
ATOM   373  N  N9    . G   A 1 18 ? -3.752  11.718  8.118   1.00 35.82 ? 18  G   A N9    1 
ATOM   374  C  C8    . G   A 1 18 ? -4.429  11.636  6.925   1.00 37.70 ? 18  G   A C8    1 
ATOM   375  N  N7    . G   A 1 18 ? -4.386  10.451  6.377   1.00 33.88 ? 18  G   A N7    1 
ATOM   376  C  C5    . G   A 1 18 ? -3.656  9.694   7.281   1.00 34.54 ? 18  G   A C5    1 
ATOM   377  C  C6    . G   A 1 18 ? -3.277  8.328   7.244   1.00 34.44 ? 18  G   A C6    1 
ATOM   378  O  O6    . G   A 1 18 ? -3.522  7.478   6.375   1.00 32.60 ? 18  G   A O6    1 
ATOM   379  N  N1    . G   A 1 18 ? -2.535  7.976   8.368   1.00 35.39 ? 18  G   A N1    1 
ATOM   380  C  C2    . G   A 1 18 ? -2.195  8.827   9.396   1.00 36.53 ? 18  G   A C2    1 
ATOM   381  N  N2    . G   A 1 18 ? -1.471  8.310   10.405  1.00 34.78 ? 18  G   A N2    1 
ATOM   382  N  N3    . G   A 1 18 ? -2.548  10.098  9.435   1.00 36.41 ? 18  G   A N3    1 
ATOM   383  C  C4    . G   A 1 18 ? -3.271  10.459  8.359   1.00 34.71 ? 18  G   A C4    1 
ATOM   384  P  P     . A   A 1 19 ? -0.315  16.162  7.749   1.00 36.34 ? 19  A   A P     1 
ATOM   385  O  OP1   . A   A 1 19 ? 0.393   17.301  8.388   1.00 41.34 ? 19  A   A OP1   1 
ATOM   386  O  OP2   . A   A 1 19 ? -0.660  16.249  6.306   1.00 35.55 ? 19  A   A OP2   1 
ATOM   387  O  "O5'" . A   A 1 19 ? 0.561   14.866  8.025   1.00 33.58 ? 19  A   A "O5'" 1 
ATOM   388  C  "C5'" . A   A 1 19 ? 1.151   14.650  9.294   1.00 31.24 ? 19  A   A "C5'" 1 
ATOM   389  C  "C4'" . A   A 1 19 ? 1.726   13.264  9.401   1.00 35.58 ? 19  A   A "C4'" 1 
ATOM   390  O  "O4'" . A   A 1 19 ? 0.667   12.284  9.272   1.00 38.36 ? 19  A   A "O4'" 1 
ATOM   391  C  "C3'" . A   A 1 19 ? 2.719   12.862  8.324   1.00 35.55 ? 19  A   A "C3'" 1 
ATOM   392  O  "O3'" . A   A 1 19 ? 4.016   13.388  8.539   1.00 37.28 ? 19  A   A "O3'" 1 
ATOM   393  C  "C2'" . A   A 1 19 ? 2.654   11.341  8.374   1.00 35.38 ? 19  A   A "C2'" 1 
ATOM   394  O  "O2'" . A   A 1 19 ? 3.398   10.838  9.471   1.00 40.14 ? 19  A   A "O2'" 1 
ATOM   395  C  "C1'" . A   A 1 19 ? 1.170   11.112  8.667   1.00 37.11 ? 19  A   A "C1'" 1 
ATOM   396  N  N9    . A   A 1 19 ? 0.414   10.829  7.435   1.00 36.47 ? 19  A   A N9    1 
ATOM   397  C  C8    . A   A 1 19 ? -0.190  11.700  6.565   1.00 37.32 ? 19  A   A C8    1 
ATOM   398  N  N7    . A   A 1 19 ? -0.760  11.107  5.545   1.00 36.86 ? 19  A   A N7    1 
ATOM   399  C  C5    . A   A 1 19 ? -0.504  9.759   5.758   1.00 37.12 ? 19  A   A C5    1 
ATOM   400  C  C6    . A   A 1 19 ? -0.832  8.598   5.037   1.00 36.98 ? 19  A   A C6    1 
ATOM   401  N  N6    . A   A 1 19 ? -1.535  8.600   3.903   1.00 38.38 ? 19  A   A N6    1 
ATOM   402  N  N1    . A   A 1 19 ? -0.414  7.414   5.527   1.00 35.22 ? 19  A   A N1    1 
ATOM   403  C  C2    . A   A 1 19 ? 0.279   7.404   6.668   1.00 35.75 ? 19  A   A C2    1 
ATOM   404  N  N3    . A   A 1 19 ? 0.650   8.421   7.436   1.00 34.96 ? 19  A   A N3    1 
ATOM   405  C  C4    . A   A 1 19 ? 0.223   9.580   6.916   1.00 35.24 ? 19  A   A C4    1 
ATOM   406  P  P     . U   A 1 20 ? 4.813   14.056  7.314   1.00 45.26 ? 20  U   A P     1 
ATOM   407  O  OP1   . U   A 1 20 ? 5.997   14.794  7.823   1.00 42.41 ? 20  U   A OP1   1 
ATOM   408  O  OP2   . U   A 1 20 ? 3.825   14.728  6.432   1.00 37.68 ? 20  U   A OP2   1 
ATOM   409  O  "O5'" . U   A 1 20 ? 5.361   12.803  6.514   1.00 46.59 ? 20  U   A "O5'" 1 
ATOM   410  C  "C5'" . U   A 1 20 ? 4.823   12.468  5.245   1.00 43.08 ? 20  U   A "C5'" 1 
ATOM   411  C  "C4'" . U   A 1 20 ? 5.879   11.841  4.384   1.00 41.85 ? 20  U   A "C4'" 1 
ATOM   412  O  "O4'" . U   A 1 20 ? 5.550   12.087  2.995   1.00 46.48 ? 20  U   A "O4'" 1 
ATOM   413  C  "C3'" . U   A 1 20 ? 7.285   12.398  4.603   1.00 46.27 ? 20  U   A "C3'" 1 
ATOM   414  O  "O3'" . U   A 1 20 ? 8.247   11.350  4.469   1.00 49.56 ? 20  U   A "O3'" 1 
ATOM   415  C  "C2'" . U   A 1 20 ? 7.437   13.400  3.461   1.00 45.36 ? 20  U   A "C2'" 1 
ATOM   416  O  "O2'" . U   A 1 20 ? 8.769   13.627  3.058   1.00 50.40 ? 20  U   A "O2'" 1 
ATOM   417  C  "C1'" . U   A 1 20 ? 6.629   12.736  2.354   1.00 47.33 ? 20  U   A "C1'" 1 
ATOM   418  N  N1    . U   A 1 20 ? 6.073   13.670  1.367   1.00 47.49 ? 20  U   A N1    1 
ATOM   419  C  C2    . U   A 1 20 ? 6.559   13.590  0.079   1.00 54.63 ? 20  U   A C2    1 
ATOM   420  O  O2    . U   A 1 20 ? 7.429   12.799  -0.261  1.00 59.15 ? 20  U   A O2    1 
ATOM   421  N  N3    . U   A 1 20 ? 5.996   14.477  -0.800  1.00 53.95 ? 20  U   A N3    1 
ATOM   422  C  C4    . U   A 1 20 ? 5.018   15.408  -0.530  1.00 55.09 ? 20  U   A C4    1 
ATOM   423  O  O4    . U   A 1 20 ? 4.619   16.135  -1.443  1.00 62.18 ? 20  U   A O4    1 
ATOM   424  C  C5    . U   A 1 20 ? 4.566   15.420  0.828   1.00 49.15 ? 20  U   A C5    1 
ATOM   425  C  C6    . U   A 1 20 ? 5.097   14.570  1.709   1.00 45.31 ? 20  U   A C6    1 
ATOM   426  P  P     . G   A 1 21 ? 8.771   10.554  5.768   1.00 51.68 ? 21  G   A P     1 
ATOM   427  O  OP1   . G   A 1 21 ? 9.000   11.523  6.875   1.00 41.89 ? 21  G   A OP1   1 
ATOM   428  O  OP2   . G   A 1 21 ? 9.872   9.670   5.308   1.00 45.51 ? 21  G   A OP2   1 
ATOM   429  O  "O5'" . G   A 1 21 ? 7.546   9.628   6.192   1.00 41.04 ? 21  G   A "O5'" 1 
ATOM   430  C  "C5'" . G   A 1 21 ? 6.941   9.735   7.475   1.00 39.74 ? 21  G   A "C5'" 1 
ATOM   431  C  "C4'" . G   A 1 21 ? 5.746   8.822   7.558   1.00 42.31 ? 21  G   A "C4'" 1 
ATOM   432  O  "O4'" . G   A 1 21 ? 4.819   9.188   6.506   1.00 46.78 ? 21  G   A "O4'" 1 
ATOM   433  C  "C3'" . G   A 1 21 ? 6.062   7.349   7.333   1.00 41.03 ? 21  G   A "C3'" 1 
ATOM   434  O  "O3'" . G   A 1 21 ? 6.293   6.678   8.564   1.00 38.03 ? 21  G   A "O3'" 1 
ATOM   435  C  "C2'" . G   A 1 21 ? 4.852   6.816   6.563   1.00 39.00 ? 21  G   A "C2'" 1 
ATOM   436  O  "O2'" . G   A 1 21 ? 3.824   6.397   7.447   1.00 38.24 ? 21  G   A "O2'" 1 
ATOM   437  C  "C1'" . G   A 1 21 ? 4.365   8.053   5.814   1.00 38.24 ? 21  G   A "C1'" 1 
ATOM   438  N  N9    . G   A 1 21 ? 4.887   8.164   4.442   1.00 39.37 ? 21  G   A N9    1 
ATOM   439  C  C8    . G   A 1 21 ? 5.984   7.575   3.867   1.00 44.62 ? 21  G   A C8    1 
ATOM   440  N  N7    . G   A 1 21 ? 6.165   7.945   2.624   1.00 45.16 ? 21  G   A N7    1 
ATOM   441  C  C5    . G   A 1 21 ? 5.133   8.837   2.372   1.00 42.82 ? 21  G   A C5    1 
ATOM   442  C  C6    . G   A 1 21 ? 4.809   9.570   1.204   1.00 42.12 ? 21  G   A C6    1 
ATOM   443  O  O6    . G   A 1 21 ? 5.390   9.570   0.114   1.00 45.37 ? 21  G   A O6    1 
ATOM   444  N  N1    . G   A 1 21 ? 3.686   10.356  1.397   1.00 40.95 ? 21  G   A N1    1 
ATOM   445  C  C2    . G   A 1 21 ? 2.967   10.440  2.564   1.00 40.23 ? 21  G   A C2    1 
ATOM   446  N  N2    . G   A 1 21 ? 1.908   11.255  2.571   1.00 40.71 ? 21  G   A N2    1 
ATOM   447  N  N3    . G   A 1 21 ? 3.263   9.768   3.658   1.00 40.16 ? 21  G   A N3    1 
ATOM   448  C  C4    . G   A 1 21 ? 4.345   8.987   3.488   1.00 41.88 ? 21  G   A C4    1 
ATOM   449  P  P     . A   A 1 22 ? 7.623   5.813   8.813   1.00 49.32 ? 22  A   A P     1 
ATOM   450  O  OP1   . A   A 1 22 ? 8.700   6.339   7.930   1.00 42.91 ? 22  A   A OP1   1 
ATOM   451  O  OP2   . A   A 1 22 ? 7.240   4.375   8.716   1.00 40.84 ? 22  A   A OP2   1 
ATOM   452  O  "O5'" . A   A 1 22 ? 8.007   6.128   10.331  1.00 42.92 ? 22  A   A "O5'" 1 
ATOM   453  C  "C5'" . A   A 1 22 ? 8.210   7.463   10.781  1.00 40.51 ? 22  A   A "C5'" 1 
ATOM   454  C  "C4'" . A   A 1 22 ? 8.099   7.572   12.286  1.00 41.71 ? 22  A   A "C4'" 1 
ATOM   455  O  "O4'" . A   A 1 22 ? 6.763   7.231   12.702  1.00 37.19 ? 22  A   A "O4'" 1 
ATOM   456  C  "C3'" . A   A 1 22 ? 8.998   6.639   13.085  1.00 46.57 ? 22  A   A "C3'" 1 
ATOM   457  O  "O3'" . A   A 1 22 ? 10.282  7.194   13.338  1.00 48.56 ? 22  A   A "O3'" 1 
ATOM   458  C  "C2'" . A   A 1 22 ? 8.223   6.384   14.386  1.00 40.76 ? 22  A   A "C2'" 1 
ATOM   459  O  "O2'" . A   A 1 22 ? 8.642   7.273   15.410  1.00 46.58 ? 22  A   A "O2'" 1 
ATOM   460  C  "C1'" . A   A 1 22 ? 6.785   6.714   14.007  1.00 33.47 ? 22  A   A "C1'" 1 
ATOM   461  N  N9    . A   A 1 22 ? 5.794   5.631   14.168  1.00 32.94 ? 22  A   A N9    1 
ATOM   462  C  C8    . A   A 1 22 ? 4.902   5.164   13.237  1.00 35.83 ? 22  A   A C8    1 
ATOM   463  N  N7    . A   A 1 22 ? 4.067   4.255   13.683  1.00 31.40 ? 22  A   A N7    1 
ATOM   464  C  C5    . A   A 1 22 ? 4.410   4.131   15.013  1.00 30.61 ? 22  A   A C5    1 
ATOM   465  C  C6    . A   A 1 22 ? 3.894   3.325   16.040  1.00 32.15 ? 22  A   A C6    1 
ATOM   466  N  N6    . A   A 1 22 ? 2.888   2.464   15.881  1.00 32.93 ? 22  A   A N6    1 
ATOM   467  N  N1    . A   A 1 22 ? 4.446   3.439   17.264  1.00 33.56 ? 22  A   A N1    1 
ATOM   468  C  C2    . A   A 1 22 ? 5.450   4.310   17.425  1.00 38.25 ? 22  A   A C2    1 
ATOM   469  N  N3    . A   A 1 22 ? 6.024   5.122   16.535  1.00 39.77 ? 22  A   A N3    1 
ATOM   470  C  C4    . A   A 1 22 ? 5.452   4.985   15.330  1.00 33.96 ? 22  A   A C4    1 
ATOM   471  P  P     . G   A 1 23 ? 11.542  6.934   12.367  1.00 63.61 ? 23  G   A P     1 
ATOM   472  O  OP1   . G   A 1 23 ? 12.743  7.091   13.234  1.00 63.39 ? 23  G   A OP1   1 
ATOM   473  O  OP2   . G   A 1 23 ? 11.391  7.773   11.143  1.00 54.04 ? 23  G   A OP2   1 
ATOM   474  O  "O5'" . G   A 1 23 ? 11.446  5.400   11.944  1.00 53.95 ? 23  G   A "O5'" 1 
ATOM   475  C  "C5'" . G   A 1 23 ? 12.290  4.422   12.536  1.00 56.36 ? 23  G   A "C5'" 1 
ATOM   476  C  "C4'" . G   A 1 23 ? 11.682  3.889   13.805  1.00 50.91 ? 23  G   A "C4'" 1 
ATOM   477  O  "O4'" . G   A 1 23 ? 10.286  4.235   13.824  1.00 52.67 ? 23  G   A "O4'" 1 
ATOM   478  C  "C3'" . G   A 1 23 ? 11.696  2.379   13.980  1.00 56.72 ? 23  G   A "C3'" 1 
ATOM   479  O  "O3'" . G   A 1 23 ? 12.923  1.933   14.535  1.00 67.76 ? 23  G   A "O3'" 1 
ATOM   480  C  "C2'" . G   A 1 23 ? 10.494  2.132   14.889  1.00 57.32 ? 23  G   A "C2'" 1 
ATOM   481  O  "O2'" . G   A 1 23 ? 10.825  2.405   16.244  1.00 62.06 ? 23  G   A "O2'" 1 
ATOM   482  C  "C1'" . G   A 1 23 ? 9.530   3.220   14.435  1.00 53.49 ? 23  G   A "C1'" 1 
ATOM   483  N  N9    . G   A 1 23 ? 8.460   2.781   13.501  1.00 46.54 ? 23  G   A N9    1 
ATOM   484  C  C8    . G   A 1 23 ? 8.293   3.142   12.180  1.00 40.00 ? 23  G   A C8    1 
ATOM   485  N  N7    . G   A 1 23 ? 7.219   2.636   11.629  1.00 35.97 ? 23  G   A N7    1 
ATOM   486  C  C5    . G   A 1 23 ? 6.618   1.913   12.648  1.00 34.18 ? 23  G   A C5    1 
ATOM   487  C  C6    . G   A 1 23 ? 5.419   1.149   12.666  1.00 32.78 ? 23  G   A C6    1 
ATOM   488  O  O6    . G   A 1 23 ? 4.614   0.944   11.751  1.00 29.48 ? 23  G   A O6    1 
ATOM   489  N  N1    . G   A 1 23 ? 5.179   0.583   13.917  1.00 32.77 ? 23  G   A N1    1 
ATOM   490  C  C2    . G   A 1 23 ? 5.995   0.745   15.012  1.00 38.22 ? 23  G   A C2    1 
ATOM   491  N  N2    . G   A 1 23 ? 5.635   0.137   16.152  1.00 36.12 ? 23  G   A N2    1 
ATOM   492  N  N3    . G   A 1 23 ? 7.112   1.456   15.007  1.00 40.09 ? 23  G   A N3    1 
ATOM   493  C  C4    . G   A 1 23 ? 7.361   2.009   13.806  1.00 38.01 ? 23  G   A C4    1 
ATOM   494  P  P     . U   A 1 24 ? 13.551  0.512   14.136  1.00 62.45 ? 24  U   A P     1 
ATOM   495  O  OP1   . U   A 1 24 ? 14.944  0.543   14.650  1.00 60.07 ? 24  U   A OP1   1 
ATOM   496  O  OP2   . U   A 1 24 ? 13.304  0.266   12.690  1.00 62.16 ? 24  U   A OP2   1 
ATOM   497  O  "O5'" . U   A 1 24 ? 12.718  -0.540  15.001  1.00 50.85 ? 24  U   A "O5'" 1 
ATOM   498  C  "C5'" . U   A 1 24 ? 12.915  -0.636  16.405  1.00 48.91 ? 24  U   A "C5'" 1 
ATOM   499  C  "C4'" . U   A 1 24 ? 11.799  -1.385  17.094  1.00 49.95 ? 24  U   A "C4'" 1 
ATOM   500  O  "O4'" . U   A 1 24 ? 10.522  -0.760  16.806  1.00 48.34 ? 24  U   A "O4'" 1 
ATOM   501  C  "C3'" . U   A 1 24 ? 11.595  -2.838  16.691  1.00 49.28 ? 24  U   A "C3'" 1 
ATOM   502  O  "O3'" . U   A 1 24 ? 12.516  -3.713  17.321  1.00 49.04 ? 24  U   A "O3'" 1 
ATOM   503  C  "C2'" . U   A 1 24 ? 10.142  -3.093  17.087  1.00 46.34 ? 24  U   A "C2'" 1 
ATOM   504  O  "O2'" . U   A 1 24 ? 10.020  -3.356  18.479  1.00 45.99 ? 24  U   A "O2'" 1 
ATOM   505  C  "C1'" . U   A 1 24 ? 9.499   -1.735  16.798  1.00 46.18 ? 24  U   A "C1'" 1 
ATOM   506  N  N1    . U   A 1 24 ? 8.818   -1.700  15.484  1.00 41.38 ? 24  U   A N1    1 
ATOM   507  C  C2    . U   A 1 24 ? 7.661   -2.435  15.296  1.00 38.43 ? 24  U   A C2    1 
ATOM   508  O  O2    . U   A 1 24 ? 7.156   -3.143  16.152  1.00 42.13 ? 24  U   A O2    1 
ATOM   509  N  N3    . U   A 1 24 ? 7.114   -2.329  14.045  1.00 33.92 ? 24  U   A N3    1 
ATOM   510  C  C4    . U   A 1 24 ? 7.589   -1.569  12.996  1.00 39.20 ? 24  U   A C4    1 
ATOM   511  O  O4    . U   A 1 24 ? 7.001   -1.562  11.916  1.00 40.52 ? 24  U   A O4    1 
ATOM   512  C  C5    . U   A 1 24 ? 8.778   -0.833  13.275  1.00 42.24 ? 24  U   A C5    1 
ATOM   513  C  C6    . U   A 1 24 ? 9.331   -0.929  14.480  1.00 43.02 ? 24  U   A C6    1 
ATOM   514  P  P     . C   A 1 25 ? 13.139  -4.965  16.529  1.00 55.44 ? 25  C   A P     1 
ATOM   515  O  OP1   . C   A 1 25 ? 14.345  -5.378  17.291  1.00 53.97 ? 25  C   A OP1   1 
ATOM   516  O  OP2   . C   A 1 25 ? 13.268  -4.603  15.093  1.00 53.07 ? 25  C   A OP2   1 
ATOM   517  O  "O5'" . C   A 1 25 ? 12.028  -6.106  16.651  1.00 48.68 ? 25  C   A "O5'" 1 
ATOM   518  C  "C5'" . C   A 1 25 ? 11.434  -6.410  17.908  1.00 51.00 ? 25  C   A "C5'" 1 
ATOM   519  C  "C4'" . C   A 1 25 ? 10.129  -7.162  17.769  1.00 48.73 ? 25  C   A "C4'" 1 
ATOM   520  O  "O4'" . C   A 1 25 ? 9.060   -6.269  17.350  1.00 37.75 ? 25  C   A "O4'" 1 
ATOM   521  C  "C3'" . C   A 1 25 ? 10.087  -8.277  16.736  1.00 52.81 ? 25  C   A "C3'" 1 
ATOM   522  O  "O3'" . C   A 1 25 ? 10.739  -9.467  17.152  1.00 54.43 ? 25  C   A "O3'" 1 
ATOM   523  C  "C2'" . C   A 1 25 ? 8.591   -8.440  16.508  1.00 48.68 ? 25  C   A "C2'" 1 
ATOM   524  O  "O2'" . C   A 1 25 ? 8.001   -9.139  17.595  1.00 48.52 ? 25  C   A "O2'" 1 
ATOM   525  C  "C1'" . C   A 1 25 ? 8.119   -6.985  16.572  1.00 40.41 ? 25  C   A "C1'" 1 
ATOM   526  N  N1    . C   A 1 25 ? 8.022   -6.361  15.226  1.00 38.99 ? 25  C   A N1    1 
ATOM   527  C  C2    . C   A 1 25 ? 6.983   -6.711  14.332  1.00 40.27 ? 25  C   A C2    1 
ATOM   528  O  O2    . C   A 1 25 ? 6.140   -7.558  14.672  1.00 42.43 ? 25  C   A O2    1 
ATOM   529  N  N3    . C   A 1 25 ? 6.928   -6.119  13.108  1.00 33.39 ? 25  C   A N3    1 
ATOM   530  C  C4    . C   A 1 25 ? 7.843   -5.216  12.760  1.00 36.16 ? 25  C   A C4    1 
ATOM   531  N  N4    . C   A 1 25 ? 7.770   -4.652  11.552  1.00 31.33 ? 25  C   A N4    1 
ATOM   532  C  C5    . C   A 1 25 ? 8.898   -4.848  13.642  1.00 40.23 ? 25  C   A C5    1 
ATOM   533  C  C6    . C   A 1 25 ? 8.944   -5.431  14.847  1.00 38.90 ? 25  C   A C6    1 
ATOM   534  P  P     . G   A 1 26 ? 11.366  -10.465 16.056  1.00 69.89 ? 26  G   A P     1 
ATOM   535  O  OP1   . G   A 1 26 ? 12.023  -11.605 16.750  1.00 62.19 ? 26  G   A OP1   1 
ATOM   536  O  OP2   . G   A 1 26 ? 12.138  -9.646  15.084  1.00 60.66 ? 26  G   A OP2   1 
ATOM   537  O  "O5'" . G   A 1 26 ? 10.096  -11.072 15.315  1.00 49.15 ? 26  G   A "O5'" 1 
ATOM   538  C  "C5'" . G   A 1 26 ? 9.236   -11.978 15.984  1.00 44.77 ? 26  G   A "C5'" 1 
ATOM   539  C  "C4'" . G   A 1 26 ? 8.038   -12.302 15.138  1.00 47.99 ? 26  G   A "C4'" 1 
ATOM   540  O  "O4'" . G   A 1 26 ? 7.353   -11.075 14.783  1.00 53.28 ? 26  G   A "O4'" 1 
ATOM   541  C  "C3'" . G   A 1 26 ? 8.330   -12.957 13.799  1.00 48.75 ? 26  G   A "C3'" 1 
ATOM   542  O  "O3'" . G   A 1 26 ? 8.572   -14.351 13.903  1.00 53.44 ? 26  G   A "O3'" 1 
ATOM   543  C  "C2'" . G   A 1 26 ? 7.089   -12.608 12.986  1.00 42.03 ? 26  G   A "C2'" 1 
ATOM   544  O  "O2'" . G   A 1 26 ? 6.012   -13.456 13.346  1.00 39.80 ? 26  G   A "O2'" 1 
ATOM   545  C  "C1'" . G   A 1 26 ? 6.775   -11.202 13.500  1.00 45.22 ? 26  G   A "C1'" 1 
ATOM   546  N  N9    . G   A 1 26 ? 7.302   -10.131 12.626  1.00 39.85 ? 26  G   A N9    1 
ATOM   547  C  C8    . G   A 1 26 ? 8.280   -9.213  12.925  1.00 39.45 ? 26  G   A C8    1 
ATOM   548  N  N7    . G   A 1 26 ? 8.520   -8.380  11.944  1.00 37.31 ? 26  G   A N7    1 
ATOM   549  C  C5    . G   A 1 26 ? 7.640   -8.768  10.941  1.00 34.20 ? 26  G   A C5    1 
ATOM   550  C  C6    . G   A 1 26 ? 7.425   -8.245  9.636   1.00 32.94 ? 26  G   A C6    1 
ATOM   551  O  O6    . G   A 1 26 ? 7.996   -7.299  9.080   1.00 31.33 ? 26  G   A O6    1 
ATOM   552  N  N1    . G   A 1 26 ? 6.432   -8.940  8.955   1.00 29.80 ? 26  G   A N1    1 
ATOM   553  C  C2    . G   A 1 26 ? 5.736   -10.002 9.460   1.00 32.47 ? 26  G   A C2    1 
ATOM   554  N  N2    . G   A 1 26 ? 4.817   -10.567 8.669   1.00 34.74 ? 26  G   A N2    1 
ATOM   555  N  N3    . G   A 1 26 ? 5.925   -10.497 10.671  1.00 35.24 ? 26  G   A N3    1 
ATOM   556  C  C4    . G   A 1 26 ? 6.881   -9.838  11.351  1.00 35.15 ? 26  G   A C4    1 
ATOM   557  P  P     . C   A 1 27 ? 9.619   -15.073 12.915  1.00 60.42 ? 27  C   A P     1 
ATOM   558  O  OP1   . C   A 1 27 ? 9.858   -16.441 13.438  1.00 63.30 ? 27  C   A OP1   1 
ATOM   559  O  OP2   . C   A 1 27 ? 10.784  -14.178 12.683  1.00 50.86 ? 27  C   A OP2   1 
ATOM   560  O  "O5'" . C   A 1 27 ? 8.819   -15.203 11.544  1.00 46.64 ? 27  C   A "O5'" 1 
ATOM   561  C  "C5'" . C   A 1 27 ? 7.617   -15.953 11.477  1.00 45.01 ? 27  C   A "C5'" 1 
ATOM   562  C  "C4'" . C   A 1 27 ? 7.010   -15.898 10.099  1.00 42.84 ? 27  C   A "C4'" 1 
ATOM   563  O  "O4'" . C   A 1 27 ? 6.457   -14.577 9.862   1.00 42.78 ? 27  C   A "O4'" 1 
ATOM   564  C  "C3'" . C   A 1 27 ? 7.971   -16.099 8.941   1.00 43.69 ? 27  C   A "C3'" 1 
ATOM   565  O  "O3'" . C   A 1 27 ? 8.290   -17.459 8.693   1.00 46.20 ? 27  C   A "O3'" 1 
ATOM   566  C  "C2'" . C   A 1 27 ? 7.239   -15.416 7.795   1.00 41.17 ? 27  C   A "C2'" 1 
ATOM   567  O  "O2'" . C   A 1 27 ? 6.160   -16.222 7.350   1.00 45.28 ? 27  C   A "O2'" 1 
ATOM   568  C  "C1'" . C   A 1 27 ? 6.642   -14.214 8.511   1.00 36.58 ? 27  C   A "C1'" 1 
ATOM   569  N  N1    . C   A 1 27 ? 7.520   -13.021 8.463   1.00 37.48 ? 27  C   A N1    1 
ATOM   570  C  C2    . C   A 1 27 ? 7.578   -12.240 7.298   1.00 36.64 ? 27  C   A C2    1 
ATOM   571  O  O2    . C   A 1 27 ? 6.907   -12.584 6.311   1.00 36.94 ? 27  C   A O2    1 
ATOM   572  N  N3    . C   A 1 27 ? 8.378   -11.143 7.278   1.00 31.56 ? 27  C   A N3    1 
ATOM   573  C  C4    . C   A 1 27 ? 9.091   -10.820 8.359   1.00 32.30 ? 27  C   A C4    1 
ATOM   574  N  N4    . C   A 1 27 ? 9.867   -9.736  8.312   1.00 32.56 ? 27  C   A N4    1 
ATOM   575  C  C5    . C   A 1 27 ? 9.044   -11.590 9.553   1.00 35.01 ? 27  C   A C5    1 
ATOM   576  C  C6    . C   A 1 27 ? 8.254   -12.666 9.562   1.00 36.34 ? 27  C   A C6    1 
ATOM   577  P  P     . U   A 1 28 ? 9.666   -17.840 7.954   1.00 52.39 ? 28  U   A P     1 
ATOM   578  O  OP1   . U   A 1 28 ? 9.771   -19.322 7.904   1.00 51.95 ? 28  U   A OP1   1 
ATOM   579  O  OP2   . U   A 1 28 ? 10.761  -17.023 8.549   1.00 40.43 ? 28  U   A OP2   1 
ATOM   580  O  "O5'" . U   A 1 28 ? 9.458   -17.335 6.456   1.00 45.43 ? 28  U   A "O5'" 1 
ATOM   581  C  "C5'" . U   A 1 28 ? 8.441   -17.882 5.629   1.00 39.11 ? 28  U   A "C5'" 1 
ATOM   582  C  "C4'" . U   A 1 28 ? 8.455   -17.232 4.272   1.00 40.07 ? 28  U   A "C4'" 1 
ATOM   583  O  "O4'" . U   A 1 28 ? 8.099   -15.834 4.401   1.00 44.13 ? 28  U   A "O4'" 1 
ATOM   584  C  "C3'" . U   A 1 28 ? 9.807   -17.209 3.581   1.00 42.36 ? 28  U   A "C3'" 1 
ATOM   585  O  "O3'" . U   A 1 28 ? 10.093  -18.421 2.910   1.00 42.72 ? 28  U   A "O3'" 1 
ATOM   586  C  "C2'" . U   A 1 28 ? 9.695   -16.011 2.647   1.00 41.43 ? 28  U   A "C2'" 1 
ATOM   587  O  "O2'" . U   A 1 28 ? 8.987   -16.363 1.468   1.00 46.68 ? 28  U   A "O2'" 1 
ATOM   588  C  "C1'" . U   A 1 28 ? 8.824   -15.061 3.466   1.00 41.86 ? 28  U   A "C1'" 1 
ATOM   589  N  N1    . U   A 1 28 ? 9.605   -14.036 4.199   1.00 39.39 ? 28  U   A N1    1 
ATOM   590  C  C2    . U   A 1 28 ? 9.984   -12.893 3.514   1.00 35.32 ? 28  U   A C2    1 
ATOM   591  O  O2    . U   A 1 28 ? 9.723   -12.696 2.341   1.00 31.80 ? 28  U   A O2    1 
ATOM   592  N  N3    . U   A 1 28 ? 10.692  -11.980 4.250   1.00 31.93 ? 28  U   A N3    1 
ATOM   593  C  C4    . U   A 1 28 ? 11.045  -12.089 5.578   1.00 33.06 ? 28  U   A C4    1 
ATOM   594  O  O4    . U   A 1 28 ? 11.678  -11.175 6.105   1.00 36.10 ? 28  U   A O4    1 
ATOM   595  C  C5    . U   A 1 28 ? 10.612  -13.292 6.219   1.00 33.37 ? 28  U   A C5    1 
ATOM   596  C  C6    . U   A 1 28 ? 9.922   -14.202 5.527   1.00 35.35 ? 28  U   A C6    1 
ATOM   597  P  P     . G   A 1 29 ? 11.553  -19.075 3.021   1.00 50.54 ? 29  G   A P     1 
ATOM   598  O  OP1   . G   A 1 29 ? 11.538  -20.320 2.210   1.00 56.17 ? 29  G   A OP1   1 
ATOM   599  O  OP2   . G   A 1 29 ? 11.957  -19.123 4.451   1.00 47.83 ? 29  G   A OP2   1 
ATOM   600  O  "O5'" . G   A 1 29 ? 12.496  -18.029 2.285   1.00 41.65 ? 29  G   A "O5'" 1 
ATOM   601  C  "C5'" . G   A 1 29 ? 12.292  -17.722 0.917   1.00 37.84 ? 29  G   A "C5'" 1 
ATOM   602  C  "C4'" . G   A 1 29 ? 13.012  -16.461 0.522   1.00 40.09 ? 29  G   A "C4'" 1 
ATOM   603  O  "O4'" . G   A 1 29 ? 12.434  -15.315 1.204   1.00 42.02 ? 29  G   A "O4'" 1 
ATOM   604  C  "C3'" . G   A 1 29 ? 14.484  -16.380 0.885   1.00 38.05 ? 29  G   A "C3'" 1 
ATOM   605  O  "O3'" . G   A 1 29 ? 15.325  -17.152 0.039   1.00 45.24 ? 29  G   A "O3'" 1 
ATOM   606  C  "C2'" . G   A 1 29 ? 14.734  -14.879 0.826   1.00 34.76 ? 29  G   A "C2'" 1 
ATOM   607  O  "O2'" . G   A 1 29 ? 14.806  -14.429 -0.520  1.00 37.67 ? 29  G   A "O2'" 1 
ATOM   608  C  "C1'" . G   A 1 29 ? 13.436  -14.346 1.437   1.00 35.55 ? 29  G   A "C1'" 1 
ATOM   609  N  N9    . G   A 1 29 ? 13.604  -14.154 2.886   1.00 34.19 ? 29  G   A N9    1 
ATOM   610  C  C8    . G   A 1 29 ? 13.388  -15.055 3.897   1.00 36.59 ? 29  G   A C8    1 
ATOM   611  N  N7    . G   A 1 29 ? 13.676  -14.570 5.074   1.00 36.10 ? 29  G   A N7    1 
ATOM   612  C  C5    . G   A 1 29 ? 14.116  -13.283 4.817   1.00 30.70 ? 29  G   A C5    1 
ATOM   613  C  C6    . G   A 1 29 ? 14.563  -12.273 5.698   1.00 36.89 ? 29  G   A C6    1 
ATOM   614  O  O6    . G   A 1 29 ? 14.652  -12.321 6.933   1.00 48.52 ? 29  G   A O6    1 
ATOM   615  N  N1    . G   A 1 29 ? 14.921  -11.116 5.013   1.00 32.34 ? 29  G   A N1    1 
ATOM   616  C  C2    . G   A 1 29 ? 14.845  -10.953 3.658   1.00 28.02 ? 29  G   A C2    1 
ATOM   617  N  N2    . G   A 1 29 ? 15.224  -9.765  3.183   1.00 25.99 ? 29  G   A N2    1 
ATOM   618  N  N3    . G   A 1 29 ? 14.430  -11.886 2.827   1.00 30.59 ? 29  G   A N3    1 
ATOM   619  C  C4    . G   A 1 29 ? 14.087  -13.015 3.474   1.00 30.87 ? 29  G   A C4    1 
ATOM   620  P  P     . G   A 1 30 ? 16.531  -18.021 0.663   1.00 45.71 ? 30  G   A P     1 
ATOM   621  O  OP1   . G   A 1 30 ? 17.176  -18.765 -0.447  1.00 38.40 ? 30  G   A OP1   1 
ATOM   622  O  OP2   . G   A 1 30 ? 16.013  -18.735 1.862   1.00 36.54 ? 30  G   A OP2   1 
ATOM   623  O  "O5'" . G   A 1 30 ? 17.594  -16.930 1.132   1.00 39.16 ? 30  G   A "O5'" 1 
ATOM   624  C  "C5'" . G   A 1 30 ? 18.822  -17.303 1.741   1.00 34.73 ? 30  G   A "C5'" 1 
ATOM   625  C  "C4'" . G   A 1 30 ? 19.835  -16.188 1.647   1.00 31.61 ? 30  G   A "C4'" 1 
ATOM   626  O  "O4'" . G   A 1 30 ? 20.205  -16.010 0.264   1.00 32.45 ? 30  G   A "O4'" 1 
ATOM   627  C  "C3'" . G   A 1 30 ? 19.338  -14.818 2.077   1.00 33.98 ? 30  G   A "C3'" 1 
ATOM   628  O  "O3'" . G   A 1 30 ? 19.438  -14.609 3.469   1.00 31.15 ? 30  G   A "O3'" 1 
ATOM   629  C  "C2'" . G   A 1 30 ? 20.191  -13.858 1.261   1.00 32.13 ? 30  G   A "C2'" 1 
ATOM   630  O  "O2'" . G   A 1 30 ? 21.466  -13.693 1.858   1.00 35.67 ? 30  G   A "O2'" 1 
ATOM   631  C  "C1'" . G   A 1 30 ? 20.392  -14.643 -0.021  1.00 30.91 ? 30  G   A "C1'" 1 
ATOM   632  N  N9    . G   A 1 30 ? 19.489  -14.275 -1.122  1.00 29.81 ? 30  G   A N9    1 
ATOM   633  C  C8    . G   A 1 30 ? 18.494  -15.062 -1.634  1.00 30.75 ? 30  G   A C8    1 
ATOM   634  N  N7    . G   A 1 30 ? 17.900  -14.516 -2.658  1.00 34.80 ? 30  G   A N7    1 
ATOM   635  C  C5    . G   A 1 30 ? 18.561  -13.311 -2.838  1.00 27.75 ? 30  G   A C5    1 
ATOM   636  C  C6    . G   A 1 30 ? 18.350  -12.295 -3.795  1.00 29.75 ? 30  G   A C6    1 
ATOM   637  O  O6    . G   A 1 30 ? 17.509  -12.264 -4.703  1.00 37.60 ? 30  G   A O6    1 
ATOM   638  N  N1    . G   A 1 30 ? 19.233  -11.240 -3.624  1.00 28.51 ? 30  G   A N1    1 
ATOM   639  C  C2    . G   A 1 30 ? 20.193  -11.175 -2.648  1.00 31.40 ? 30  G   A C2    1 
ATOM   640  N  N2    . G   A 1 30 ? 20.952  -10.069 -2.641  1.00 31.56 ? 30  G   A N2    1 
ATOM   641  N  N3    . G   A 1 30 ? 20.397  -12.118 -1.744  1.00 31.40 ? 30  G   A N3    1 
ATOM   642  C  C4    . G   A 1 30 ? 19.548  -13.151 -1.903  1.00 29.53 ? 30  G   A C4    1 
ATOM   643  P  P     . G   A 1 31 ? 18.267  -13.809 4.198   1.00 31.29 ? 31  G   A P     1 
ATOM   644  O  OP1   . G   A 1 31 ? 18.489  -13.779 5.668   1.00 35.58 ? 31  G   A OP1   1 
ATOM   645  O  OP2   . G   A 1 31 ? 17.024  -14.414 3.647   1.00 34.36 ? 31  G   A OP2   1 
ATOM   646  O  "O5'" . G   A 1 31 ? 18.420  -12.331 3.627   1.00 26.93 ? 31  G   A "O5'" 1 
ATOM   647  C  "C5'" . G   A 1 31 ? 19.393  -11.439 4.145   1.00 27.91 ? 31  G   A "C5'" 1 
ATOM   648  C  "C4'" . G   A 1 31 ? 19.486  -10.207 3.286   1.00 28.46 ? 31  G   A "C4'" 1 
ATOM   649  O  "O4'" . G   A 1 31 ? 19.524  -10.626 1.908   1.00 32.63 ? 31  G   A "O4'" 1 
ATOM   650  C  "C3'" . G   A 1 31 ? 18.302  -9.259  3.367   1.00 26.54 ? 31  G   A "C3'" 1 
ATOM   651  O  "O3'" . G   A 1 31 ? 18.445  -8.318  4.412   1.00 27.32 ? 31  G   A "O3'" 1 
ATOM   652  C  "C2'" . G   A 1 31 ? 18.262  -8.619  1.983   1.00 27.50 ? 31  G   A "C2'" 1 
ATOM   653  O  "O2'" . G   A 1 31 ? 19.187  -7.548  1.896   1.00 29.17 ? 31  G   A "O2'" 1 
ATOM   654  C  "C1'" . G   A 1 31 ? 18.780  -9.746  1.101   1.00 28.66 ? 31  G   A "C1'" 1 
ATOM   655  N  N9    . G   A 1 31 ? 17.729  -10.534 0.440   1.00 27.93 ? 31  G   A N9    1 
ATOM   656  C  C8    . G   A 1 31 ? 17.187  -11.707 0.900   1.00 27.59 ? 31  G   A C8    1 
ATOM   657  N  N7    . G   A 1 31 ? 16.306  -12.207 0.082   1.00 27.15 ? 31  G   A N7    1 
ATOM   658  C  C5    . G   A 1 31 ? 16.291  -11.326 -0.984  1.00 25.55 ? 31  G   A C5    1 
ATOM   659  C  C6    . G   A 1 31 ? 15.526  -11.351 -2.165  1.00 27.10 ? 31  G   A C6    1 
ATOM   660  O  O6    . G   A 1 31 ? 14.690  -12.196 -2.492  1.00 35.58 ? 31  G   A O6    1 
ATOM   661  N  N1    . G   A 1 31 ? 15.794  -10.266 -2.990  1.00 25.59 ? 31  G   A N1    1 
ATOM   662  C  C2    . G   A 1 31 ? 16.705  -9.282  -2.692  1.00 26.79 ? 31  G   A C2    1 
ATOM   663  N  N2    . G   A 1 31 ? 16.846  -8.305  -3.594  1.00 28.73 ? 31  G   A N2    1 
ATOM   664  N  N3    . G   A 1 31 ? 17.427  -9.243  -1.589  1.00 26.23 ? 31  G   A N3    1 
ATOM   665  C  C4    . G   A 1 31 ? 17.165  -10.290 -0.786  1.00 26.79 ? 31  G   A C4    1 
ATOM   666  P  P     . A   A 1 32 ? 17.490  -8.398  5.697   1.00 38.18 ? 32  A   A P     1 
ATOM   667  O  OP1   . A   A 1 32 ? 17.921  -7.380  6.691   1.00 26.90 ? 32  A   A OP1   1 
ATOM   668  O  OP2   . A   A 1 32 ? 17.367  -9.831  6.079   1.00 32.08 ? 32  A   A OP2   1 
ATOM   669  O  "O5'" . A   A 1 32 ? 16.074  -7.952  5.129   1.00 40.42 ? 32  A   A "O5'" 1 
ATOM   670  C  "C5'" . A   A 1 32 ? 15.392  -6.833  5.672   1.00 34.34 ? 32  A   A "C5'" 1 
ATOM   671  C  "C4'" . A   A 1 32 ? 14.974  -5.869  4.594   1.00 36.07 ? 32  A   A "C4'" 1 
ATOM   672  O  "O4'" . A   A 1 32 ? 14.413  -6.610  3.477   1.00 33.29 ? 32  A   A "O4'" 1 
ATOM   673  C  "C3'" . A   A 1 32 ? 13.894  -4.885  5.023   1.00 42.38 ? 32  A   A "C3'" 1 
ATOM   674  O  "O3'" . A   A 1 32 ? 14.031  -3.697  4.253   1.00 41.14 ? 32  A   A "O3'" 1 
ATOM   675  C  "C2'" . A   A 1 32 ? 12.623  -5.603  4.601   1.00 39.36 ? 32  A   A "C2'" 1 
ATOM   676  O  "O2'" . A   A 1 32 ? 11.497  -4.766  4.453   1.00 43.09 ? 32  A   A "O2'" 1 
ATOM   677  C  "C1'" . A   A 1 32 ? 13.068  -6.215  3.277   1.00 33.51 ? 32  A   A "C1'" 1 
ATOM   678  N  N9    . A   A 1 32 ? 12.294  -7.383  2.876   1.00 26.92 ? 32  A   A N9    1 
ATOM   679  C  C8    . A   A 1 32 ? 12.073  -8.528  3.591   1.00 30.09 ? 32  A   A C8    1 
ATOM   680  N  N7    . A   A 1 32 ? 11.333  -9.401  2.958   1.00 29.82 ? 32  A   A N7    1 
ATOM   681  C  C5    . A   A 1 32 ? 11.055  -8.777  1.753   1.00 26.27 ? 32  A   A C5    1 
ATOM   682  C  C6    . A   A 1 32 ? 10.313  -9.179  0.639   1.00 26.51 ? 32  A   A C6    1 
ATOM   683  N  N6    . A   A 1 32 ? 9.696   -10.358 0.568   1.00 27.48 ? 32  A   A N6    1 
ATOM   684  N  N1    . A   A 1 32 ? 10.236  -8.328  -0.407  1.00 27.12 ? 32  A   A N1    1 
ATOM   685  C  C2    . A   A 1 32 ? 10.859  -7.148  -0.323  1.00 26.37 ? 32  A   A C2    1 
ATOM   686  N  N3    . A   A 1 32 ? 11.589  -6.661  0.677   1.00 28.41 ? 32  A   A N3    1 
ATOM   687  C  C4    . A   A 1 32 ? 11.644  -7.536  1.689   1.00 25.45 ? 32  A   A C4    1 
ATOM   688  P  P     . U   A 1 33 ? 13.886  -2.272  4.958   1.00 49.07 ? 33  U   A P     1 
ATOM   689  O  OP1   . U   A 1 33 ? 15.257  -1.709  5.119   1.00 43.17 ? 33  U   A OP1   1 
ATOM   690  O  OP2   . U   A 1 33 ? 12.971  -2.462  6.120   1.00 39.17 ? 33  U   A OP2   1 
ATOM   691  O  "O5'" . U   A 1 33 ? 13.124  -1.389  3.874   1.00 53.32 ? 33  U   A "O5'" 1 
ATOM   692  C  "C5'" . U   A 1 33 ? 11.705  -1.430  3.769   1.00 46.96 ? 33  U   A "C5'" 1 
ATOM   693  C  "C4'" . U   A 1 33 ? 11.236  -1.155  2.360   1.00 41.63 ? 33  U   A "C4'" 1 
ATOM   694  O  "O4'" . U   A 1 33 ? 12.383  -1.100  1.469   1.00 44.24 ? 33  U   A "O4'" 1 
ATOM   695  C  "C3'" . U   A 1 33 ? 10.308  -2.213  1.782   1.00 41.62 ? 33  U   A "C3'" 1 
ATOM   696  O  "O3'" . U   A 1 33 ? 9.414   -1.592  0.866   1.00 43.27 ? 33  U   A "O3'" 1 
ATOM   697  C  "C2'" . U   A 1 33 ? 11.270  -3.111  1.019   1.00 41.71 ? 33  U   A "C2'" 1 
ATOM   698  O  "O2'" . U   A 1 33 ? 10.685  -3.879  -0.011  1.00 43.62 ? 33  U   A "O2'" 1 
ATOM   699  C  "C1'" . U   A 1 33 ? 12.255  -2.091  0.467   1.00 42.47 ? 33  U   A "C1'" 1 
ATOM   700  N  N1    . U   A 1 33 ? 13.577  -2.663  0.198   1.00 46.56 ? 33  U   A N1    1 
ATOM   701  C  C2    . U   A 1 33 ? 14.019  -2.666  -1.108  1.00 48.87 ? 33  U   A C2    1 
ATOM   702  O  O2    . U   A 1 33 ? 13.354  -2.193  -2.020  1.00 49.03 ? 33  U   A O2    1 
ATOM   703  N  N3    . U   A 1 33 ? 15.263  -3.235  -1.289  1.00 46.88 ? 33  U   A N3    1 
ATOM   704  C  C4    . U   A 1 33 ? 16.075  -3.789  -0.313  1.00 44.15 ? 33  U   A C4    1 
ATOM   705  O  O4    . U   A 1 33 ? 17.167  -4.264  -0.615  1.00 44.51 ? 33  U   A O4    1 
ATOM   706  C  C5    . U   A 1 33 ? 15.536  -3.751  1.011   1.00 46.74 ? 33  U   A C5    1 
ATOM   707  C  C6    . U   A 1 33 ? 14.331  -3.206  1.211   1.00 48.44 ? 33  U   A C6    1 
ATOM   708  P  P     . G   A 1 34 ? 7.833   -1.745  1.074   1.00 46.81 ? 34  G   A P     1 
ATOM   709  O  OP1   . G   A 1 34 ? 7.189   -0.842  0.087   1.00 49.09 ? 34  G   A OP1   1 
ATOM   710  O  OP2   . G   A 1 34 ? 7.535   -1.618  2.527   1.00 36.57 ? 34  G   A OP2   1 
ATOM   711  O  "O5'" . G   A 1 34 ? 7.543   -3.267  0.697   1.00 42.60 ? 34  G   A "O5'" 1 
ATOM   712  C  "C5'" . G   A 1 34 ? 7.177   -3.653  -0.618  1.00 36.83 ? 34  G   A "C5'" 1 
ATOM   713  C  "C4'" . G   A 1 34 ? 6.684   -5.076  -0.634  1.00 33.84 ? 34  G   A "C4'" 1 
ATOM   714  O  "O4'" . G   A 1 34 ? 7.767   -5.956  -0.258  1.00 33.71 ? 34  G   A "O4'" 1 
ATOM   715  C  "C3'" . G   A 1 34 ? 5.570   -5.398  0.352   1.00 37.36 ? 34  G   A "C3'" 1 
ATOM   716  O  "O3'" . G   A 1 34 ? 4.289   -5.085  -0.176  1.00 44.43 ? 34  G   A "O3'" 1 
ATOM   717  C  "C2'" . G   A 1 34 ? 5.765   -6.886  0.628   1.00 36.11 ? 34  G   A "C2'" 1 
ATOM   718  O  "O2'" . G   A 1 34 ? 5.156   -7.680  -0.382  1.00 35.33 ? 34  G   A "O2'" 1 
ATOM   719  C  "C1'" . G   A 1 34 ? 7.283   -7.033  0.510   1.00 31.68 ? 34  G   A "C1'" 1 
ATOM   720  N  N9    . G   A 1 34 ? 7.977   -7.012  1.810   1.00 28.15 ? 34  G   A N9    1 
ATOM   721  C  C8    . G   A 1 34 ? 8.804   -6.011  2.250   1.00 28.71 ? 34  G   A C8    1 
ATOM   722  N  N7    . G   A 1 34 ? 9.314   -6.254  3.425   1.00 29.85 ? 34  G   A N7    1 
ATOM   723  C  C5    . G   A 1 34 ? 8.798   -7.492  3.777   1.00 28.65 ? 34  G   A C5    1 
ATOM   724  C  C6    . G   A 1 34 ? 8.998   -8.269  4.947   1.00 29.90 ? 34  G   A C6    1 
ATOM   725  O  O6    . G   A 1 34 ? 9.693   -7.995  5.932   1.00 34.34 ? 34  G   A O6    1 
ATOM   726  N  N1    . G   A 1 34 ? 8.290   -9.463  4.913   1.00 26.39 ? 34  G   A N1    1 
ATOM   727  C  C2    . G   A 1 34 ? 7.492   -9.854  3.870   1.00 30.54 ? 34  G   A C2    1 
ATOM   728  N  N2    . G   A 1 34 ? 6.882   -11.042 3.995   1.00 36.02 ? 34  G   A N2    1 
ATOM   729  N  N3    . G   A 1 34 ? 7.299   -9.143  2.766   1.00 29.66 ? 34  G   A N3    1 
ATOM   730  C  C4    . G   A 1 34 ? 7.978   -7.979  2.784   1.00 28.39 ? 34  G   A C4    1 
ATOM   731  P  P     . C   A 1 35 ? 3.101   -4.546  0.766   1.00 46.89 ? 35  C   A P     1 
ATOM   732  O  OP1   . C   A 1 35 ? 1.945   -4.326  -0.136  1.00 42.79 ? 35  C   A OP1   1 
ATOM   733  O  OP2   . C   A 1 35 ? 3.593   -3.422  1.610   1.00 41.95 ? 35  C   A OP2   1 
ATOM   734  O  "O5'" . C   A 1 35 ? 2.738   -5.795  1.689   1.00 35.64 ? 35  C   A "O5'" 1 
ATOM   735  C  "C5'" . C   A 1 35 ? 1.974   -6.873  1.172   1.00 34.87 ? 35  C   A "C5'" 1 
ATOM   736  C  "C4'" . C   A 1 35 ? 1.909   -8.032  2.134   1.00 39.70 ? 35  C   A "C4'" 1 
ATOM   737  O  "O4'" . C   A 1 35 ? 3.244   -8.518  2.424   1.00 42.45 ? 35  C   A "O4'" 1 
ATOM   738  C  "C3'" . C   A 1 35 ? 1.324   -7.736  3.503   1.00 40.32 ? 35  C   A "C3'" 1 
ATOM   739  O  "O3'" . C   A 1 35 ? -0.091  -7.702  3.493   1.00 42.08 ? 35  C   A "O3'" 1 
ATOM   740  C  "C2'" . C   A 1 35 ? 1.908   -8.849  4.363   1.00 37.45 ? 35  C   A "C2'" 1 
ATOM   741  O  "O2'" . C   A 1 35 ? 1.202   -10.066 4.164   1.00 42.22 ? 35  C   A "O2'" 1 
ATOM   742  C  "C1'" . C   A 1 35 ? 3.299   -9.008  3.750   1.00 36.68 ? 35  C   A "C1'" 1 
ATOM   743  N  N1    . C   A 1 35 ? 4.331   -8.253  4.485   1.00 31.08 ? 35  C   A N1    1 
ATOM   744  C  C2    . C   A 1 35 ? 4.781   -8.731  5.715   1.00 31.27 ? 35  C   A C2    1 
ATOM   745  O  O2    . C   A 1 35 ? 4.294   -9.779  6.157   1.00 29.88 ? 35  C   A O2    1 
ATOM   746  N  N3    . C   A 1 35 ? 5.732   -8.027  6.377   1.00 29.05 ? 35  C   A N3    1 
ATOM   747  C  C4    . C   A 1 35 ? 6.224   -6.903  5.847   1.00 30.09 ? 35  C   A C4    1 
ATOM   748  N  N4    . C   A 1 35 ? 7.162   -6.234  6.516   1.00 32.17 ? 35  C   A N4    1 
ATOM   749  C  C5    . C   A 1 35 ? 5.784   -6.399  4.595   1.00 31.22 ? 35  C   A C5    1 
ATOM   750  C  C6    . C   A 1 35 ? 4.847   -7.107  3.954   1.00 34.47 ? 35  C   A C6    1 
ATOM   751  P  P     . G   A 1 36 ? -0.872  -6.592  4.348   1.00 53.59 ? 36  G   A P     1 
ATOM   752  O  OP1   . G   A 1 36 ? -2.276  -6.637  3.863   1.00 50.28 ? 36  G   A OP1   1 
ATOM   753  O  OP2   . G   A 1 36 ? -0.119  -5.308  4.309   1.00 41.05 ? 36  G   A OP2   1 
ATOM   754  O  "O5'" . G   A 1 36 ? -0.806  -7.144  5.843   1.00 44.72 ? 36  G   A "O5'" 1 
ATOM   755  C  "C5'" . G   A 1 36 ? -1.409  -8.386  6.172   1.00 44.31 ? 36  G   A "C5'" 1 
ATOM   756  C  "C4'" . G   A 1 36 ? -0.896  -8.953  7.474   1.00 43.47 ? 36  G   A "C4'" 1 
ATOM   757  O  "O4'" . G   A 1 36 ? 0.537   -9.165  7.407   1.00 41.39 ? 36  G   A "O4'" 1 
ATOM   758  C  "C3'" . G   A 1 36 ? -1.062  -8.095  8.714   1.00 43.90 ? 36  G   A "C3'" 1 
ATOM   759  O  "O3'" . G   A 1 36 ? -2.386  -8.063  9.220   1.00 44.05 ? 36  G   A "O3'" 1 
ATOM   760  C  "C2'" . G   A 1 36 ? -0.047  -8.718  9.664   1.00 40.87 ? 36  G   A "C2'" 1 
ATOM   761  O  "O2'" . G   A 1 36 ? -0.526  -9.949  10.182  1.00 40.00 ? 36  G   A "O2'" 1 
ATOM   762  C  "C1'" . G   A 1 36 ? 1.095   -9.032  8.701   1.00 35.62 ? 36  G   A "C1'" 1 
ATOM   763  N  N9    . G   A 1 36 ? 2.100   -7.961  8.689   1.00 30.92 ? 36  G   A N9    1 
ATOM   764  C  C8    . G   A 1 36 ? 2.370   -7.049  7.698   1.00 34.59 ? 36  G   A C8    1 
ATOM   765  N  N7    . G   A 1 36 ? 3.340   -6.226  8.015   1.00 31.45 ? 36  G   A N7    1 
ATOM   766  C  C5    . G   A 1 36 ? 3.721   -6.629  9.286   1.00 30.31 ? 36  G   A C5    1 
ATOM   767  C  C6    . G   A 1 36 ? 4.723   -6.122  10.144  1.00 31.85 ? 36  G   A C6    1 
ATOM   768  O  O6    . G   A 1 36 ? 5.497   -5.185  9.930   1.00 32.62 ? 36  G   A O6    1 
ATOM   769  N  N1    . G   A 1 36 ? 4.780   -6.823  11.345  1.00 32.48 ? 36  G   A N1    1 
ATOM   770  C  C2    . G   A 1 36 ? 3.974   -7.888  11.677  1.00 36.34 ? 36  G   A C2    1 
ATOM   771  N  N2    . G   A 1 36 ? 4.170   -8.447  12.884  1.00 38.88 ? 36  G   A N2    1 
ATOM   772  N  N3    . G   A 1 36 ? 3.033   -8.373  10.880  1.00 34.82 ? 36  G   A N3    1 
ATOM   773  C  C4    . G   A 1 36 ? 2.968   -7.698  9.713   1.00 31.75 ? 36  G   A C4    1 
ATOM   774  P  P     . A   A 1 37 ? -2.977  -6.694  9.827   1.00 48.20 ? 37  A   A P     1 
ATOM   775  O  OP1   . A   A 1 37 ? -4.435  -6.902  10.039  1.00 47.97 ? 37  A   A OP1   1 
ATOM   776  O  OP2   . A   A 1 37 ? -2.534  -5.561  8.974   1.00 42.45 ? 37  A   A OP2   1 
ATOM   777  O  "O5'" . A   A 1 37 ? -2.274  -6.583  11.255  1.00 36.08 ? 37  A   A "O5'" 1 
ATOM   778  C  "C5'" . A   A 1 37 ? -2.459  -7.618  12.206  1.00 38.38 ? 37  A   A "C5'" 1 
ATOM   779  C  "C4'" . A   A 1 37 ? -1.431  -7.587  13.309  1.00 41.54 ? 37  A   A "C4'" 1 
ATOM   780  O  "O4'" . A   A 1 37 ? -0.085  -7.638  12.770  1.00 37.55 ? 37  A   A "O4'" 1 
ATOM   781  C  "C3'" . A   A 1 37 ? -1.418  -6.353  14.190  1.00 43.52 ? 37  A   A "C3'" 1 
ATOM   782  O  "O3'" . A   A 1 37 ? -2.481  -6.343  15.132  1.00 43.94 ? 37  A   A "O3'" 1 
ATOM   783  C  "C2'" . A   A 1 37 ? -0.023  -6.419  14.812  1.00 39.38 ? 37  A   A "C2'" 1 
ATOM   784  O  "O2'" . A   A 1 37 ? 0.017   -7.381  15.856  1.00 38.22 ? 37  A   A "O2'" 1 
ATOM   785  C  "C1'" . A   A 1 37 ? 0.801   -6.970  13.646  1.00 35.95 ? 37  A   A "C1'" 1 
ATOM   786  N  N9    . A   A 1 37 ? 1.525   -5.921  12.901  1.00 36.26 ? 37  A   A N9    1 
ATOM   787  C  C8    . A   A 1 37 ? 1.335   -5.530  11.597  1.00 36.24 ? 37  A   A C8    1 
ATOM   788  N  N7    . A   A 1 37 ? 2.149   -4.581  11.199  1.00 30.70 ? 37  A   A N7    1 
ATOM   789  C  C5    . A   A 1 37 ? 2.929   -4.333  12.312  1.00 26.86 ? 37  A   A C5    1 
ATOM   790  C  C6    . A   A 1 37 ? 3.973   -3.431  12.533  1.00 27.14 ? 37  A   A C6    1 
ATOM   791  N  N6    . A   A 1 37 ? 4.422   -2.589  11.606  1.00 25.50 ? 37  A   A N6    1 
ATOM   792  N  N1    . A   A 1 37 ? 4.545   -3.421  13.748  1.00 29.67 ? 37  A   A N1    1 
ATOM   793  C  C2    . A   A 1 37 ? 4.092   -4.269  14.680  1.00 32.32 ? 37  A   A C2    1 
ATOM   794  N  N3    . A   A 1 37 ? 3.112   -5.168  14.593  1.00 31.93 ? 37  A   A N3    1 
ATOM   795  C  C4    . A   A 1 37 ? 2.564   -5.149  13.367  1.00 31.11 ? 37  A   A C4    1 
ATOM   796  P  P     . C   A 1 38 ? -3.141  -4.950  15.593  1.00 46.05 ? 38  C   A P     1 
ATOM   797  O  OP1   . C   A 1 38 ? -4.175  -5.251  16.616  1.00 47.25 ? 38  C   A OP1   1 
ATOM   798  O  OP2   . C   A 1 38 ? -3.517  -4.140  14.403  1.00 36.86 ? 38  C   A OP2   1 
ATOM   799  O  "O5'" . C   A 1 38 ? -1.958  -4.234  16.368  1.00 35.85 ? 38  C   A "O5'" 1 
ATOM   800  C  "C5'" . C   A 1 38 ? -1.502  -4.770  17.597  1.00 38.72 ? 38  C   A "C5'" 1 
ATOM   801  C  "C4'" . C   A 1 38 ? -0.310  -4.014  18.108  1.00 38.34 ? 38  C   A "C4'" 1 
ATOM   802  O  "O4'" . C   A 1 38 ? 0.763   -4.063  17.136  1.00 37.95 ? 38  C   A "O4'" 1 
ATOM   803  C  "C3'" . C   A 1 38 ? -0.531  -2.533  18.328  1.00 39.90 ? 38  C   A "C3'" 1 
ATOM   804  O  "O3'" . C   A 1 38 ? -1.202  -2.264  19.547  1.00 43.71 ? 38  C   A "O3'" 1 
ATOM   805  C  "C2'" . C   A 1 38 ? 0.885   -1.970  18.250  1.00 39.31 ? 38  C   A "C2'" 1 
ATOM   806  O  "O2'" . C   A 1 38 ? 1.583   -2.181  19.467  1.00 39.33 ? 38  C   A "O2'" 1 
ATOM   807  C  "C1'" . C   A 1 38 ? 1.517   -2.872  17.194  1.00 32.85 ? 38  C   A "C1'" 1 
ATOM   808  N  N1    . C   A 1 38 ? 1.588   -2.268  15.843  1.00 29.97 ? 38  C   A N1    1 
ATOM   809  C  C2    . C   A 1 38 ? 2.540   -1.276  15.620  1.00 29.76 ? 38  C   A C2    1 
ATOM   810  O  O2    . C   A 1 38 ? 3.241   -0.922  16.571  1.00 33.74 ? 38  C   A O2    1 
ATOM   811  N  N3    . C   A 1 38 ? 2.675   -0.716  14.398  1.00 26.97 ? 38  C   A N3    1 
ATOM   812  C  C4    . C   A 1 38 ? 1.896   -1.129  13.401  1.00 27.84 ? 38  C   A C4    1 
ATOM   813  N  N4    . C   A 1 38 ? 2.061   -0.556  12.207  1.00 24.86 ? 38  C   A N4    1 
ATOM   814  C  C5    . C   A 1 38 ? 0.925   -2.158  13.587  1.00 29.89 ? 38  C   A C5    1 
ATOM   815  C  C6    . C   A 1 38 ? 0.807   -2.700  14.809  1.00 31.97 ? 38  C   A C6    1 
ATOM   816  P  P     . G   A 1 39 ? -2.472  -1.277  19.579  1.00 48.19 ? 39  G   A P     1 
ATOM   817  O  OP1   . G   A 1 39 ? -3.011  -1.278  20.966  1.00 46.63 ? 39  G   A OP1   1 
ATOM   818  O  OP2   . G   A 1 39 ? -3.389  -1.582  18.453  1.00 37.82 ? 39  G   A OP2   1 
ATOM   819  O  "O5'" . G   A 1 39 ? -1.826  0.145   19.294  1.00 36.13 ? 39  G   A "O5'" 1 
ATOM   820  C  "C5'" . G   A 1 39 ? -0.664  0.564   19.999  1.00 36.36 ? 39  G   A "C5'" 1 
ATOM   821  C  "C4'" . G   A 1 39 ? 0.017   1.694   19.279  1.00 40.28 ? 39  G   A "C4'" 1 
ATOM   822  O  "O4'" . G   A 1 39 ? 0.344   1.253   17.925  1.00 39.76 ? 39  G   A "O4'" 1 
ATOM   823  C  "C3'" . G   A 1 39 ? -0.845  2.950   19.131  1.00 34.88 ? 39  G   A "C3'" 1 
ATOM   824  O  "O3'" . G   A 1 39 ? -0.052  4.130   19.239  1.00 33.35 ? 39  G   A "O3'" 1 
ATOM   825  C  "C2'" . G   A 1 39 ? -1.384  2.823   17.713  1.00 35.38 ? 39  G   A "C2'" 1 
ATOM   826  O  "O2'" . G   A 1 39 ? -1.750  4.041   17.098  1.00 36.70 ? 39  G   A "O2'" 1 
ATOM   827  C  "C1'" . G   A 1 39 ? -0.220  2.146   16.991  1.00 36.16 ? 39  G   A "C1'" 1 
ATOM   828  N  N9    . G   A 1 39 ? -0.694  1.432   15.807  1.00 32.57 ? 39  G   A N9    1 
ATOM   829  C  C8    . G   A 1 39 ? -1.683  0.485   15.787  1.00 32.19 ? 39  G   A C8    1 
ATOM   830  N  N7    . G   A 1 39 ? -1.968  0.085   14.581  1.00 32.56 ? 39  G   A N7    1 
ATOM   831  C  C5    . G   A 1 39 ? -1.143  0.838   13.760  1.00 29.65 ? 39  G   A C5    1 
ATOM   832  C  C6    . G   A 1 39 ? -1.007  0.834   12.351  1.00 30.15 ? 39  G   A C6    1 
ATOM   833  O  O6    . G   A 1 39 ? -1.616  0.132   11.531  1.00 32.19 ? 39  G   A O6    1 
ATOM   834  N  N1    . G   A 1 39 ? -0.055  1.756   11.926  1.00 25.36 ? 39  G   A N1    1 
ATOM   835  C  C2    . G   A 1 39 ? 0.673   2.567   12.754  1.00 24.92 ? 39  G   A C2    1 
ATOM   836  N  N2    . G   A 1 39 ? 1.542   3.395   12.161  1.00 26.45 ? 39  G   A N2    1 
ATOM   837  N  N3    . G   A 1 39 ? 0.563   2.571   14.069  1.00 27.17 ? 39  G   A N3    1 
ATOM   838  C  C4    . G   A 1 39 ? -0.360  1.689   14.500  1.00 28.28 ? 39  G   A C4    1 
ATOM   839  P  P     . A   A 1 40 ? -0.629  5.410   20.026  1.00 39.14 ? 40  A   A P     1 
ATOM   840  O  OP1   . A   A 1 40 ? -0.845  4.983   21.432  1.00 44.45 ? 40  A   A OP1   1 
ATOM   841  O  OP2   . A   A 1 40 ? -1.778  6.018   19.302  1.00 34.49 ? 40  A   A OP2   1 
ATOM   842  O  "O5'" . A   A 1 40 ? 0.570   6.456   19.964  1.00 38.83 ? 40  A   A "O5'" 1 
ATOM   843  C  "C5'" . A   A 1 40 ? 1.683   6.348   20.840  1.00 38.59 ? 40  A   A "C5'" 1 
ATOM   844  C  "C4'" . A   A 1 40 ? 2.877   7.087   20.291  1.00 38.41 ? 40  A   A "C4'" 1 
ATOM   845  O  "O4'" . A   A 1 40 ? 3.397   6.383   19.139  1.00 33.85 ? 40  A   A "O4'" 1 
ATOM   846  C  "C3'" . A   A 1 40 ? 2.602   8.494   19.782  1.00 41.13 ? 40  A   A "C3'" 1 
ATOM   847  O  "O3'" . A   A 1 40 ? 2.605   9.446   20.835  1.00 49.49 ? 40  A   A "O3'" 1 
ATOM   848  C  "C2'" . A   A 1 40 ? 3.712   8.710   18.756  1.00 38.83 ? 40  A   A "C2'" 1 
ATOM   849  O  "O2'" . A   A 1 40 ? 4.922   9.101   19.386  1.00 43.44 ? 40  A   A "O2'" 1 
ATOM   850  C  "C1'" . A   A 1 40 ? 3.908   7.301   18.200  1.00 34.16 ? 40  A   A "C1'" 1 
ATOM   851  N  N9    . A   A 1 40 ? 3.241   7.068   16.905  1.00 33.89 ? 40  A   A N9    1 
ATOM   852  C  C8    . A   A 1 40 ? 2.269   6.139   16.640  1.00 34.63 ? 40  A   A C8    1 
ATOM   853  N  N7    . A   A 1 40 ? 1.872   6.129   15.392  1.00 35.21 ? 40  A   A N7    1 
ATOM   854  C  C5    . A   A 1 40 ? 2.645   7.107   14.787  1.00 32.86 ? 40  A   A C5    1 
ATOM   855  C  C6    . A   A 1 40 ? 2.702   7.577   13.462  1.00 33.81 ? 40  A   A C6    1 
ATOM   856  N  N6    . A   A 1 40 ? 1.947   7.103   12.467  1.00 34.47 ? 40  A   A N6    1 
ATOM   857  N  N1    . A   A 1 40 ? 3.578   8.564   13.188  1.00 34.59 ? 40  A   A N1    1 
ATOM   858  C  C2    . A   A 1 40 ? 4.333   9.037   14.193  1.00 38.49 ? 40  A   A C2    1 
ATOM   859  N  N3    . A   A 1 40 ? 4.378   8.679   15.476  1.00 34.59 ? 40  A   A N3    1 
ATOM   860  C  C4    . A   A 1 40 ? 3.497   7.691   15.709  1.00 33.54 ? 40  A   A C4    1 
ATOM   861  P  P     . A   A 1 41 ? 1.385   10.475  21.037  1.00 46.58 ? 41  A   A P     1 
ATOM   862  O  OP1   . A   A 1 41 ? 1.585   11.121  22.358  1.00 45.02 ? 41  A   A OP1   1 
ATOM   863  O  OP2   . A   A 1 41 ? 0.094   9.776   20.811  1.00 47.05 ? 41  A   A OP2   1 
ATOM   864  O  "O5'" . A   A 1 41 ? 1.634   11.564  19.897  1.00 37.49 ? 41  A   A "O5'" 1 
ATOM   865  C  "C5'" . A   A 1 41 ? 2.824   12.341  19.889  1.00 33.27 ? 41  A   A "C5'" 1 
ATOM   866  C  "C4'" . A   A 1 41 ? 3.153   12.864  18.513  1.00 33.94 ? 41  A   A "C4'" 1 
ATOM   867  O  "O4'" . A   A 1 41 ? 3.431   11.759  17.622  1.00 39.24 ? 41  A   A "O4'" 1 
ATOM   868  C  "C3'" . A   A 1 41 ? 2.052   13.634  17.808  1.00 36.66 ? 41  A   A "C3'" 1 
ATOM   869  O  "O3'" . A   A 1 41 ? 1.969   14.980  18.229  1.00 41.68 ? 41  A   A "O3'" 1 
ATOM   870  C  "C2'" . A   A 1 41 ? 2.408   13.477  16.335  1.00 33.08 ? 41  A   A "C2'" 1 
ATOM   871  O  "O2'" . A   A 1 41 ? 3.423   14.392  15.951  1.00 30.85 ? 41  A   A "O2'" 1 
ATOM   872  C  "C1'" . A   A 1 41 ? 2.996   12.069  16.315  1.00 35.08 ? 41  A   A "C1'" 1 
ATOM   873  N  N9    . A   A 1 41 ? 2.020   11.050  15.903  1.00 33.55 ? 41  A   A N9    1 
ATOM   874  C  C8    . A   A 1 41 ? 1.458   10.089  16.699  1.00 35.02 ? 41  A   A C8    1 
ATOM   875  N  N7    . A   A 1 41 ? 0.638   9.303   16.061  1.00 34.43 ? 41  A   A N7    1 
ATOM   876  C  C5    . A   A 1 41 ? 0.664   9.779   14.762  1.00 30.03 ? 41  A   A C5    1 
ATOM   877  C  C6    . A   A 1 41 ? -0.004  9.366   13.602  1.00 32.51 ? 41  A   A C6    1 
ATOM   878  N  N6    . A   A 1 41 ? -0.853  8.336   13.565  1.00 31.97 ? 41  A   A N6    1 
ATOM   879  N  N1    . A   A 1 41 ? 0.241   10.055  12.467  1.00 33.63 ? 41  A   A N1    1 
ATOM   880  C  C2    . A   A 1 41 ? 1.096   11.087  12.514  1.00 33.35 ? 41  A   A C2    1 
ATOM   881  N  N3    . A   A 1 41 ? 1.779   11.569  13.547  1.00 31.88 ? 41  A   A N3    1 
ATOM   882  C  C4    . A   A 1 41 ? 1.511   10.858  14.649  1.00 29.75 ? 41  A   A C4    1 
ATOM   883  P  P     . A   A 1 42 ? 0.530   15.666  18.358  1.00 44.19 ? 42  A   A P     1 
ATOM   884  O  OP1   . A   A 1 42 ? 0.741   17.060  18.823  1.00 49.28 ? 42  A   A OP1   1 
ATOM   885  O  OP2   . A   A 1 42 ? -0.345  14.740  19.134  1.00 31.91 ? 42  A   A OP2   1 
ATOM   886  O  "O5'" . A   A 1 42 ? 0.013   15.712  16.852  1.00 38.53 ? 42  A   A "O5'" 1 
ATOM   887  C  "C5'" . A   A 1 42 ? 0.623   16.564  15.894  1.00 35.49 ? 42  A   A "C5'" 1 
ATOM   888  C  "C4'" . A   A 1 42 ? 0.041   16.344  14.519  1.00 34.96 ? 42  A   A "C4'" 1 
ATOM   889  O  "O4'" . A   A 1 42 ? 0.310   14.984  14.093  1.00 38.19 ? 42  A   A "O4'" 1 
ATOM   890  C  "C3'" . A   A 1 42 ? -1.468  16.472  14.403  1.00 32.33 ? 42  A   A "C3'" 1 
ATOM   891  O  "O3'" . A   A 1 42 ? -1.897  17.815  14.280  1.00 34.28 ? 42  A   A "O3'" 1 
ATOM   892  C  "C2'" . A   A 1 42 ? -1.778  15.625  13.180  1.00 32.21 ? 42  A   A "C2'" 1 
ATOM   893  O  "O2'" . A   A 1 42 ? -1.456  16.335  11.993  1.00 33.82 ? 42  A   A "O2'" 1 
ATOM   894  C  "C1'" . A   A 1 42 ? -0.777  14.486  13.347  1.00 30.86 ? 42  A   A "C1'" 1 
ATOM   895  N  N9    . A   A 1 42 ? -1.338  13.343  14.086  1.00 27.53 ? 42  A   A N9    1 
ATOM   896  C  C8    . A   A 1 42 ? -1.158  13.094  15.419  1.00 30.40 ? 42  A   A C8    1 
ATOM   897  N  N7    . A   A 1 42 ? -1.747  12.004  15.842  1.00 31.08 ? 42  A   A N7    1 
ATOM   898  C  C5    . A   A 1 42 ? -2.356  11.499  14.707  1.00 28.43 ? 42  A   A C5    1 
ATOM   899  C  C6    . A   A 1 42 ? -3.135  10.347  14.511  1.00 26.29 ? 42  A   A C6    1 
ATOM   900  N  N6    . A   A 1 42 ? -3.443  9.485   15.475  1.00 24.57 ? 42  A   A N6    1 
ATOM   901  N  N1    . A   A 1 42 ? -3.590  10.109  13.271  1.00 26.76 ? 42  A   A N1    1 
ATOM   902  C  C2    . A   A 1 42 ? -3.273  10.983  12.299  1.00 29.67 ? 42  A   A C2    1 
ATOM   903  N  N3    . A   A 1 42 ? -2.543  12.104  12.355  1.00 27.05 ? 42  A   A N3    1 
ATOM   904  C  C4    . A   A 1 42 ? -2.107  12.307  13.610  1.00 28.36 ? 42  A   A C4    1 
ATOM   905  P  P     . C   A 1 43 ? -3.318  18.269  14.871  1.00 41.35 ? 43  C   A P     1 
ATOM   906  O  OP1   . C   A 1 43 ? -3.360  19.750  14.745  1.00 39.53 ? 43  C   A OP1   1 
ATOM   907  O  OP2   . C   A 1 43 ? -3.541  17.612  16.188  1.00 29.65 ? 43  C   A OP2   1 
ATOM   908  O  "O5'" . C   A 1 43 ? -4.369  17.669  13.838  1.00 32.75 ? 43  C   A "O5'" 1 
ATOM   909  C  "C5'" . C   A 1 43 ? -4.418  18.152  12.506  1.00 32.96 ? 43  C   A "C5'" 1 
ATOM   910  C  "C4'" . C   A 1 43 ? -5.224  17.236  11.628  1.00 31.46 ? 43  C   A "C4'" 1 
ATOM   911  O  "O4'" . C   A 1 43 ? -4.655  15.901  11.667  1.00 34.51 ? 43  C   A "O4'" 1 
ATOM   912  C  "C3'" . C   A 1 43 ? -6.668  17.029  12.041  1.00 31.97 ? 43  C   A "C3'" 1 
ATOM   913  O  "O3'" . C   A 1 43 ? -7.517  18.087  11.626  1.00 37.96 ? 43  C   A "O3'" 1 
ATOM   914  C  "C2'" . C   A 1 43 ? -6.999  15.694  11.394  1.00 32.98 ? 43  C   A "C2'" 1 
ATOM   915  O  "O2'" . C   A 1 43 ? -7.205  15.871  10.000  1.00 37.65 ? 43  C   A "O2'" 1 
ATOM   916  C  "C1'" . C   A 1 43 ? -5.682  14.938  11.589  1.00 31.44 ? 43  C   A "C1'" 1 
ATOM   917  N  N1    . C   A 1 43 ? -5.663  14.143  12.836  1.00 24.88 ? 43  C   A N1    1 
ATOM   918  C  C2    . C   A 1 43 ? -6.385  12.955  12.941  1.00 25.65 ? 43  C   A C2    1 
ATOM   919  O  O2    . C   A 1 43 ? -7.055  12.577  11.974  1.00 28.43 ? 43  C   A O2    1 
ATOM   920  N  N3    . C   A 1 43 ? -6.350  12.256  14.095  1.00 23.96 ? 43  C   A N3    1 
ATOM   921  C  C4    . C   A 1 43 ? -5.617  12.695  15.111  1.00 25.97 ? 43  C   A C4    1 
ATOM   922  N  N4    . C   A 1 43 ? -5.600  11.984  16.236  1.00 29.26 ? 43  C   A N4    1 
ATOM   923  C  C5    . C   A 1 43 ? -4.866  13.893  15.026  1.00 28.28 ? 43  C   A C5    1 
ATOM   924  C  C6    . C   A 1 43 ? -4.921  14.575  13.885  1.00 26.35 ? 43  C   A C6    1 
ATOM   925  P  P     . G   A 1 44 ? -8.794  18.507  12.510  1.00 38.48 ? 44  G   A P     1 
ATOM   926  O  OP1   . G   A 1 44 ? -9.323  19.761  11.908  1.00 35.20 ? 44  G   A OP1   1 
ATOM   927  O  OP2   . G   A 1 44 ? -8.410  18.464  13.947  1.00 30.05 ? 44  G   A OP2   1 
ATOM   928  O  "O5'" . G   A 1 44 ? -9.853  17.344  12.247  1.00 30.40 ? 44  G   A "O5'" 1 
ATOM   929  C  "C5'" . G   A 1 44 ? -10.410 17.141  10.953  1.00 27.67 ? 44  G   A "C5'" 1 
ATOM   930  C  "C4'" . G   A 1 44 ? -11.307 15.926  10.905  1.00 24.69 ? 44  G   A "C4'" 1 
ATOM   931  O  "O4'" . G   A 1 44 ? -10.519 14.719  11.054  1.00 26.38 ? 44  G   A "O4'" 1 
ATOM   932  C  "C3'" . G   A 1 44 ? -12.351 15.813  12.005  1.00 25.07 ? 44  G   A "C3'" 1 
ATOM   933  O  "O3'" . G   A 1 44 ? -13.492 16.613  11.763  1.00 26.76 ? 44  G   A "O3'" 1 
ATOM   934  C  "C2'" . G   A 1 44 ? -12.645 14.320  12.027  1.00 22.49 ? 44  G   A "C2'" 1 
ATOM   935  O  "O2'" . G   A 1 44 ? -13.481 13.961  10.936  1.00 26.28 ? 44  G   A "O2'" 1 
ATOM   936  C  "C1'" . G   A 1 44 ? -11.263 13.743  11.754  1.00 22.96 ? 44  G   A "C1'" 1 
ATOM   937  N  N9    . G   A 1 44 ? -10.529 13.392  12.981  1.00 21.43 ? 44  G   A N9    1 
ATOM   938  C  C8    . G   A 1 44 ? -9.457  14.072  13.491  1.00 22.30 ? 44  G   A C8    1 
ATOM   939  N  N7    . G   A 1 44 ? -8.987  13.519  14.571  1.00 23.43 ? 44  G   A N7    1 
ATOM   940  C  C5    . G   A 1 44 ? -9.773  12.402  14.775  1.00 20.77 ? 44  G   A C5    1 
ATOM   941  C  C6    . G   A 1 44 ? -9.720  11.416  15.795  1.00 23.29 ? 44  G   A C6    1 
ATOM   942  O  O6    . G   A 1 44 ? -8.945  11.331  16.759  1.00 23.29 ? 44  G   A O6    1 
ATOM   943  N  N1    . G   A 1 44 ? -10.707 10.457  15.624  1.00 23.15 ? 44  G   A N1    1 
ATOM   944  C  C2    . G   A 1 44 ? -11.628 10.453  14.608  1.00 24.89 ? 44  G   A C2    1 
ATOM   945  N  N2    . G   A 1 44 ? -12.515 9.447   14.608  1.00 27.30 ? 44  G   A N2    1 
ATOM   946  N  N3    . G   A 1 44 ? -11.683 11.368  13.649  1.00 23.33 ? 44  G   A N3    1 
ATOM   947  C  C4    . G   A 1 44 ? -10.730 12.307  13.795  1.00 21.13 ? 44  G   A C4    1 
ATOM   948  P  P     . C   A 1 45 ? -14.382 17.140  12.987  1.00 29.16 ? 45  C   A P     1 
ATOM   949  O  OP1   . C   A 1 45 ? -15.388 18.089  12.437  1.00 31.30 ? 45  C   A OP1   1 
ATOM   950  O  OP2   . C   A 1 45 ? -13.462 17.604  14.055  1.00 32.92 ? 45  C   A OP2   1 
ATOM   951  O  "O5'" . C   A 1 45 ? -15.120 15.830  13.516  1.00 25.12 ? 45  C   A "O5'" 1 
ATOM   952  C  "C5'" . C   A 1 45 ? -16.103 15.179  12.728  1.00 25.43 ? 45  C   A "C5'" 1 
ATOM   953  C  "C4'" . C   A 1 45 ? -16.573 13.901  13.375  1.00 25.25 ? 45  C   A "C4'" 1 
ATOM   954  O  "O4'" . C   A 1 45 ? -15.468 12.967  13.483  1.00 22.11 ? 45  C   A "O4'" 1 
ATOM   955  C  "C3'" . C   A 1 45 ? -17.079 14.030  14.800  1.00 29.09 ? 45  C   A "C3'" 1 
ATOM   956  O  "O3'" . C   A 1 45 ? -18.403 14.529  14.889  1.00 29.00 ? 45  C   A "O3'" 1 
ATOM   957  C  "C2'" . C   A 1 45 ? -16.900 12.615  15.339  1.00 27.15 ? 45  C   A "C2'" 1 
ATOM   958  O  "O2'" . C   A 1 45 ? -17.922 11.750  14.867  1.00 26.90 ? 45  C   A "O2'" 1 
ATOM   959  C  "C1'" . C   A 1 45 ? -15.586 12.214  14.672  1.00 23.31 ? 45  C   A "C1'" 1 
ATOM   960  N  N1    . C   A 1 45 ? -14.422 12.514  15.538  1.00 22.27 ? 45  C   A N1    1 
ATOM   961  C  C2    . C   A 1 45 ? -14.176 11.717  16.661  1.00 24.10 ? 45  C   A C2    1 
ATOM   962  O  O2    . C   A 1 45 ? -14.944 10.774  16.893  1.00 27.30 ? 45  C   A O2    1 
ATOM   963  N  N3    . C   A 1 45 ? -13.123 11.996  17.458  1.00 22.58 ? 45  C   A N3    1 
ATOM   964  C  C4    . C   A 1 45 ? -12.329 13.020  17.163  1.00 21.89 ? 45  C   A C4    1 
ATOM   965  N  N4    . C   A 1 45 ? -11.299 13.264  17.965  1.00 23.62 ? 45  C   A N4    1 
ATOM   966  C  C5    . C   A 1 45 ? -12.547 13.847  16.030  1.00 21.68 ? 45  C   A C5    1 
ATOM   967  C  C6    . C   A 1 45 ? -13.598 13.561  15.253  1.00 22.65 ? 45  C   A C6    1 
ATOM   968  P  P     . C   A 1 46 ? -18.822 15.457  16.129  1.00 29.89 ? 46  C   A P     1 
ATOM   969  O  OP1   . C   A 1 46 ? -20.193 15.973  15.877  1.00 33.23 ? 46  C   A OP1   1 
ATOM   970  O  OP2   . C   A 1 46 ? -17.720 16.423  16.370  1.00 32.19 ? 46  C   A OP2   1 
ATOM   971  O  "O5'" . C   A 1 46 ? -18.899 14.440  17.354  1.00 26.20 ? 46  C   A "O5'" 1 
ATOM   972  C  "C5'" . C   A 1 46 ? -19.882 13.418  17.373  1.00 27.71 ? 46  C   A "C5'" 1 
ATOM   973  C  "C4'" . C   A 1 46 ? -19.662 12.438  18.496  1.00 29.12 ? 46  C   A "C4'" 1 
ATOM   974  O  "O4'" . C   A 1 46 ? -18.335 11.871  18.394  1.00 27.36 ? 46  C   A "O4'" 1 
ATOM   975  C  "C3'" . C   A 1 46 ? -19.709 13.001  19.907  1.00 32.80 ? 46  C   A "C3'" 1 
ATOM   976  O  "O3'" . C   A 1 46 ? -21.029 13.205  20.394  1.00 33.08 ? 46  C   A "O3'" 1 
ATOM   977  C  "C2'" . C   A 1 46 ? -18.899 11.978  20.696  1.00 30.37 ? 46  C   A "C2'" 1 
ATOM   978  O  "O2'" . C   A 1 46 ? -19.659 10.813  20.967  1.00 39.15 ? 46  C   A "O2'" 1 
ATOM   979  C  "C1'" . C   A 1 46 ? -17.827 11.596  19.683  1.00 27.16 ? 46  C   A "C1'" 1 
ATOM   980  N  N1    . C   A 1 46 ? -16.573 12.351  19.873  1.00 25.49 ? 46  C   A N1    1 
ATOM   981  C  C2    . C   A 1 46 ? -15.774 12.045  20.976  1.00 29.73 ? 46  C   A C2    1 
ATOM   982  O  O2    . C   A 1 46 ? -16.157 11.163  21.760  1.00 33.03 ? 46  C   A O2    1 
ATOM   983  N  N3    . C   A 1 46 ? -14.618 12.721  21.160  1.00 27.98 ? 46  C   A N3    1 
ATOM   984  C  C4    . C   A 1 46 ? -14.265 13.657  20.281  1.00 28.34 ? 46  C   A C4    1 
ATOM   985  N  N4    . C   A 1 46 ? -13.121 14.306  20.483  1.00 27.01 ? 46  C   A N4    1 
ATOM   986  C  C5    . C   A 1 46 ? -15.064 13.980  19.145  1.00 26.79 ? 46  C   A C5    1 
ATOM   987  C  C6    . C   A 1 46 ? -16.203 13.306  18.979  1.00 24.13 ? 46  C   A C6    1 
ATOM   988  P  P     . C   A 1 47 ? -21.307 14.319  21.527  1.00 40.23 ? 47  C   A P     1 
ATOM   989  O  OP1   . C   A 1 47 ? -22.775 14.382  21.739  1.00 44.39 ? 47  C   A OP1   1 
ATOM   990  O  OP2   . C   A 1 47 ? -20.579 15.577  21.189  1.00 24.64 ? 47  C   A OP2   1 
ATOM   991  O  "O5'" . C   A 1 47 ? -20.628 13.709  22.833  1.00 30.91 ? 47  C   A "O5'" 1 
ATOM   992  C  "C5'" . C   A 1 47 ? -21.152 12.552  23.463  1.00 31.80 ? 47  C   A "C5'" 1 
ATOM   993  C  "C4'" . C   A 1 47 ? -20.315 12.155  24.655  1.00 40.90 ? 47  C   A "C4'" 1 
ATOM   994  O  "O4'" . C   A 1 47 ? -18.950 11.922  24.234  1.00 39.48 ? 47  C   A "O4'" 1 
ATOM   995  C  "C3'" . C   A 1 47 ? -20.182 13.193  25.758  1.00 44.23 ? 47  C   A "C3'" 1 
ATOM   996  O  "O3'" . C   A 1 47 ? -21.301 13.220  26.631  1.00 40.32 ? 47  C   A "O3'" 1 
ATOM   997  C  "C2'" . C   A 1 47 ? -18.877 12.795  26.442  1.00 40.46 ? 47  C   A "C2'" 1 
ATOM   998  O  "O2'" . C   A 1 47 ? -19.071 11.695  27.321  1.00 44.05 ? 47  C   A "O2'" 1 
ATOM   999  C  "C1'" . C   A 1 47 ? -18.057 12.292  25.264  1.00 33.27 ? 47  C   A "C1'" 1 
ATOM   1000 N  N1    . C   A 1 47 ? -17.085 13.270  24.729  1.00 32.63 ? 47  C   A N1    1 
ATOM   1001 C  C2    . C   A 1 47 ? -15.892 13.522  25.427  1.00 36.90 ? 47  C   A C2    1 
ATOM   1002 O  O2    . C   A 1 47 ? -15.704 12.959  26.522  1.00 36.77 ? 47  C   A O2    1 
ATOM   1003 N  N3    . C   A 1 47 ? -14.990 14.388  24.896  1.00 35.28 ? 47  C   A N3    1 
ATOM   1004 C  C4    . C   A 1 47 ? -15.240 14.968  23.715  1.00 34.39 ? 47  C   A C4    1 
ATOM   1005 N  N4    . C   A 1 47 ? -14.337 15.816  23.213  1.00 31.91 ? 47  C   A N4    1 
ATOM   1006 C  C5    . C   A 1 47 ? -16.439 14.709  22.988  1.00 31.86 ? 47  C   A C5    1 
ATOM   1007 C  C6    . C   A 1 47 ? -17.321 13.858  23.523  1.00 30.80 ? 47  C   A C6    1 
ATOM   1008 P  P     . A   A 1 48 ? -22.132 14.577  26.823  1.00 45.60 ? 48  A   A P     1 
ATOM   1009 O  OP1   . A   A 1 48 ? -23.491 14.211  27.298  1.00 51.42 ? 48  A   A OP1   1 
ATOM   1010 O  OP2   . A   A 1 48 ? -21.984 15.422  25.610  1.00 42.23 ? 48  A   A OP2   1 
ATOM   1011 O  "O5'" . A   A 1 48 ? -21.368 15.321  28.000  1.00 41.89 ? 48  A   A "O5'" 1 
ATOM   1012 C  "C5'" . A   A 1 48 ? -21.026 14.637  29.190  1.00 41.62 ? 48  A   A "C5'" 1 
ATOM   1013 C  "C4'" . A   A 1 48 ? -19.689 15.098  29.705  1.00 46.23 ? 48  A   A "C4'" 1 
ATOM   1014 O  "O4'" . A   A 1 48 ? -18.659 14.777  28.734  1.00 40.79 ? 48  A   A "O4'" 1 
ATOM   1015 C  "C3'" . A   A 1 48 ? -19.535 16.596  29.914  1.00 48.93 ? 48  A   A "C3'" 1 
ATOM   1016 O  "O3'" . A   A 1 48 ? -20.115 17.057  31.126  1.00 51.64 ? 48  A   A "O3'" 1 
ATOM   1017 C  "C2'" . A   A 1 48 ? -18.025 16.778  29.833  1.00 41.77 ? 48  A   A "C2'" 1 
ATOM   1018 O  "O2'" . A   A 1 48 ? -17.402 16.343  31.034  1.00 41.10 ? 48  A   A "O2'" 1 
ATOM   1019 C  "C1'" . A   A 1 48 ? -17.673 15.786  28.725  1.00 38.71 ? 48  A   A "C1'" 1 
ATOM   1020 N  N9    . A   A 1 48 ? -17.673 16.435  27.402  1.00 38.12 ? 48  A   A N9    1 
ATOM   1021 C  C8    . A   A 1 48 ? -18.700 16.546  26.502  1.00 40.17 ? 48  A   A C8    1 
ATOM   1022 N  N7    . A   A 1 48 ? -18.376 17.205  25.411  1.00 39.51 ? 48  A   A N7    1 
ATOM   1023 C  C5    . A   A 1 48 ? -17.052 17.551  25.605  1.00 29.71 ? 48  A   A C5    1 
ATOM   1024 C  C6    . A   A 1 48 ? -16.134 18.264  24.822  1.00 28.06 ? 48  A   A C6    1 
ATOM   1025 N  N6    . A   A 1 48 ? -16.389 18.778  23.622  1.00 29.03 ? 48  A   A N6    1 
ATOM   1026 N  N1    . A   A 1 48 ? -14.904 18.438  25.324  1.00 33.18 ? 48  A   A N1    1 
ATOM   1027 C  C2    . A   A 1 48 ? -14.614 17.916  26.520  1.00 34.65 ? 48  A   A C2    1 
ATOM   1028 N  N3    . A   A 1 48 ? -15.391 17.239  27.355  1.00 35.65 ? 48  A   A N3    1 
ATOM   1029 C  C4    . A   A 1 48 ? -16.611 17.085  26.826  1.00 34.09 ? 48  A   A C4    1 
ATOM   1030 O  "O5'" . G   B 2 1  ? -5.460  16.158  28.124  1.00 51.52 ? 1   G   B "O5'" 1 
ATOM   1031 C  "C5'" . G   B 2 1  ? -5.077  15.387  29.254  1.00 48.28 ? 1   G   B "C5'" 1 
ATOM   1032 C  "C4'" . G   B 2 1  ? -6.266  14.701  29.875  1.00 42.76 ? 1   G   B "C4'" 1 
ATOM   1033 O  "O4'" . G   B 2 1  ? -7.399  15.606  29.856  1.00 38.55 ? 1   G   B "O4'" 1 
ATOM   1034 C  "C3'" . G   B 2 1  ? -6.774  13.464  29.148  1.00 42.48 ? 1   G   B "C3'" 1 
ATOM   1035 O  "O3'" . G   B 2 1  ? -6.039  12.291  29.457  1.00 49.88 ? 1   G   B "O3'" 1 
ATOM   1036 C  "C2'" . G   B 2 1  ? -8.235  13.411  29.572  1.00 37.22 ? 1   G   B "C2'" 1 
ATOM   1037 O  "O2'" . G   B 2 1  ? -8.363  12.925  30.902  1.00 31.69 ? 1   G   B "O2'" 1 
ATOM   1038 C  "C1'" . G   B 2 1  ? -8.584  14.893  29.580  1.00 35.64 ? 1   G   B "C1'" 1 
ATOM   1039 N  N9    . G   B 2 1  ? -9.109  15.348  28.278  1.00 34.70 ? 1   G   B N9    1 
ATOM   1040 C  C8    . G   B 2 1  ? -8.475  16.146  27.352  1.00 35.02 ? 1   G   B C8    1 
ATOM   1041 N  N7    . G   B 2 1  ? -9.206  16.389  26.295  1.00 32.96 ? 1   G   B N7    1 
ATOM   1042 C  C5    . G   B 2 1  ? -10.393 15.711  26.547  1.00 31.21 ? 1   G   B C5    1 
ATOM   1043 C  C6    . G   B 2 1  ? -11.572 15.612  25.767  1.00 31.37 ? 1   G   B C6    1 
ATOM   1044 O  O6    . G   B 2 1  ? -11.797 16.115  24.659  1.00 34.74 ? 1   G   B O6    1 
ATOM   1045 N  N1    . G   B 2 1  ? -12.539 14.836  26.395  1.00 30.93 ? 1   G   B N1    1 
ATOM   1046 C  C2    . G   B 2 1  ? -12.396 14.230  27.623  1.00 31.45 ? 1   G   B C2    1 
ATOM   1047 N  N2    . G   B 2 1  ? -13.438 13.516  28.078  1.00 31.44 ? 1   G   B N2    1 
ATOM   1048 N  N3    . G   B 2 1  ? -11.302 14.320  28.364  1.00 28.71 ? 1   G   B N3    1 
ATOM   1049 C  C4    . G   B 2 1  ? -10.352 15.070  27.767  1.00 31.22 ? 1   G   B C4    1 
ATOM   1050 P  P     . G   B 2 2  ? -5.845  11.141  28.349  1.00 59.97 ? 2   G   B P     1 
ATOM   1051 O  OP1   . G   B 2 2  ? -5.022  10.052  28.945  1.00 55.73 ? 2   G   B OP1   1 
ATOM   1052 O  OP2   . G   B 2 2  ? -5.381  11.796  27.093  1.00 53.95 ? 2   G   B OP2   1 
ATOM   1053 O  "O5'" . G   B 2 2  ? -7.308  10.536  28.182  1.00 35.23 ? 2   G   B "O5'" 1 
ATOM   1054 C  "C5'" . G   B 2 2  ? -7.879  9.810   29.255  1.00 40.01 ? 2   G   B "C5'" 1 
ATOM   1055 C  "C4'" . G   B 2 2  ? -9.314  9.441   28.995  1.00 36.88 ? 2   G   B "C4'" 1 
ATOM   1056 O  "O4'" . G   B 2 2  ? -10.102 10.639  28.795  1.00 39.83 ? 2   G   B "O4'" 1 
ATOM   1057 C  "C3'" . G   B 2 2  ? -9.583  8.626   27.746  1.00 39.53 ? 2   G   B "C3'" 1 
ATOM   1058 O  "O3'" . G   B 2 2  ? -9.262  7.254   27.889  1.00 40.69 ? 2   G   B "O3'" 1 
ATOM   1059 C  "C2'" . G   B 2 2  ? -11.058 8.901   27.499  1.00 38.97 ? 2   G   B "C2'" 1 
ATOM   1060 O  "O2'" . G   B 2 2  ? -11.859 8.178   28.419  1.00 39.16 ? 2   G   B "O2'" 1 
ATOM   1061 C  "C1'" . G   B 2 2  ? -11.140 10.379  27.872  1.00 36.03 ? 2   G   B "C1'" 1 
ATOM   1062 N  N9    . G   B 2 2  ? -10.953 11.263  26.706  1.00 31.24 ? 2   G   B N9    1 
ATOM   1063 C  C8    . G   B 2 2  ? -9.876  12.079  26.459  1.00 33.57 ? 2   G   B C8    1 
ATOM   1064 N  N7    . G   B 2 2  ? -9.991  12.754  25.348  1.00 33.00 ? 2   G   B N7    1 
ATOM   1065 C  C5    . G   B 2 2  ? -11.218 12.354  24.837  1.00 29.43 ? 2   G   B C5    1 
ATOM   1066 C  C6    . G   B 2 2  ? -11.882 12.746  23.650  1.00 30.80 ? 2   G   B C6    1 
ATOM   1067 O  O6    . G   B 2 2  ? -11.501 13.551  22.792  1.00 31.64 ? 2   G   B O6    1 
ATOM   1068 N  N1    . G   B 2 2  ? -13.101 12.096  23.513  1.00 30.45 ? 2   G   B N1    1 
ATOM   1069 C  C2    . G   B 2 2  ? -13.618 11.189  24.404  1.00 31.54 ? 2   G   B C2    1 
ATOM   1070 N  N2    . G   B 2 2  ? -14.818 10.664  24.114  1.00 30.78 ? 2   G   B N2    1 
ATOM   1071 N  N3    . G   B 2 2  ? -13.006 10.819  25.517  1.00 28.74 ? 2   G   B N3    1 
ATOM   1072 C  C4    . G   B 2 2  ? -11.823 11.437  25.663  1.00 27.29 ? 2   G   B C4    1 
ATOM   1073 P  P     . G   B 2 3  ? -8.575  6.475   26.661  1.00 49.78 ? 3   G   B P     1 
ATOM   1074 O  OP1   . G   B 2 3  ? -8.110  5.158   27.163  1.00 54.42 ? 3   G   B OP1   1 
ATOM   1075 O  OP2   . G   B 2 3  ? -7.573  7.363   26.012  1.00 35.54 ? 3   G   B OP2   1 
ATOM   1076 O  "O5'" . G   B 2 3  ? -9.802  6.220   25.674  1.00 39.06 ? 3   G   B "O5'" 1 
ATOM   1077 C  "C5'" . G   B 2 3  ? -10.934 5.493   26.126  1.00 34.89 ? 3   G   B "C5'" 1 
ATOM   1078 C  "C4'" . G   B 2 3  ? -12.103 5.597   25.180  1.00 33.57 ? 3   G   B "C4'" 1 
ATOM   1079 O  "O4'" . G   B 2 3  ? -12.536 6.976   25.060  1.00 35.67 ? 3   G   B "O4'" 1 
ATOM   1080 C  "C3'" . G   B 2 3  ? -11.867 5.181   23.740  1.00 36.16 ? 3   G   B "C3'" 1 
ATOM   1081 O  "O3'" . G   B 2 3  ? -11.816 3.776   23.553  1.00 43.66 ? 3   G   B "O3'" 1 
ATOM   1082 C  "C2'" . G   B 2 3  ? -13.030 5.859   23.031  1.00 36.10 ? 3   G   B "C2'" 1 
ATOM   1083 O  "O2'" . G   B 2 3  ? -14.245 5.173   23.304  1.00 33.45 ? 3   G   B "O2'" 1 
ATOM   1084 C  "C1'" . G   B 2 3  ? -13.077 7.192   23.771  1.00 31.97 ? 3   G   B "C1'" 1 
ATOM   1085 N  N9    . G   B 2 3  ? -12.295 8.241   23.090  1.00 27.29 ? 3   G   B N9    1 
ATOM   1086 C  C8    . G   B 2 3  ? -11.120 8.804   23.515  1.00 29.25 ? 3   G   B C8    1 
ATOM   1087 N  N7    . G   B 2 3  ? -10.660 9.715   22.703  1.00 27.16 ? 3   G   B N7    1 
ATOM   1088 C  C5    . G   B 2 3  ? -11.585 9.761   21.680  1.00 26.12 ? 3   G   B C5    1 
ATOM   1089 C  C6    . G   B 2 3  ? -11.616 10.566  20.514  1.00 27.31 ? 3   G   B C6    1 
ATOM   1090 O  O6    . G   B 2 3  ? -10.802 11.421  20.152  1.00 29.91 ? 3   G   B O6    1 
ATOM   1091 N  N1    . G   B 2 3  ? -12.731 10.303  19.733  1.00 27.28 ? 3   G   B N1    1 
ATOM   1092 C  C2    . G   B 2 3  ? -13.699 9.373   20.035  1.00 32.03 ? 3   G   B C2    1 
ATOM   1093 N  N2    . G   B 2 3  ? -14.711 9.252   19.162  1.00 29.96 ? 3   G   B N2    1 
ATOM   1094 N  N3    . G   B 2 3  ? -13.683 8.613   21.129  1.00 32.48 ? 3   G   B N3    1 
ATOM   1095 C  C4    . G   B 2 3  ? -12.604 8.861   21.903  1.00 28.47 ? 3   G   B C4    1 
ATOM   1096 P  P     . C   B 2 4  ? -10.839 3.136   22.445  1.00 48.29 ? 4   C   B P     1 
ATOM   1097 O  OP1   . C   B 2 4  ? -10.967 1.664   22.611  1.00 43.58 ? 4   C   B OP1   1 
ATOM   1098 O  OP2   . C   B 2 4  ? -9.493  3.780   22.501  1.00 34.62 ? 4   C   B OP2   1 
ATOM   1099 O  "O5'" . C   B 2 4  ? -11.532 3.516   21.063  1.00 34.53 ? 4   C   B "O5'" 1 
ATOM   1100 C  "C5'" . C   B 2 4  ? -12.850 3.075   20.790  1.00 34.03 ? 4   C   B "C5'" 1 
ATOM   1101 C  "C4'" . C   B 2 4  ? -13.389 3.656   19.509  1.00 35.18 ? 4   C   B "C4'" 1 
ATOM   1102 O  "O4'" . C   B 2 4  ? -13.577 5.089   19.651  1.00 32.62 ? 4   C   B "O4'" 1 
ATOM   1103 C  "C3'" . C   B 2 4  ? -12.503 3.538   18.283  1.00 36.90 ? 4   C   B "C3'" 1 
ATOM   1104 O  "O3'" . C   B 2 4  ? -12.492 2.251   17.693  1.00 38.14 ? 4   C   B "O3'" 1 
ATOM   1105 C  "C2'" . C   B 2 4  ? -13.071 4.622   17.385  1.00 32.15 ? 4   C   B "C2'" 1 
ATOM   1106 O  "O2'" . C   B 2 4  ? -14.308 4.203   16.828  1.00 29.35 ? 4   C   B "O2'" 1 
ATOM   1107 C  "C1'" . C   B 2 4  ? -13.345 5.722   18.408  1.00 31.18 ? 4   C   B "C1'" 1 
ATOM   1108 N  N1    . C   B 2 4  ? -12.174 6.617   18.534  1.00 26.52 ? 4   C   B N1    1 
ATOM   1109 C  C2    . C   B 2 4  ? -11.992 7.593   17.553  1.00 29.23 ? 4   C   B C2    1 
ATOM   1110 O  O2    . C   B 2 4  ? -12.837 7.685   16.647  1.00 29.94 ? 4   C   B O2    1 
ATOM   1111 N  N3    . C   B 2 4  ? -10.913 8.411   17.620  1.00 27.06 ? 4   C   B N3    1 
ATOM   1112 C  C4    . C   B 2 4  ? -10.041 8.283   18.611  1.00 24.81 ? 4   C   B C4    1 
ATOM   1113 N  N4    . C   B 2 4  ? -9.003  9.115   18.646  1.00 22.28 ? 4   C   B N4    1 
ATOM   1114 C  C5    . C   B 2 4  ? -10.197 7.290   19.619  1.00 30.17 ? 4   C   B C5    1 
ATOM   1115 C  C6    . C   B 2 4  ? -11.264 6.483   19.542  1.00 29.32 ? 4   C   B C6    1 
ATOM   1116 P  P     . G   B 2 5  ? -11.163 1.733   16.955  1.00 40.99 ? 5   G   B P     1 
ATOM   1117 O  OP1   . G   B 2 5  ? -11.436 0.355   16.470  1.00 38.76 ? 5   G   B OP1   1 
ATOM   1118 O  OP2   . G   B 2 5  ? -10.003 2.010   17.842  1.00 37.51 ? 5   G   B OP2   1 
ATOM   1119 O  "O5'" . G   B 2 5  ? -11.029 2.678   15.683  1.00 31.03 ? 5   G   B "O5'" 1 
ATOM   1120 C  "C5'" . G   B 2 5  ? -12.066 2.723   14.717  1.00 30.19 ? 5   G   B "C5'" 1 
ATOM   1121 C  "C4'" . G   B 2 5  ? -11.821 3.793   13.690  1.00 30.36 ? 5   G   B "C4'" 1 
ATOM   1122 O  "O4'" . G   B 2 5  ? -11.726 5.095   14.319  1.00 32.31 ? 5   G   B "O4'" 1 
ATOM   1123 C  "C3'" . G   B 2 5  ? -10.523 3.676   12.926  1.00 28.66 ? 5   G   B "C3'" 1 
ATOM   1124 O  "O3'" . G   B 2 5  ? -10.563 2.675   11.927  1.00 29.74 ? 5   G   B "O3'" 1 
ATOM   1125 C  "C2'" . G   B 2 5  ? -10.318 5.094   12.402  1.00 28.64 ? 5   G   B "C2'" 1 
ATOM   1126 O  "O2'" . G   B 2 5  ? -11.112 5.329   11.249  1.00 27.69 ? 5   G   B "O2'" 1 
ATOM   1127 C  "C1'" . G   B 2 5  ? -10.885 5.930   13.552  1.00 27.31 ? 5   G   B "C1'" 1 
ATOM   1128 N  N9    . G   B 2 5  ? -9.849  6.525   14.423  1.00 26.68 ? 5   G   B N9    1 
ATOM   1129 C  C8    . G   B 2 5  ? -9.497  6.138   15.693  1.00 28.69 ? 5   G   B C8    1 
ATOM   1130 N  N7    . G   B 2 5  ? -8.558  6.887   16.215  1.00 27.46 ? 5   G   B N7    1 
ATOM   1131 C  C5    . G   B 2 5  ? -8.282  7.834   15.238  1.00 23.02 ? 5   G   B C5    1 
ATOM   1132 C  C6    . G   B 2 5  ? -7.364  8.918   15.225  1.00 23.45 ? 5   G   B C6    1 
ATOM   1133 O  O6    . G   B 2 5  ? -6.561  9.279   16.094  1.00 22.72 ? 5   G   B O6    1 
ATOM   1134 N  N1    . G   B 2 5  ? -7.417  9.625   14.033  1.00 23.28 ? 5   G   B N1    1 
ATOM   1135 C  C2    . G   B 2 5  ? -8.240  9.333   12.987  1.00 23.57 ? 5   G   B C2    1 
ATOM   1136 N  N2    . G   B 2 5  ? -8.142  10.126  11.913  1.00 23.43 ? 5   G   B N2    1 
ATOM   1137 N  N3    . G   B 2 5  ? -9.102  8.334   12.990  1.00 24.32 ? 5   G   B N3    1 
ATOM   1138 C  C4    . G   B 2 5  ? -9.073  7.627   14.134  1.00 23.21 ? 5   G   B C4    1 
ATOM   1139 P  P     . U   B 2 6  ? -9.214  1.890   11.562  1.00 32.10 ? 6   U   B P     1 
ATOM   1140 O  OP1   . U   B 2 6  ? -9.538  0.864   10.535  1.00 30.93 ? 6   U   B OP1   1 
ATOM   1141 O  OP2   . U   B 2 6  ? -8.587  1.455   12.832  1.00 27.89 ? 6   U   B OP2   1 
ATOM   1142 O  "O5'" . U   B 2 6  ? -8.370  3.026   10.894  1.00 23.90 ? 6   U   B "O5'" 1 
ATOM   1143 C  "C5'" . U   B 2 6  ? -8.826  3.418   9.619   1.00 22.53 ? 6   U   B "C5'" 1 
ATOM   1144 C  "C4'" . U   B 2 6  ? -7.817  4.387   9.117   1.00 26.34 ? 6   U   B "C4'" 1 
ATOM   1145 O  "O4'" . U   B 2 6  ? -7.965  5.685   9.742   1.00 25.03 ? 6   U   B "O4'" 1 
ATOM   1146 C  "C3'" . U   B 2 6  ? -6.352  3.966   9.261   1.00 33.37 ? 6   U   B "C3'" 1 
ATOM   1147 C  "C2'" . U   B 2 6  ? -5.783  5.381   9.021   1.00 32.10 ? 6   U   B "C2'" 1 
ATOM   1148 O  "O2'" . U   B 2 6  ? -6.033  5.785   7.678   1.00 28.24 ? 6   U   B "O2'" 1 
ATOM   1149 C  "C1'" . U   B 2 6  ? -6.720  6.326   9.748   1.00 24.20 ? 6   U   B "C1'" 1 
ATOM   1150 N  N1    . U   B 2 6  ? -6.274  6.540   11.132  1.00 23.99 ? 6   U   B N1    1 
ATOM   1151 C  C2    . U   B 2 6  ? -5.340  7.535   11.367  1.00 26.26 ? 6   U   B C2    1 
ATOM   1152 O  O2    . U   B 2 6  ? -4.884  8.241   10.485  1.00 28.60 ? 6   U   B O2    1 
ATOM   1153 N  N3    . U   B 2 6  ? -4.950  7.677   12.673  1.00 22.38 ? 6   U   B N3    1 
ATOM   1154 C  C4    . U   B 2 6  ? -5.409  6.916   13.733  1.00 24.21 ? 6   U   B C4    1 
ATOM   1155 O  O4    . U   B 2 6  ? -4.996  7.128   14.867  1.00 28.61 ? 6   U   B O4    1 
ATOM   1156 C  C5    . U   B 2 6  ? -6.369  5.913   13.408  1.00 25.84 ? 6   U   B C5    1 
ATOM   1157 C  C6    . U   B 2 6  ? -6.760  5.759   12.147  1.00 25.15 ? 6   U   B C6    1 
HETATM 1158 O  O01   . CVC B 2 7  ? -1.135  5.796   11.383  1.00 24.77 ? 7   CVC B O01   1 
HETATM 1159 C  C02   . CVC B 2 7  ? -3.535  3.837   13.241  1.00 26.73 ? 7   CVC B C02   1 
HETATM 1160 P  P     . CVC B 2 7  ? -5.272  2.227   7.418   1.00 34.18 ? 7   CVC B P     1 
HETATM 1161 C  "C5'" . CVC B 2 7  ? -3.535  3.632   6.021   1.00 32.35 ? 7   CVC B "C5'" 1 
HETATM 1162 O  "O5'" . CVC B 2 7  ? -4.729  3.573   6.770   1.00 26.31 ? 7   CVC B "O5'" 1 
HETATM 1163 C  "C4'" . CVC B 2 7  ? -2.382  4.022   6.898   1.00 33.50 ? 7   CVC B "C4'" 1 
HETATM 1164 O  "O4'" . CVC B 2 7  ? -2.868  4.541   8.170   1.00 32.17 ? 7   CVC B "O4'" 1 
HETATM 1165 C  "C3'" . CVC B 2 7  ? -1.448  2.856   7.240   1.00 38.71 ? 7   CVC B "C3'" 1 
HETATM 1166 O  "O3'" . CVC B 2 7  ? -0.134  3.170   6.795   1.00 38.46 ? 7   CVC B "O3'" 1 
HETATM 1167 C  "C2'" . CVC B 2 7  ? -1.541  2.761   8.780   1.00 34.41 ? 7   CVC B "C2'" 1 
HETATM 1168 O  "O2'" . CVC B 2 7  ? -0.401  2.354   9.515   1.00 32.71 ? 7   CVC B "O2'" 1 
HETATM 1169 C  "C1'" . CVC B 2 7  ? -1.952  4.166   9.162   1.00 32.52 ? 7   CVC B "C1'" 1 
HETATM 1170 C  C01   . CVC B 2 7  ? -4.085  2.898   12.037  1.00 27.80 ? 7   CVC B C01   1 
HETATM 1171 N  N01   . CVC B 2 7  ? -2.582  4.761   13.007  1.00 25.63 ? 7   CVC B N01   1 
HETATM 1172 O  O1V   . CVC B 2 7  ? 1.435   4.692   8.556   1.00 39.65 ? 7   CVC B O1V   1 
HETATM 1173 N  N02   . CVC B 2 7  ? -4.135  3.653   14.637  1.00 40.33 ? 7   CVC B N02   1 
HETATM 1174 O  O02   . CVC B 2 7  ? -4.338  1.536   8.382   1.00 42.24 ? 7   CVC B O02   1 
HETATM 1175 O  O2V   . CVC B 2 7  ? 2.106   1.971   8.132   1.00 36.36 ? 7   CVC B O2V   1 
HETATM 1176 N  N9    . CVC B 2 7  ? -2.544  4.137   10.494  1.00 29.94 ? 7   CVC B N9    1 
HETATM 1177 O  OP1   . CVC B 2 7  ? -5.833  1.359   6.319   1.00 44.54 ? 7   CVC B OP1   1 
HETATM 1178 O  OP2   . CVC B 2 7  ? -6.300  3.033   8.171   1.00 29.14 ? 7   CVC B OP2   1 
HETATM 1179 V  V     . CVC B 2 7  ? 1.008   3.147   8.322   1.00 40.80 ? 7   CVC B V     1 
HETATM 1180 C  C4    . CVC B 2 7  ? -2.006  4.948   11.608  1.00 24.22 ? 7   CVC B C4    1 
HETATM 1181 C  C8    . CVC B 2 7  ? -3.548  3.070   10.779  1.00 32.09 ? 7   CVC B C8    1 
ATOM   1182 O  "O5'" . U   B 2 8  ? 2.288   3.719   6.844   1.00 25.63 ? 8   U   B "O5'" 1 
ATOM   1183 C  "C5'" . U   B 2 8  ? 2.663   3.856   5.475   1.00 31.40 ? 8   U   B "C5'" 1 
ATOM   1184 C  "C4'" . U   B 2 8  ? 1.636   4.630   4.678   1.00 35.95 ? 8   U   B "C4'" 1 
ATOM   1185 O  "O4'" . U   B 2 8  ? 2.204   5.872   4.189   1.00 37.79 ? 8   U   B "O4'" 1 
ATOM   1186 C  "C3'" . U   B 2 8  ? 1.090   3.977   3.417   1.00 36.70 ? 8   U   B "C3'" 1 
ATOM   1187 O  "O3'" . U   B 2 8  ? 0.114   2.983   3.670   1.00 38.70 ? 8   U   B "O3'" 1 
ATOM   1188 C  "C2'" . U   B 2 8  ? 0.528   5.169   2.659   1.00 37.84 ? 8   U   B "C2'" 1 
ATOM   1189 O  "O2'" . U   B 2 8  ? -0.728  5.554   3.197   1.00 40.83 ? 8   U   B "O2'" 1 
ATOM   1190 C  "C1'" . U   B 2 8  ? 1.554   6.252   2.992   1.00 37.68 ? 8   U   B "C1'" 1 
ATOM   1191 N  N1    . U   B 2 8  ? 2.549   6.389   1.910   1.00 40.94 ? 8   U   B N1    1 
ATOM   1192 C  C2    . U   B 2 8  ? 2.176   7.148   0.816   1.00 43.46 ? 8   U   B C2    1 
ATOM   1193 O  O2    . U   B 2 8  ? 1.090   7.701   0.748   1.00 46.39 ? 8   U   B O2    1 
ATOM   1194 N  N3    . U   B 2 8  ? 3.118   7.233   -0.181  1.00 42.03 ? 8   U   B N3    1 
ATOM   1195 C  C4    . U   B 2 8  ? 4.360   6.645   -0.185  1.00 42.76 ? 8   U   B C4    1 
ATOM   1196 O  O4    . U   B 2 8  ? 5.116   6.804   -1.141  1.00 46.72 ? 8   U   B O4    1 
ATOM   1197 C  C5    . U   B 2 8  ? 4.660   5.871   0.979   1.00 43.25 ? 8   U   B C5    1 
ATOM   1198 C  C6    . U   B 2 8  ? 3.768   5.768   1.965   1.00 42.40 ? 8   U   B C6    1 
ATOM   1199 P  P     . G   B 2 9  ? -0.277  1.915   2.532   1.00 46.45 ? 9   G   B P     1 
ATOM   1200 O  OP1   . G   B 2 9  ? -1.328  1.045   3.124   1.00 41.85 ? 9   G   B OP1   1 
ATOM   1201 O  OP2   . G   B 2 9  ? 0.982   1.318   1.999   1.00 40.29 ? 9   G   B OP2   1 
ATOM   1202 O  "O5'" . G   B 2 9  ? -0.964  2.777   1.375   1.00 40.86 ? 9   G   B "O5'" 1 
ATOM   1203 C  "C5'" . G   B 2 9  ? -2.296  3.253   1.517   1.00 44.73 ? 9   G   B "C5'" 1 
ATOM   1204 C  "C4'" . G   B 2 9  ? -2.710  4.172   0.390   1.00 47.25 ? 9   G   B "C4'" 1 
ATOM   1205 O  "O4'" . G   B 2 9  ? -1.778  5.281   0.264   1.00 43.74 ? 9   G   B "O4'" 1 
ATOM   1206 C  "C3'" . G   B 2 9  ? -2.752  3.571   -1.007  1.00 45.09 ? 9   G   B "C3'" 1 
ATOM   1207 O  "O3'" . G   B 2 9  ? -3.918  2.804   -1.248  1.00 39.36 ? 9   G   B "O3'" 1 
ATOM   1208 C  "C2'" . G   B 2 9  ? -2.645  4.803   -1.896  1.00 46.07 ? 9   G   B "C2'" 1 
ATOM   1209 O  "O2'" . G   B 2 9  ? -3.896  5.472   -1.983  1.00 48.11 ? 9   G   B "O2'" 1 
ATOM   1210 C  "C1'" . G   B 2 9  ? -1.679  5.672   -1.090  1.00 42.51 ? 9   G   B "C1'" 1 
ATOM   1211 N  N9    . G   B 2 9  ? -0.291  5.475   -1.536  1.00 42.06 ? 9   G   B N9    1 
ATOM   1212 C  C8    . G   B 2 9  ? 0.707   4.790   -0.887  1.00 45.04 ? 9   G   B C8    1 
ATOM   1213 N  N7    . G   B 2 9  ? 1.837   4.786   -1.542  1.00 46.49 ? 9   G   B N7    1 
ATOM   1214 C  C5    . G   B 2 9  ? 1.562   5.506   -2.696  1.00 48.26 ? 9   G   B C5    1 
ATOM   1215 C  C6    . G   B 2 9  ? 2.398   5.835   -3.792  1.00 47.77 ? 9   G   B C6    1 
ATOM   1216 O  O6    . G   B 2 9  ? 3.586   5.542   -3.962  1.00 45.24 ? 9   G   B O6    1 
ATOM   1217 N  N1    . G   B 2 9  ? 1.716   6.579   -4.747  1.00 51.09 ? 9   G   B N1    1 
ATOM   1218 C  C2    . G   B 2 9  ? 0.398   6.963   -4.664  1.00 50.93 ? 9   G   B C2    1 
ATOM   1219 N  N2    . G   B 2 9  ? -0.093  7.681   -5.686  1.00 51.58 ? 9   G   B N2    1 
ATOM   1220 N  N3    . G   B 2 9  ? -0.391  6.658   -3.646  1.00 48.29 ? 9   G   B N3    1 
ATOM   1221 C  C4    . G   B 2 9  ? 0.253   5.937   -2.707  1.00 46.03 ? 9   G   B C4    1 
ATOM   1222 P  P     . G   B 2 10 ? -3.852  1.490   -2.171  1.00 48.32 ? 10  G   B P     1 
ATOM   1223 O  OP1   . G   B 2 10 ? -5.174  0.828   -2.068  1.00 56.19 ? 10  G   B OP1   1 
ATOM   1224 O  OP2   . G   B 2 10 ? -2.625  0.714   -1.864  1.00 46.15 ? 10  G   B OP2   1 
ATOM   1225 O  "O5'" . G   B 2 10 ? -3.707  2.060   -3.649  1.00 49.45 ? 10  G   B "O5'" 1 
ATOM   1226 C  "C5'" . G   B 2 10 ? -4.684  2.946   -4.171  1.00 48.67 ? 10  G   B "C5'" 1 
ATOM   1227 C  "C4'" . G   B 2 10 ? -4.226  3.613   -5.443  1.00 45.08 ? 10  G   B "C4'" 1 
ATOM   1228 O  "O4'" . G   B 2 10 ? -3.036  4.404   -5.205  1.00 45.61 ? 10  G   B "O4'" 1 
ATOM   1229 C  "C3'" . G   B 2 10 ? -3.819  2.706   -6.586  1.00 43.11 ? 10  G   B "C3'" 1 
ATOM   1230 O  "O3'" . G   B 2 10 ? -4.926  2.137   -7.261  1.00 46.52 ? 10  G   B "O3'" 1 
ATOM   1231 C  "C2'" . G   B 2 10 ? -2.994  3.645   -7.455  1.00 44.20 ? 10  G   B "C2'" 1 
ATOM   1232 O  "O2'" . G   B 2 10 ? -3.844  4.506   -8.196  1.00 47.61 ? 10  G   B "O2'" 1 
ATOM   1233 C  "C1'" . G   B 2 10 ? -2.282  4.488   -6.396  1.00 43.24 ? 10  G   B "C1'" 1 
ATOM   1234 N  N9    . G   B 2 10 ? -0.906  4.030   -6.139  1.00 46.62 ? 10  G   B N9    1 
ATOM   1235 C  C8    . G   B 2 10 ? -0.426  3.363   -5.039  1.00 46.94 ? 10  G   B C8    1 
ATOM   1236 N  N7    . G   B 2 10 ? 0.851   3.105   -5.119  1.00 45.69 ? 10  G   B N7    1 
ATOM   1237 C  C5    . G   B 2 10 ? 1.240   3.633   -6.346  1.00 47.83 ? 10  G   B C5    1 
ATOM   1238 C  C6    . G   B 2 10 ? 2.512   3.659   -6.984  1.00 48.33 ? 10  G   B C6    1 
ATOM   1239 O  O6    . G   B 2 10 ? 3.592   3.203   -6.580  1.00 47.40 ? 10  G   B O6    1 
ATOM   1240 N  N1    . G   B 2 10 ? 2.447   4.298   -8.217  1.00 47.01 ? 10  G   B N1    1 
ATOM   1241 C  C2    . G   B 2 10 ? 1.310   4.842   -8.765  1.00 49.93 ? 10  G   B C2    1 
ATOM   1242 N  N2    . G   B 2 10 ? 1.429   5.420   -9.968  1.00 53.56 ? 10  G   B N2    1 
ATOM   1243 N  N3    . G   B 2 10 ? 0.123   4.824   -8.182  1.00 46.01 ? 10  G   B N3    1 
ATOM   1244 C  C4    . G   B 2 10 ? 0.162   4.207   -6.985  1.00 46.88 ? 10  G   B C4    1 
ATOM   1245 P  P     . G   B 2 11 ? -4.784  0.698   -7.965  1.00 52.79 ? 11  G   B P     1 
ATOM   1246 O  OP1   . G   B 2 11 ? -6.147  0.230   -8.323  1.00 49.22 ? 11  G   B OP1   1 
ATOM   1247 O  OP2   . G   B 2 11 ? -3.924  -0.162  -7.113  1.00 47.78 ? 11  G   B OP2   1 
ATOM   1248 O  "O5'" . G   B 2 11 ? -3.987  1.016   -9.310  1.00 40.65 ? 11  G   B "O5'" 1 
ATOM   1249 C  "C5'" . G   B 2 11 ? -4.487  1.974   -10.228 1.00 40.38 ? 11  G   B "C5'" 1 
ATOM   1250 C  "C4'" . G   B 2 11 ? -3.535  2.193   -11.369 1.00 39.37 ? 11  G   B "C4'" 1 
ATOM   1251 O  "O4'" . G   B 2 11 ? -2.364  2.912   -10.904 1.00 40.87 ? 11  G   B "O4'" 1 
ATOM   1252 C  "C3'" . G   B 2 11 ? -2.965  0.936   -11.996 1.00 42.49 ? 11  G   B "C3'" 1 
ATOM   1253 O  "O3'" . G   B 2 11 ? -3.854  0.319   -12.908 1.00 36.83 ? 11  G   B "O3'" 1 
ATOM   1254 C  "C2'" . G   B 2 11 ? -1.677  1.440   -12.634 1.00 45.42 ? 11  G   B "C2'" 1 
ATOM   1255 O  "O2'" . G   B 2 11 ? -1.946  2.102   -13.863 1.00 45.18 ? 11  G   B "O2'" 1 
ATOM   1256 C  "C1'" . G   B 2 11 ? -1.222  2.479   -11.613 1.00 42.10 ? 11  G   B "C1'" 1 
ATOM   1257 N  N9    . G   B 2 11 ? -0.236  1.942   -10.651 1.00 43.33 ? 11  G   B N9    1 
ATOM   1258 C  C8    . G   B 2 11 ? -0.475  1.441   -9.392  1.00 42.85 ? 11  G   B C8    1 
ATOM   1259 N  N7    . G   B 2 11 ? 0.613   1.061   -8.774  1.00 40.70 ? 11  G   B N7    1 
ATOM   1260 C  C5    . G   B 2 11 ? 1.632   1.322   -9.678  1.00 41.82 ? 11  G   B C5    1 
ATOM   1261 C  C6    . G   B 2 11 ? 3.034   1.121   -9.577  1.00 42.88 ? 11  G   B C6    1 
ATOM   1262 O  O6    . G   B 2 11 ? 3.677   0.649   -8.633  1.00 44.96 ? 11  G   B O6    1 
ATOM   1263 N  N1    . G   B 2 11 ? 3.703   1.527   -10.726 1.00 43.62 ? 11  G   B N1    1 
ATOM   1264 C  C2    . G   B 2 11 ? 3.101   2.059   -11.837 1.00 43.71 ? 11  G   B C2    1 
ATOM   1265 N  N2    . G   B 2 11 ? 3.903   2.401   -12.859 1.00 44.98 ? 11  G   B N2    1 
ATOM   1266 N  N3    . G   B 2 11 ? 1.798   2.255   -11.941 1.00 45.92 ? 11  G   B N3    1 
ATOM   1267 C  C4    . G   B 2 11 ? 1.126   1.866   -10.837 1.00 43.72 ? 11  G   B C4    1 
ATOM   1268 P  P     . C   B 2 12 ? -3.697  -1.246  -13.226 1.00 50.80 ? 12  C   B P     1 
ATOM   1269 O  OP1   . C   B 2 12 ? -4.719  -1.633  -14.237 1.00 47.10 ? 12  C   B OP1   1 
ATOM   1270 O  OP2   . C   B 2 12 ? -3.643  -1.974  -11.931 1.00 46.51 ? 12  C   B OP2   1 
ATOM   1271 O  "O5'" . C   B 2 12 ? -2.264  -1.353  -13.915 1.00 42.05 ? 12  C   B "O5'" 1 
ATOM   1272 C  "C5'" . C   B 2 12 ? -2.049  -0.825  -15.214 1.00 41.23 ? 12  C   B "C5'" 1 
ATOM   1273 C  "C4'" . C   B 2 12 ? -0.592  -0.838  -15.598 1.00 39.28 ? 12  C   B "C4'" 1 
ATOM   1274 O  "O4'" . C   B 2 12 ? 0.201   -0.140  -14.603 1.00 42.73 ? 12  C   B "O4'" 1 
ATOM   1275 C  "C3'" . C   B 2 12 ? 0.078   -2.194  -15.690 1.00 35.85 ? 12  C   B "C3'" 1 
ATOM   1276 O  "O3'" . C   B 2 12 ? -0.260  -2.905  -16.869 1.00 33.40 ? 12  C   B "O3'" 1 
ATOM   1277 C  "C2'" . C   B 2 12 ? 1.553   -1.826  -15.584 1.00 44.07 ? 12  C   B "C2'" 1 
ATOM   1278 O  "O2'" . C   B 2 12 ? 2.029   -1.282  -16.806 1.00 48.53 ? 12  C   B "O2'" 1 
ATOM   1279 C  "C1'" . C   B 2 12 ? 1.502   -0.692  -14.560 1.00 41.26 ? 12  C   B "C1'" 1 
ATOM   1280 N  N1    . C   B 2 12 ? 1.794   -1.165  -13.187 1.00 38.99 ? 12  C   B N1    1 
ATOM   1281 C  C2    . C   B 2 12 ? 3.128   -1.279  -12.785 1.00 37.87 ? 12  C   B C2    1 
ATOM   1282 O  O2    . C   B 2 12 ? 4.034   -0.979  -13.577 1.00 38.36 ? 12  C   B O2    1 
ATOM   1283 N  N3    . C   B 2 12 ? 3.407   -1.715  -11.538 1.00 37.86 ? 12  C   B N3    1 
ATOM   1284 C  C4    . C   B 2 12 ? 2.416   -2.029  -10.710 1.00 34.71 ? 12  C   B C4    1 
ATOM   1285 N  N4    . C   B 2 12 ? 2.730   -2.454  -9.488  1.00 33.58 ? 12  C   B N4    1 
ATOM   1286 C  C5    . C   B 2 12 ? 1.052   -1.931  -11.093 1.00 37.82 ? 12  C   B C5    1 
ATOM   1287 C  C6    . C   B 2 12 ? 0.787   -1.498  -12.329 1.00 39.28 ? 12  C   B C6    1 
ATOM   1288 P  P     . A   B 2 13 ? -1.331  -4.100  -16.793 1.00 40.55 ? 13  A   B P     1 
ATOM   1289 O  OP1   . A   B 2 13 ? -2.639  -3.578  -17.276 1.00 43.22 ? 13  A   B OP1   1 
ATOM   1290 O  OP2   . A   B 2 13 ? -1.231  -4.719  -15.446 1.00 38.00 ? 13  A   B OP2   1 
ATOM   1291 O  "O5'" . A   B 2 13 ? -0.831  -5.155  -17.871 1.00 36.21 ? 13  A   B "O5'" 1 
ATOM   1292 C  "C5'" . A   B 2 13 ? 0.440   -5.782  -17.765 1.00 32.66 ? 13  A   B "C5'" 1 
ATOM   1293 C  "C4'" . A   B 2 13 ? 0.915   -6.244  -19.117 1.00 27.80 ? 13  A   B "C4'" 1 
ATOM   1294 O  "O4'" . A   B 2 13 ? 2.224   -6.856  -18.988 1.00 27.30 ? 13  A   B "O4'" 1 
ATOM   1295 C  "C3'" . A   B 2 13 ? 0.022   -7.275  -19.806 1.00 29.45 ? 13  A   B "C3'" 1 
ATOM   1296 O  "O3'" . A   B 2 13 ? -0.090  -6.966  -21.195 1.00 29.69 ? 13  A   B "O3'" 1 
ATOM   1297 C  "C2'" . A   B 2 13 ? 0.789   -8.585  -19.613 1.00 27.44 ? 13  A   B "C2'" 1 
ATOM   1298 O  "O2'" . A   B 2 13 ? 0.561   -9.564  -20.604 1.00 31.57 ? 13  A   B "O2'" 1 
ATOM   1299 C  "C1'" . A   B 2 13 ? 2.228   -8.103  -19.639 1.00 25.56 ? 13  A   B "C1'" 1 
ATOM   1300 N  N9    . A   B 2 13 ? 3.159   -8.998  -18.954 1.00 27.06 ? 13  A   B N9    1 
ATOM   1301 C  C8    . A   B 2 13 ? 3.009   -9.585  -17.728 1.00 28.78 ? 13  A   B C8    1 
ATOM   1302 N  N7    . A   B 2 13 ? 4.014   -10.354 -17.388 1.00 28.46 ? 13  A   B N7    1 
ATOM   1303 C  C5    . A   B 2 13 ? 4.876   -10.271 -18.468 1.00 25.53 ? 13  A   B C5    1 
ATOM   1304 C  C6    . A   B 2 13 ? 6.120   -10.857 -18.726 1.00 25.77 ? 13  A   B C6    1 
ATOM   1305 N  N6    . A   B 2 13 ? 6.740   -11.675 -17.875 1.00 27.22 ? 13  A   B N6    1 
ATOM   1306 N  N1    . A   B 2 13 ? 6.717   -10.572 -19.900 1.00 26.99 ? 13  A   B N1    1 
ATOM   1307 C  C2    . A   B 2 13 ? 6.098   -9.751  -20.751 1.00 26.26 ? 13  A   B C2    1 
ATOM   1308 N  N3    . A   B 2 13 ? 4.930   -9.136  -20.616 1.00 27.12 ? 13  A   B N3    1 
ATOM   1309 C  C4    . A   B 2 13 ? 4.365   -9.441  -19.440 1.00 26.17 ? 13  A   B C4    1 
ATOM   1310 P  P     . G   B 2 14 ? -1.541  -6.690  -21.835 1.00 32.75 ? 14  G   B P     1 
ATOM   1311 O  OP1   . G   B 2 14 ? -2.565  -6.783  -20.765 1.00 31.60 ? 14  G   B OP1   1 
ATOM   1312 O  OP2   . G   B 2 14 ? -1.680  -7.529  -23.057 1.00 32.54 ? 14  G   B OP2   1 
ATOM   1313 O  "O5'" . G   B 2 14 ? -1.482  -5.160  -22.260 1.00 29.22 ? 14  G   B "O5'" 1 
ATOM   1314 C  "C5'" . G   B 2 14 ? -1.539  -4.135  -21.284 1.00 31.44 ? 14  G   B "C5'" 1 
ATOM   1315 C  "C4'" . G   B 2 14 ? -1.059  -2.825  -21.847 1.00 28.11 ? 14  G   B "C4'" 1 
ATOM   1316 O  "O4'" . G   B 2 14 ? 0.336   -2.943  -22.206 1.00 30.27 ? 14  G   B "O4'" 1 
ATOM   1317 C  "C3'" . G   B 2 14 ? -1.737  -2.395  -23.135 1.00 28.72 ? 14  G   B "C3'" 1 
ATOM   1318 O  "O3'" . G   B 2 14 ? -2.964  -1.743  -22.905 1.00 32.67 ? 14  G   B "O3'" 1 
ATOM   1319 C  "C2'" . G   B 2 14 ? -0.691  -1.513  -23.793 1.00 28.89 ? 14  G   B "C2'" 1 
ATOM   1320 O  "O2'" . G   B 2 14 ? -0.677  -0.220  -23.204 1.00 28.57 ? 14  G   B "O2'" 1 
ATOM   1321 C  "C1'" . G   B 2 14 ? 0.592   -2.231  -23.395 1.00 28.14 ? 14  G   B "C1'" 1 
ATOM   1322 N  N9    . G   B 2 14 ? 1.050   -3.199  -24.404 1.00 26.28 ? 14  G   B N9    1 
ATOM   1323 C  C8    . G   B 2 14 ? 1.085   -4.564  -24.263 1.00 27.48 ? 14  G   B C8    1 
ATOM   1324 N  N7    . G   B 2 14 ? 1.572   -5.175  -25.311 1.00 27.85 ? 14  G   B N7    1 
ATOM   1325 C  C5    . G   B 2 14 ? 1.881   -4.142  -26.183 1.00 27.18 ? 14  G   B C5    1 
ATOM   1326 C  C6    . G   B 2 14 ? 2.448   -4.185  -27.474 1.00 28.67 ? 14  G   B C6    1 
ATOM   1327 O  O6    . G   B 2 14 ? 2.786   -5.182  -28.114 1.00 31.75 ? 14  G   B O6    1 
ATOM   1328 N  N1    . G   B 2 14 ? 2.609   -2.914  -28.011 1.00 27.56 ? 14  G   B N1    1 
ATOM   1329 C  C2    . G   B 2 14 ? 2.258   -1.748  -27.378 1.00 28.77 ? 14  G   B C2    1 
ATOM   1330 N  N2    . G   B 2 14 ? 2.478   -0.612  -28.052 1.00 30.27 ? 14  G   B N2    1 
ATOM   1331 N  N3    . G   B 2 14 ? 1.726   -1.694  -26.172 1.00 27.55 ? 14  G   B N3    1 
ATOM   1332 C  C4    . G   B 2 14 ? 1.571   -2.919  -25.639 1.00 26.69 ? 14  G   B C4    1 
ATOM   1333 P  P     . U   B 2 15 ? -4.144  -1.891  -23.970 1.00 33.32 ? 15  U   B P     1 
ATOM   1334 O  OP1   . U   B 2 15 ? -5.354  -1.286  -23.347 1.00 25.38 ? 15  U   B OP1   1 
ATOM   1335 O  OP2   . U   B 2 15 ? -4.161  -3.312  -24.417 1.00 31.77 ? 15  U   B OP2   1 
ATOM   1336 O  "O5'" . U   B 2 15 ? -3.654  -0.990  -25.197 1.00 31.51 ? 15  U   B "O5'" 1 
ATOM   1337 C  "C5'" . U   B 2 15 ? -3.640  0.429   -25.103 1.00 27.69 ? 15  U   B "C5'" 1 
ATOM   1338 C  "C4'" . U   B 2 15 ? -3.164  1.077   -26.382 1.00 28.45 ? 15  U   B "C4'" 1 
ATOM   1339 O  "O4'" . U   B 2 15 ? -1.790  0.696   -26.647 1.00 33.94 ? 15  U   B "O4'" 1 
ATOM   1340 C  "C3'" . U   B 2 15 ? -3.888  0.679   -27.655 1.00 33.88 ? 15  U   B "C3'" 1 
ATOM   1341 O  "O3'" . U   B 2 15 ? -5.137  1.310   -27.837 1.00 33.97 ? 15  U   B "O3'" 1 
ATOM   1342 C  "C2'" . U   B 2 15 ? -2.866  1.021   -28.728 1.00 33.72 ? 15  U   B "C2'" 1 
ATOM   1343 O  "O2'" . U   B 2 15 ? -2.792  2.424   -28.914 1.00 36.90 ? 15  U   B "O2'" 1 
ATOM   1344 C  "C1'" . U   B 2 15 ? -1.583  0.582   -28.043 1.00 30.00 ? 15  U   B "C1'" 1 
ATOM   1345 N  N1    . U   B 2 15 ? -1.248  -0.821  -28.362 1.00 27.36 ? 15  U   B N1    1 
ATOM   1346 C  C2    . U   B 2 15 ? -0.576  -1.063  -29.546 1.00 29.87 ? 15  U   B C2    1 
ATOM   1347 O  O2    . U   B 2 15 ? -0.261  -0.173  -30.320 1.00 29.99 ? 15  U   B O2    1 
ATOM   1348 N  N3    . U   B 2 15 ? -0.282  -2.384  -29.791 1.00 26.89 ? 15  U   B N3    1 
ATOM   1349 C  C4    . U   B 2 15 ? -0.588  -3.449  -28.972 1.00 24.85 ? 15  U   B C4    1 
ATOM   1350 O  O4    . U   B 2 15 ? -0.258  -4.577  -29.303 1.00 26.30 ? 15  U   B O4    1 
ATOM   1351 C  C5    . U   B 2 15 ? -1.282  -3.116  -27.773 1.00 28.76 ? 15  U   B C5    1 
ATOM   1352 C  C6    . U   B 2 15 ? -1.585  -1.844  -27.512 1.00 28.70 ? 15  U   B C6    1 
ATOM   1353 P  P     . A   B 2 16 ? -6.292  0.502   -28.592 1.00 33.16 ? 16  A   B P     1 
ATOM   1354 O  OP1   . A   B 2 16 ? -7.573  1.251   -28.470 1.00 35.68 ? 16  A   B OP1   1 
ATOM   1355 O  OP2   . A   B 2 16 ? -6.197  -0.903  -28.115 1.00 33.50 ? 16  A   B OP2   1 
ATOM   1356 O  "O5'" . A   B 2 16 ? -5.805  0.463   -30.107 1.00 33.20 ? 16  A   B "O5'" 1 
ATOM   1357 C  "C5'" . A   B 2 16 ? -5.618  1.652   -30.855 1.00 34.30 ? 16  A   B "C5'" 1 
ATOM   1358 C  "C4'" . A   B 2 16 ? -5.081  1.354   -32.235 1.00 40.64 ? 16  A   B "C4'" 1 
ATOM   1359 O  "O4'" . A   B 2 16 ? -3.732  0.815   -32.148 1.00 38.04 ? 16  A   B "O4'" 1 
ATOM   1360 C  "C3'" . A   B 2 16 ? -5.827  0.302   -33.038 1.00 40.32 ? 16  A   B "C3'" 1 
ATOM   1361 O  "O3'" . A   B 2 16 ? -7.038  0.769   -33.604 1.00 39.74 ? 16  A   B "O3'" 1 
ATOM   1362 C  "C2'" . A   B 2 16 ? -4.784  -0.116  -34.064 1.00 38.24 ? 16  A   B "C2'" 1 
ATOM   1363 O  "O2'" . A   B 2 16 ? -4.664  0.869   -35.080 1.00 41.00 ? 16  A   B "O2'" 1 
ATOM   1364 C  "C1'" . A   B 2 16 ? -3.513  -0.089  -33.217 1.00 34.02 ? 16  A   B "C1'" 1 
ATOM   1365 N  N9    . A   B 2 16 ? -3.186  -1.421  -32.677 1.00 30.24 ? 16  A   B N9    1 
ATOM   1366 C  C8    . A   B 2 16 ? -3.447  -1.938  -31.434 1.00 31.39 ? 16  A   B C8    1 
ATOM   1367 N  N7    . A   B 2 16 ? -3.023  -3.174  -31.269 1.00 30.66 ? 16  A   B N7    1 
ATOM   1368 C  C5    . A   B 2 16 ? -2.447  -3.497  -32.489 1.00 30.01 ? 16  A   B C5    1 
ATOM   1369 C  C6    . A   B 2 16 ? -1.814  -4.660  -32.969 1.00 27.55 ? 16  A   B C6    1 
ATOM   1370 N  N6    . A   B 2 16 ? -1.636  -5.778  -32.260 1.00 24.96 ? 16  A   B N6    1 
ATOM   1371 N  N1    . A   B 2 16 ? -1.352  -4.641  -34.236 1.00 29.34 ? 16  A   B N1    1 
ATOM   1372 C  C2    . A   B 2 16 ? -1.521  -3.535  -34.966 1.00 32.13 ? 16  A   B C2    1 
ATOM   1373 N  N3    . A   B 2 16 ? -2.094  -2.381  -34.628 1.00 36.68 ? 16  A   B N3    1 
ATOM   1374 C  C4    . A   B 2 16 ? -2.542  -2.426  -33.361 1.00 34.38 ? 16  A   B C4    1 
ATOM   1375 P  P     . C   B 2 17 ? -8.253  -0.260  -33.842 1.00 50.66 ? 17  C   B P     1 
ATOM   1376 O  OP1   . C   B 2 17 ? -9.357  0.484   -34.492 1.00 47.67 ? 17  C   B OP1   1 
ATOM   1377 O  OP2   . C   B 2 17 ? -8.527  -0.999  -32.580 1.00 39.94 ? 17  C   B OP2   1 
ATOM   1378 O  "O5'" . C   B 2 17 ? -7.677  -1.280  -34.922 1.00 46.25 ? 17  C   B "O5'" 1 
ATOM   1379 C  "C5'" . C   B 2 17 ? -7.323  -0.822  -36.219 1.00 46.20 ? 17  C   B "C5'" 1 
ATOM   1380 C  "C4'" . C   B 2 17 ? -6.675  -1.901  -37.050 1.00 42.72 ? 17  C   B "C4'" 1 
ATOM   1381 O  "O4'" . C   B 2 17 ? -5.464  -2.384  -36.419 1.00 41.87 ? 17  C   B "O4'" 1 
ATOM   1382 C  "C3'" . C   B 2 17 ? -7.483  -3.163  -37.264 1.00 42.99 ? 17  C   B "C3'" 1 
ATOM   1383 O  "O3'" . C   B 2 17 ? -8.513  -3.000  -38.218 1.00 46.46 ? 17  C   B "O3'" 1 
ATOM   1384 C  "C2'" . C   B 2 17 ? -6.414  -4.163  -37.680 1.00 44.23 ? 17  C   B "C2'" 1 
ATOM   1385 O  "O2'" . C   B 2 17 ? -6.056  -3.978  -39.043 1.00 54.48 ? 17  C   B "O2'" 1 
ATOM   1386 C  "C1'" . C   B 2 17 ? -5.233  -3.723  -36.811 1.00 41.00 ? 17  C   B "C1'" 1 
ATOM   1387 N  N1    . C   B 2 17 ? -5.073  -4.584  -35.617 1.00 36.95 ? 17  C   B N1    1 
ATOM   1388 C  C2    . C   B 2 17 ? -4.350  -5.772  -35.779 1.00 37.99 ? 17  C   B C2    1 
ATOM   1389 O  O2    . C   B 2 17 ? -3.867  -6.038  -36.894 1.00 39.82 ? 17  C   B O2    1 
ATOM   1390 N  N3    . C   B 2 17 ? -4.180  -6.600  -34.726 1.00 33.09 ? 17  C   B N3    1 
ATOM   1391 C  C4    . C   B 2 17 ? -4.704  -6.278  -33.552 1.00 33.14 ? 17  C   B C4    1 
ATOM   1392 N  N4    . C   B 2 17 ? -4.507  -7.125  -32.544 1.00 32.82 ? 17  C   B N4    1 
ATOM   1393 C  C5    . C   B 2 17 ? -5.444  -5.080  -33.357 1.00 34.32 ? 17  C   B C5    1 
ATOM   1394 C  C6    . C   B 2 17 ? -5.608  -4.265  -34.407 1.00 35.62 ? 17  C   B C6    1 
ATOM   1395 P  P     . C   B 2 18 ? -9.760  -4.010  -38.211 1.00 60.84 ? 18  C   B P     1 
ATOM   1396 O  OP1   . C   B 2 18 ? -10.963 -3.236  -38.613 1.00 53.66 ? 18  C   B OP1   1 
ATOM   1397 O  OP2   . C   B 2 18 ? -9.772  -4.785  -36.933 1.00 39.77 ? 18  C   B OP2   1 
ATOM   1398 O  "O5'" . C   B 2 18 ? -9.394  -5.028  -39.375 1.00 52.94 ? 18  C   B "O5'" 1 
ATOM   1399 C  "C5'" . C   B 2 18 ? -9.554  -6.420  -39.187 1.00 43.02 ? 18  C   B "C5'" 1 
ATOM   1400 C  "C4'" . C   B 2 18 ? -8.402  -7.185  -39.770 1.00 37.20 ? 18  C   B "C4'" 1 
ATOM   1401 O  "O4'" . C   B 2 18 ? -7.210  -6.965  -38.974 1.00 38.13 ? 18  C   B "O4'" 1 
ATOM   1402 C  "C3'" . C   B 2 18 ? -8.575  -8.694  -39.774 1.00 43.04 ? 18  C   B "C3'" 1 
ATOM   1403 O  "O3'" . C   B 2 18 ? -9.343  -9.143  -40.872 1.00 46.38 ? 18  C   B "O3'" 1 
ATOM   1404 C  "C2'" . C   B 2 18 ? -7.140  -9.194  -39.777 1.00 42.76 ? 18  C   B "C2'" 1 
ATOM   1405 O  "O2'" . C   B 2 18 ? -6.569  -9.085  -41.075 1.00 38.37 ? 18  C   B "O2'" 1 
ATOM   1406 C  "C1'" . C   B 2 18 ? -6.473  -8.166  -38.865 1.00 39.29 ? 18  C   B "C1'" 1 
ATOM   1407 N  N1    . C   B 2 18 ? -6.500  -8.580  -37.442 1.00 33.54 ? 18  C   B N1    1 
ATOM   1408 C  C2    . C   B 2 18 ? -5.870  -9.746  -36.991 1.00 32.47 ? 18  C   B C2    1 
ATOM   1409 O  O2    . C   B 2 18 ? -5.270  -10.480 -37.777 1.00 34.66 ? 18  C   B O2    1 
ATOM   1410 N  N3    . C   B 2 18 ? -5.930  -10.064 -35.680 1.00 36.29 ? 18  C   B N3    1 
ATOM   1411 C  C4    . C   B 2 18 ? -6.576  -9.268  -34.825 1.00 36.18 ? 18  C   B C4    1 
ATOM   1412 N  N4    . C   B 2 18 ? -6.611  -9.625  -33.542 1.00 36.01 ? 18  C   B N4    1 
ATOM   1413 C  C5    . C   B 2 18 ? -7.214  -8.071  -35.245 1.00 34.44 ? 18  C   B C5    1 
ATOM   1414 C  C6    . C   B 2 18 ? -7.146  -7.774  -36.547 1.00 37.65 ? 18  C   B C6    1 
ATOM   1415 P  P     . C   B 2 19 ? -10.631 -10.066 -40.630 1.00 49.47 ? 19  C   B P     1 
ATOM   1416 O  OP1   . C   B 2 19 ? -11.371 -10.043 -41.921 1.00 51.80 ? 19  C   B OP1   1 
ATOM   1417 O  OP2   . C   B 2 19 ? -11.327 -9.667  -39.379 1.00 43.23 ? 19  C   B OP2   1 
ATOM   1418 O  "O5'" . C   B 2 19 ? -10.006 -11.507 -40.372 1.00 43.09 ? 19  C   B "O5'" 1 
ATOM   1419 C  "C5'" . C   B 2 19 ? -9.046  -12.041 -41.269 1.00 43.89 ? 19  C   B "C5'" 1 
ATOM   1420 C  "C4'" . C   B 2 19 ? -8.423  -13.305 -40.737 1.00 43.39 ? 19  C   B "C4'" 1 
ATOM   1421 O  "O4'" . C   B 2 19 ? -7.522  -13.002 -39.643 1.00 44.47 ? 19  C   B "O4'" 1 
ATOM   1422 C  "C3'" . C   B 2 19 ? -9.373  -14.327 -40.144 1.00 45.85 ? 19  C   B "C3'" 1 
ATOM   1423 O  "O3'" . C   B 2 19 ? -10.058 -15.081 -41.125 1.00 53.30 ? 19  C   B "O3'" 1 
ATOM   1424 C  "C2'" . C   B 2 19 ? -8.443  -15.163 -39.275 1.00 47.36 ? 19  C   B "C2'" 1 
ATOM   1425 O  "O2'" . C   B 2 19 ? -7.699  -16.073 -40.073 1.00 48.15 ? 19  C   B "O2'" 1 
ATOM   1426 C  "C1'" . C   B 2 19 ? -7.486  -14.092 -38.743 1.00 44.68 ? 19  C   B "C1'" 1 
ATOM   1427 N  N1    . C   B 2 19 ? -7.872  -13.621 -37.395 1.00 38.33 ? 19  C   B N1    1 
ATOM   1428 C  C2    . C   B 2 19 ? -7.589  -14.426 -36.287 1.00 42.84 ? 19  C   B C2    1 
ATOM   1429 O  O2    . C   B 2 19 ? -7.016  -15.513 -36.446 1.00 43.31 ? 19  C   B O2    1 
ATOM   1430 N  N3    . C   B 2 19 ? -7.950  -14.003 -35.058 1.00 43.70 ? 19  C   B N3    1 
ATOM   1431 C  C4    . C   B 2 19 ? -8.564  -12.832 -34.913 1.00 40.65 ? 19  C   B C4    1 
ATOM   1432 N  N4    . C   B 2 19 ? -8.899  -12.449 -33.680 1.00 43.13 ? 19  C   B N4    1 
ATOM   1433 C  C5    . C   B 2 19 ? -8.863  -11.997 -36.022 1.00 39.09 ? 19  C   B C5    1 
ATOM   1434 C  C6    . C   B 2 19 ? -8.504  -12.428 -37.234 1.00 39.16 ? 19  C   B C6    1 
ATOM   1435 P  P     . A   B 2 20 ? -11.517 -15.678 -40.811 1.00 56.95 ? 20  A   B P     1 
ATOM   1436 O  OP1   . A   B 2 20 ? -11.953 -16.402 -42.034 1.00 59.61 ? 20  A   B OP1   1 
ATOM   1437 O  OP2   . A   B 2 20 ? -12.363 -14.596 -40.248 1.00 49.14 ? 20  A   B OP2   1 
ATOM   1438 O  "O5'" . A   B 2 20 ? -11.259 -16.759 -39.664 1.00 60.26 ? 20  A   B "O5'" 1 
ATOM   1439 C  "C5'" . A   B 2 20 ? -10.636 -18.005 -39.955 1.00 57.55 ? 20  A   B "C5'" 1 
ATOM   1440 C  "C4'" . A   B 2 20 ? -10.462 -18.852 -38.715 1.00 57.86 ? 20  A   B "C4'" 1 
ATOM   1441 O  "O4'" . A   B 2 20 ? -9.611  -18.163 -37.763 1.00 56.49 ? 20  A   B "O4'" 1 
ATOM   1442 C  "C3'" . A   B 2 20 ? -11.727 -19.160 -37.927 1.00 60.89 ? 20  A   B "C3'" 1 
ATOM   1443 O  "O3'" . A   B 2 20 ? -12.464 -20.238 -38.474 1.00 77.89 ? 20  A   B "O3'" 1 
ATOM   1444 C  "C2'" . A   B 2 20 ? -11.194 -19.440 -36.527 1.00 58.76 ? 20  A   B "C2'" 1 
ATOM   1445 O  "O2'" . A   B 2 20 ? -10.672 -20.761 -36.437 1.00 57.23 ? 20  A   B "O2'" 1 
ATOM   1446 C  "C1'" . A   B 2 20 ? -10.031 -18.449 -36.443 1.00 56.67 ? 20  A   B "C1'" 1 
ATOM   1447 N  N9    . A   B 2 20 ? -10.421 -17.184 -35.788 1.00 50.26 ? 20  A   B N9    1 
ATOM   1448 C  C8    . A   B 2 20 ? -10.814 -16.013 -36.387 1.00 49.68 ? 20  A   B C8    1 
ATOM   1449 N  N7    . A   B 2 20 ? -11.095 -15.055 -35.539 1.00 47.56 ? 20  A   B N7    1 
ATOM   1450 C  C5    . A   B 2 20 ? -10.870 -15.634 -34.296 1.00 48.29 ? 20  A   B C5    1 
ATOM   1451 C  C6    . A   B 2 20 ? -10.989 -15.140 -32.982 1.00 47.65 ? 20  A   B C6    1 
ATOM   1452 N  N6    . A   B 2 20 ? -11.381 -13.897 -32.695 1.00 47.16 ? 20  A   B N6    1 
ATOM   1453 N  N1    . A   B 2 20 ? -10.689 -15.973 -31.959 1.00 45.74 ? 20  A   B N1    1 
ATOM   1454 C  C2    . A   B 2 20 ? -10.299 -17.220 -32.254 1.00 49.50 ? 20  A   B C2    1 
ATOM   1455 N  N3    . A   B 2 20 ? -10.150 -17.797 -33.445 1.00 47.03 ? 20  A   B N3    1 
ATOM   1456 C  C4    . A   B 2 20 ? -10.455 -16.944 -34.436 1.00 46.31 ? 20  A   B C4    1 
HETATM 1457 MG MG    . MG  C 3 .  ? 5.939   2.658   9.276   1.00 33.07 ? 101 MG  A MG    1 
HETATM 1458 MG MG    . MG  D 3 .  ? -1.854  10.702  19.854  1.00 34.36 ? 102 MG  A MG    1 
HETATM 1459 MG MG    . MG  E 3 .  ? 15.303  -17.658 4.886   1.00 53.70 ? 103 MG  A MG    1 
HETATM 1460 MG MG    . MG  F 3 .  ? 4.163   18.246  7.161   1.00 33.67 ? 104 MG  A MG    1 
HETATM 1461 MG MG    . MG  G 3 .  ? -3.872  -1.060  10.709  1.00 52.72 ? 105 MG  A MG    1 
HETATM 1462 MG MG    . MG  H 3 .  ? 0.056   -9.437  -23.480 0.50 30.68 ? 101 MG  B MG    1 
HETATM 1463 MG MG    . MG  I 3 .  ? -15.152 -10.696 -41.997 1.00 54.98 ? 102 MG  B MG    1 
HETATM 1464 MG MG    . MG  J 3 .  ? -6.062  -3.946  -27.797 1.00 42.90 ? 103 MG  B MG    1 
# 
loop_
_pdbx_poly_seq_scheme.asym_id 
_pdbx_poly_seq_scheme.entity_id 
_pdbx_poly_seq_scheme.seq_id 
_pdbx_poly_seq_scheme.mon_id 
_pdbx_poly_seq_scheme.ndb_seq_num 
_pdbx_poly_seq_scheme.pdb_seq_num 
_pdbx_poly_seq_scheme.auth_seq_num 
_pdbx_poly_seq_scheme.pdb_mon_id 
_pdbx_poly_seq_scheme.auth_mon_id 
_pdbx_poly_seq_scheme.pdb_strand_id 
_pdbx_poly_seq_scheme.pdb_ins_code 
_pdbx_poly_seq_scheme.hetero 
A 1 1  G   1  1  1  G   G   A . n 
A 1 2  G   2  2  2  G   G   A . n 
A 1 3  G   3  3  3  G   G   A . n 
A 1 4  U   4  4  4  U   U   A . n 
A 1 5  A   5  5  5  A   A   A . n 
A 1 6  C   6  6  6  C   C   A . n 
A 1 7  U   7  7  7  U   U   A . n 
A 1 8  U   8  8  8  U   U   A . n 
A 1 9  A   9  9  9  A   A   A . n 
A 1 10 A   10 10 10 A   A   A . n 
A 1 11 G   11 11 11 G   G   A . n 
A 1 12 C   12 12 12 C   C   A . n 
A 1 13 C   13 13 13 C   C   A . n 
A 1 14 C   14 14 14 C   C   A . n 
A 1 15 A   15 15 15 A   A   A . n 
A 1 16 C   16 16 16 C   C   A . n 
A 1 17 U   17 17 17 U   U   A . n 
A 1 18 G   18 18 18 G   G   A . n 
A 1 19 A   19 19 19 A   A   A . n 
A 1 20 U   20 20 20 U   U   A . n 
A 1 21 G   21 21 21 G   G   A . n 
A 1 22 A   22 22 22 A   A   A . n 
A 1 23 G   23 23 23 G   G   A . n 
A 1 24 U   24 24 24 U   U   A . n 
A 1 25 C   25 25 25 C   C   A . n 
A 1 26 G   26 26 26 G   G   A . n 
A 1 27 C   27 27 27 C   C   A . n 
A 1 28 U   28 28 28 U   U   A . n 
A 1 29 G   29 29 29 G   G   A . n 
A 1 30 G   30 30 30 G   G   A . n 
A 1 31 G   31 31 31 G   G   A . n 
A 1 32 A   32 32 32 A   A   A . n 
A 1 33 U   33 33 33 U   U   A . n 
A 1 34 G   34 34 34 G   G   A . n 
A 1 35 C   35 35 35 C   C   A . n 
A 1 36 G   36 36 36 G   G   A . n 
A 1 37 A   37 37 37 A   A   A . n 
A 1 38 C   38 38 38 C   C   A . n 
A 1 39 G   39 39 39 G   G   A . n 
A 1 40 A   40 40 40 A   A   A . n 
A 1 41 A   41 41 41 A   A   A . n 
A 1 42 A   42 42 42 A   A   A . n 
A 1 43 C   43 43 43 C   C   A . n 
A 1 44 G   44 44 44 G   G   A . n 
A 1 45 C   45 45 45 C   C   A . n 
A 1 46 C   46 46 46 C   C   A . n 
A 1 47 C   47 47 47 C   C   A . n 
A 1 48 A   48 48 48 A   A   A . n 
B 2 1  G   1  1  1  G   G   B . n 
B 2 2  G   2  2  2  G   G   B . n 
B 2 3  G   3  3  3  G   G   B . n 
B 2 4  C   4  4  4  C   C   B . n 
B 2 5  G   5  5  5  G   G   B . n 
B 2 6  U   6  6  6  U   U   B . n 
B 2 7  CVC 7  7  7  CVC CVC B . n 
B 2 8  U   8  8  8  U   U   B . n 
B 2 9  G   9  9  9  G   G   B . n 
B 2 10 G   10 10 10 G   G   B . n 
B 2 11 G   11 11 11 G   G   B . n 
B 2 12 C   12 12 12 C   C   B . n 
B 2 13 A   13 13 13 A   A   B . n 
B 2 14 G   14 14 14 G   G   B . n 
B 2 15 U   15 15 15 U   U   B . n 
B 2 16 A   16 16 16 A   A   B . n 
B 2 17 C   17 17 17 C   C   B . n 
B 2 18 C   18 18 18 C   C   B . n 
B 2 19 C   19 19 19 C   C   B . n 
B 2 20 A   20 20 20 A   A   B . n 
# 
loop_
_pdbx_nonpoly_scheme.asym_id 
_pdbx_nonpoly_scheme.entity_id 
_pdbx_nonpoly_scheme.mon_id 
_pdbx_nonpoly_scheme.ndb_seq_num 
_pdbx_nonpoly_scheme.pdb_seq_num 
_pdbx_nonpoly_scheme.auth_seq_num 
_pdbx_nonpoly_scheme.pdb_mon_id 
_pdbx_nonpoly_scheme.auth_mon_id 
_pdbx_nonpoly_scheme.pdb_strand_id 
_pdbx_nonpoly_scheme.pdb_ins_code 
C 3 MG 1 101 1 MG MG A . 
D 3 MG 1 102 3 MG MG A . 
E 3 MG 1 103 4 MG MG A . 
F 3 MG 1 104 6 MG MG A . 
G 3 MG 1 105 9 MG MG A . 
H 3 MG 1 101 2 MG MG B . 
I 3 MG 1 102 5 MG MG B . 
J 3 MG 1 103 8 MG MG B . 
# 
_pdbx_struct_assembly.id                   1 
_pdbx_struct_assembly.details              author_and_software_defined_assembly 
_pdbx_struct_assembly.method_details       PISA 
_pdbx_struct_assembly.oligomeric_details   dimeric 
_pdbx_struct_assembly.oligomeric_count     2 
# 
_pdbx_struct_assembly_gen.assembly_id       1 
_pdbx_struct_assembly_gen.oper_expression   1 
_pdbx_struct_assembly_gen.asym_id_list      A,B,C,D,E,F,G,H,I,J 
# 
loop_
_pdbx_struct_assembly_prop.biol_id 
_pdbx_struct_assembly_prop.type 
_pdbx_struct_assembly_prop.value 
_pdbx_struct_assembly_prop.details 
1 'ABSA (A^2)' 2690  ? 
1 MORE         -62   ? 
1 'SSA (A^2)'  11990 ? 
# 
_pdbx_struct_oper_list.id                   1 
_pdbx_struct_oper_list.type                 'identity operation' 
_pdbx_struct_oper_list.name                 1_555 
_pdbx_struct_oper_list.symmetry_operation   x,y,z 
_pdbx_struct_oper_list.matrix[1][1]         1.0000000000 
_pdbx_struct_oper_list.matrix[1][2]         0.0000000000 
_pdbx_struct_oper_list.matrix[1][3]         0.0000000000 
_pdbx_struct_oper_list.vector[1]            0.0000000000 
_pdbx_struct_oper_list.matrix[2][1]         0.0000000000 
_pdbx_struct_oper_list.matrix[2][2]         1.0000000000 
_pdbx_struct_oper_list.matrix[2][3]         0.0000000000 
_pdbx_struct_oper_list.vector[2]            0.0000000000 
_pdbx_struct_oper_list.matrix[3][1]         0.0000000000 
_pdbx_struct_oper_list.matrix[3][2]         0.0000000000 
_pdbx_struct_oper_list.matrix[3][3]         1.0000000000 
_pdbx_struct_oper_list.vector[3]            0.0000000000 
# 
_pdbx_struct_special_symmetry.id              1 
_pdbx_struct_special_symmetry.PDB_model_num   1 
_pdbx_struct_special_symmetry.auth_asym_id    B 
_pdbx_struct_special_symmetry.auth_comp_id    MG 
_pdbx_struct_special_symmetry.auth_seq_id     101 
_pdbx_struct_special_symmetry.PDB_ins_code    ? 
_pdbx_struct_special_symmetry.label_asym_id   H 
_pdbx_struct_special_symmetry.label_comp_id   MG 
_pdbx_struct_special_symmetry.label_seq_id    . 
# 
loop_
_pdbx_struct_conn_angle.id 
_pdbx_struct_conn_angle.ptnr1_label_atom_id 
_pdbx_struct_conn_angle.ptnr1_label_alt_id 
_pdbx_struct_conn_angle.ptnr1_label_asym_id 
_pdbx_struct_conn_angle.ptnr1_label_comp_id 
_pdbx_struct_conn_angle.ptnr1_label_seq_id 
_pdbx_struct_conn_angle.ptnr1_auth_atom_id 
_pdbx_struct_conn_angle.ptnr1_auth_asym_id 
_pdbx_struct_conn_angle.ptnr1_auth_comp_id 
_pdbx_struct_conn_angle.ptnr1_auth_seq_id 
_pdbx_struct_conn_angle.ptnr1_PDB_ins_code 
_pdbx_struct_conn_angle.ptnr1_symmetry 
_pdbx_struct_conn_angle.ptnr2_label_atom_id 
_pdbx_struct_conn_angle.ptnr2_label_alt_id 
_pdbx_struct_conn_angle.ptnr2_label_asym_id 
_pdbx_struct_conn_angle.ptnr2_label_comp_id 
_pdbx_struct_conn_angle.ptnr2_label_seq_id 
_pdbx_struct_conn_angle.ptnr2_auth_atom_id 
_pdbx_struct_conn_angle.ptnr2_auth_asym_id 
_pdbx_struct_conn_angle.ptnr2_auth_comp_id 
_pdbx_struct_conn_angle.ptnr2_auth_seq_id 
_pdbx_struct_conn_angle.ptnr2_PDB_ins_code 
_pdbx_struct_conn_angle.ptnr2_symmetry 
_pdbx_struct_conn_angle.ptnr3_label_atom_id 
_pdbx_struct_conn_angle.ptnr3_label_alt_id 
_pdbx_struct_conn_angle.ptnr3_label_asym_id 
_pdbx_struct_conn_angle.ptnr3_label_comp_id 
_pdbx_struct_conn_angle.ptnr3_label_seq_id 
_pdbx_struct_conn_angle.ptnr3_auth_atom_id 
_pdbx_struct_conn_angle.ptnr3_auth_asym_id 
_pdbx_struct_conn_angle.ptnr3_auth_comp_id 
_pdbx_struct_conn_angle.ptnr3_auth_seq_id 
_pdbx_struct_conn_angle.ptnr3_PDB_ins_code 
_pdbx_struct_conn_angle.ptnr3_symmetry 
_pdbx_struct_conn_angle.value 
_pdbx_struct_conn_angle.value_esd 
1  "O5'" ? B U   8  ? B U   8  ? 1_555 V  ? B CVC 7 ? B CVC 7   ? 1_555 "O2'" ? B CVC 7  ? B CVC 7  ? 1_555 169.2 ? 
2  "O5'" ? B U   8  ? B U   8  ? 1_555 V  ? B CVC 7 ? B CVC 7   ? 1_555 O1V   ? B CVC 7  ? B CVC 7  ? 1_555 70.8  ? 
3  "O2'" ? B CVC 7  ? B CVC 7  ? 1_555 V  ? B CVC 7 ? B CVC 7   ? 1_555 O1V   ? B CVC 7  ? B CVC 7  ? 1_555 118.4 ? 
4  "O5'" ? B U   8  ? B U   8  ? 1_555 V  ? B CVC 7 ? B CVC 7   ? 1_555 "O3'" ? B CVC 7  ? B CVC 7  ? 1_555 78.0  ? 
5  "O2'" ? B CVC 7  ? B CVC 7  ? 1_555 V  ? B CVC 7 ? B CVC 7   ? 1_555 "O3'" ? B CVC 7  ? B CVC 7  ? 1_555 93.5  ? 
6  O1V   ? B CVC 7  ? B CVC 7  ? 1_555 V  ? B CVC 7 ? B CVC 7   ? 1_555 "O3'" ? B CVC 7  ? B CVC 7  ? 1_555 105.2 ? 
7  "O5'" ? B U   8  ? B U   8  ? 1_555 V  ? B CVC 7 ? B CVC 7   ? 1_555 O2V   ? B CVC 7  ? B CVC 7  ? 1_555 72.1  ? 
8  "O2'" ? B CVC 7  ? B CVC 7  ? 1_555 V  ? B CVC 7 ? B CVC 7   ? 1_555 O2V   ? B CVC 7  ? B CVC 7  ? 1_555 105.0 ? 
9  O1V   ? B CVC 7  ? B CVC 7  ? 1_555 V  ? B CVC 7 ? B CVC 7   ? 1_555 O2V   ? B CVC 7  ? B CVC 7  ? 1_555 122.0 ? 
10 "O3'" ? B CVC 7  ? B CVC 7  ? 1_555 V  ? B CVC 7 ? B CVC 7   ? 1_555 O2V   ? B CVC 7  ? B CVC 7  ? 1_555 108.7 ? 
11 "O2'" ? B A   13 ? B A   13 ? 1_555 MG ? H MG  . ? B MG  101 ? 1_555 "O2'" ? B A   13 ? B A   13 ? 1_555 0.0   ? 
12 "O2'" ? B A   13 ? B A   13 ? 1_555 MG ? H MG  . ? B MG  101 ? 1_555 OP2   ? B G   14 ? B G   14 ? 1_555 89.3  ? 
13 "O2'" ? B A   13 ? B A   13 ? 1_555 MG ? H MG  . ? B MG  101 ? 1_555 OP2   ? B G   14 ? B G   14 ? 1_555 89.3  ? 
14 "O2'" ? B A   13 ? B A   13 ? 1_555 MG ? H MG  . ? B MG  101 ? 1_555 OP2   ? B G   14 ? B G   14 ? 1_555 89.3  ? 
15 "O2'" ? B A   13 ? B A   13 ? 1_555 MG ? H MG  . ? B MG  101 ? 1_555 OP2   ? B G   14 ? B G   14 ? 1_555 89.3  ? 
16 OP2   ? B G   14 ? B G   14 ? 1_555 MG ? H MG  . ? B MG  101 ? 1_555 OP2   ? B G   14 ? B G   14 ? 1_555 0.0   ? 
# 
loop_
_pdbx_audit_revision_history.ordinal 
_pdbx_audit_revision_history.data_content_type 
_pdbx_audit_revision_history.major_revision 
_pdbx_audit_revision_history.minor_revision 
_pdbx_audit_revision_history.revision_date 
1 'Structure model' 1 0 2016-02-24 
2 'Structure model' 1 1 2017-09-20 
3 'Structure model' 1 2 2019-12-25 
4 'Structure model' 1 3 2023-09-27 
# 
_pdbx_audit_revision_details.ordinal             1 
_pdbx_audit_revision_details.revision_ordinal    1 
_pdbx_audit_revision_details.data_content_type   'Structure model' 
_pdbx_audit_revision_details.provider            repository 
_pdbx_audit_revision_details.type                'Initial release' 
_pdbx_audit_revision_details.description         ? 
_pdbx_audit_revision_details.details             ? 
# 
loop_
_pdbx_audit_revision_group.ordinal 
_pdbx_audit_revision_group.revision_ordinal 
_pdbx_audit_revision_group.data_content_type 
_pdbx_audit_revision_group.group 
1 2 'Structure model' 'Author supporting evidence' 
2 2 'Structure model' 'Derived calculations'       
3 3 'Structure model' Advisory                     
4 3 'Structure model' 'Author supporting evidence' 
5 4 'Structure model' 'Data collection'            
6 4 'Structure model' 'Database references'        
7 4 'Structure model' 'Derived calculations'       
8 4 'Structure model' 'Refinement description'     
# 
loop_
_pdbx_audit_revision_category.ordinal 
_pdbx_audit_revision_category.revision_ordinal 
_pdbx_audit_revision_category.data_content_type 
_pdbx_audit_revision_category.category 
1  2 'Structure model' pdbx_audit_support            
2  2 'Structure model' pdbx_struct_oper_list         
3  3 'Structure model' pdbx_audit_support            
4  3 'Structure model' pdbx_unobs_or_zero_occ_atoms  
5  4 'Structure model' chem_comp_atom                
6  4 'Structure model' chem_comp_bond                
7  4 'Structure model' database_2                    
8  4 'Structure model' pdbx_initial_refinement_model 
9  4 'Structure model' pdbx_struct_conn_angle        
10 4 'Structure model' struct_conn                   
11 4 'Structure model' struct_conn_type              
# 
loop_
_pdbx_audit_revision_item.ordinal 
_pdbx_audit_revision_item.revision_ordinal 
_pdbx_audit_revision_item.data_content_type 
_pdbx_audit_revision_item.item 
1  2 'Structure model' '_pdbx_audit_support.funding_organization'    
2  2 'Structure model' '_pdbx_struct_oper_list.symmetry_operation'   
3  3 'Structure model' '_pdbx_audit_support.funding_organization'    
4  4 'Structure model' '_database_2.pdbx_DOI'                        
5  4 'Structure model' '_database_2.pdbx_database_accession'         
6  4 'Structure model' '_pdbx_struct_conn_angle.ptnr1_auth_comp_id'  
7  4 'Structure model' '_pdbx_struct_conn_angle.ptnr1_auth_seq_id'   
8  4 'Structure model' '_pdbx_struct_conn_angle.ptnr1_label_atom_id' 
9  4 'Structure model' '_pdbx_struct_conn_angle.ptnr1_label_comp_id' 
10 4 'Structure model' '_pdbx_struct_conn_angle.ptnr1_label_seq_id'  
11 4 'Structure model' '_pdbx_struct_conn_angle.ptnr3_auth_comp_id'  
12 4 'Structure model' '_pdbx_struct_conn_angle.ptnr3_auth_seq_id'   
13 4 'Structure model' '_pdbx_struct_conn_angle.ptnr3_label_atom_id' 
14 4 'Structure model' '_pdbx_struct_conn_angle.ptnr3_label_comp_id' 
15 4 'Structure model' '_pdbx_struct_conn_angle.ptnr3_label_seq_id'  
16 4 'Structure model' '_pdbx_struct_conn_angle.value'               
17 4 'Structure model' '_struct_conn.conn_type_id'                   
18 4 'Structure model' '_struct_conn.id'                             
19 4 'Structure model' '_struct_conn.pdbx_dist_value'                
20 4 'Structure model' '_struct_conn.pdbx_leaving_atom_flag'         
21 4 'Structure model' '_struct_conn.ptnr1_auth_asym_id'             
22 4 'Structure model' '_struct_conn.ptnr1_auth_comp_id'             
23 4 'Structure model' '_struct_conn.ptnr1_auth_seq_id'              
24 4 'Structure model' '_struct_conn.ptnr1_label_asym_id'            
25 4 'Structure model' '_struct_conn.ptnr1_label_atom_id'            
26 4 'Structure model' '_struct_conn.ptnr1_label_comp_id'            
27 4 'Structure model' '_struct_conn.ptnr1_label_seq_id'             
28 4 'Structure model' '_struct_conn.ptnr2_auth_asym_id'             
29 4 'Structure model' '_struct_conn.ptnr2_auth_comp_id'             
30 4 'Structure model' '_struct_conn.ptnr2_auth_seq_id'              
31 4 'Structure model' '_struct_conn.ptnr2_label_asym_id'            
32 4 'Structure model' '_struct_conn.ptnr2_label_atom_id'            
33 4 'Structure model' '_struct_conn.ptnr2_label_comp_id'            
34 4 'Structure model' '_struct_conn.ptnr2_label_seq_id'             
35 4 'Structure model' '_struct_conn.ptnr2_symmetry'                 
36 4 'Structure model' '_struct_conn_type.id'                        
# 
loop_
_software.citation_id 
_software.classification 
_software.compiler_name 
_software.compiler_version 
_software.contact_author 
_software.contact_author_email 
_software.date 
_software.description 
_software.dependencies 
_software.hardware 
_software.language 
_software.location 
_software.mods 
_software.name 
_software.os 
_software.os_version 
_software.type 
_software.version 
_software.pdbx_ordinal 
? refinement       ? ? ? ? ? ? ? ? ? ? ? PHENIX   ? ? ? '(1.10_2155)' 1 
? 'data reduction' ? ? ? ? ? ? ? ? ? ? ? HKL-2000 ? ? ? .             2 
? 'data scaling'   ? ? ? ? ? ? ? ? ? ? ? HKL-2000 ? ? ? .             3 
? phasing          ? ? ? ? ? ? ? ? ? ? ? PHENIX   ? ? ? '(1.10_2155)' 4 
# 
_pdbx_validate_rmsd_angle.id                         1 
_pdbx_validate_rmsd_angle.PDB_model_num              1 
_pdbx_validate_rmsd_angle.auth_atom_id_1             "C4'" 
_pdbx_validate_rmsd_angle.auth_asym_id_1             B 
_pdbx_validate_rmsd_angle.auth_comp_id_1             U 
_pdbx_validate_rmsd_angle.auth_seq_id_1              6 
_pdbx_validate_rmsd_angle.PDB_ins_code_1             ? 
_pdbx_validate_rmsd_angle.label_alt_id_1             ? 
_pdbx_validate_rmsd_angle.auth_atom_id_2             "C3'" 
_pdbx_validate_rmsd_angle.auth_asym_id_2             B 
_pdbx_validate_rmsd_angle.auth_comp_id_2             U 
_pdbx_validate_rmsd_angle.auth_seq_id_2              6 
_pdbx_validate_rmsd_angle.PDB_ins_code_2             ? 
_pdbx_validate_rmsd_angle.label_alt_id_2             ? 
_pdbx_validate_rmsd_angle.auth_atom_id_3             "C2'" 
_pdbx_validate_rmsd_angle.auth_asym_id_3             B 
_pdbx_validate_rmsd_angle.auth_comp_id_3             U 
_pdbx_validate_rmsd_angle.auth_seq_id_3              6 
_pdbx_validate_rmsd_angle.PDB_ins_code_3             ? 
_pdbx_validate_rmsd_angle.label_alt_id_3             ? 
_pdbx_validate_rmsd_angle.angle_value                94.90 
_pdbx_validate_rmsd_angle.angle_target_value         102.60 
_pdbx_validate_rmsd_angle.angle_deviation            -7.70 
_pdbx_validate_rmsd_angle.angle_standard_deviation   1.00 
_pdbx_validate_rmsd_angle.linker_flag                N 
# 
loop_
_chem_comp_atom.comp_id 
_chem_comp_atom.atom_id 
_chem_comp_atom.type_symbol 
_chem_comp_atom.pdbx_aromatic_flag 
_chem_comp_atom.pdbx_stereo_config 
_chem_comp_atom.pdbx_ordinal 
A   OP3    O  N N 1   
A   P      P  N N 2   
A   OP1    O  N N 3   
A   OP2    O  N N 4   
A   "O5'"  O  N N 5   
A   "C5'"  C  N N 6   
A   "C4'"  C  N R 7   
A   "O4'"  O  N N 8   
A   "C3'"  C  N S 9   
A   "O3'"  O  N N 10  
A   "C2'"  C  N R 11  
A   "O2'"  O  N N 12  
A   "C1'"  C  N R 13  
A   N9     N  Y N 14  
A   C8     C  Y N 15  
A   N7     N  Y N 16  
A   C5     C  Y N 17  
A   C6     C  Y N 18  
A   N6     N  N N 19  
A   N1     N  Y N 20  
A   C2     C  Y N 21  
A   N3     N  Y N 22  
A   C4     C  Y N 23  
A   HOP3   H  N N 24  
A   HOP2   H  N N 25  
A   "H5'"  H  N N 26  
A   "H5''" H  N N 27  
A   "H4'"  H  N N 28  
A   "H3'"  H  N N 29  
A   "HO3'" H  N N 30  
A   "H2'"  H  N N 31  
A   "HO2'" H  N N 32  
A   "H1'"  H  N N 33  
A   H8     H  N N 34  
A   H61    H  N N 35  
A   H62    H  N N 36  
A   H2     H  N N 37  
C   OP3    O  N N 38  
C   P      P  N N 39  
C   OP1    O  N N 40  
C   OP2    O  N N 41  
C   "O5'"  O  N N 42  
C   "C5'"  C  N N 43  
C   "C4'"  C  N R 44  
C   "O4'"  O  N N 45  
C   "C3'"  C  N S 46  
C   "O3'"  O  N N 47  
C   "C2'"  C  N R 48  
C   "O2'"  O  N N 49  
C   "C1'"  C  N R 50  
C   N1     N  N N 51  
C   C2     C  N N 52  
C   O2     O  N N 53  
C   N3     N  N N 54  
C   C4     C  N N 55  
C   N4     N  N N 56  
C   C5     C  N N 57  
C   C6     C  N N 58  
C   HOP3   H  N N 59  
C   HOP2   H  N N 60  
C   "H5'"  H  N N 61  
C   "H5''" H  N N 62  
C   "H4'"  H  N N 63  
C   "H3'"  H  N N 64  
C   "HO3'" H  N N 65  
C   "H2'"  H  N N 66  
C   "HO2'" H  N N 67  
C   "H1'"  H  N N 68  
C   H41    H  N N 69  
C   H42    H  N N 70  
C   H5     H  N N 71  
C   H6     H  N N 72  
CVC O01    O  N N 73  
CVC C02    C  N N 74  
CVC P      P  N N 75  
CVC "C5'"  C  N N 76  
CVC "O5'"  O  N N 77  
CVC "C4'"  C  N R 78  
CVC "O4'"  O  N N 79  
CVC "C3'"  C  N R 80  
CVC "O3'"  O  N N 81  
CVC "C2'"  C  N R 82  
CVC "O2'"  O  N N 83  
CVC "C1'"  C  N R 84  
CVC C01    C  N N 85  
CVC N01    N  N N 86  
CVC O1V    O  N N 87  
CVC N02    N  N N 88  
CVC O02    O  N N 89  
CVC O2V    O  N N 90  
CVC N9     N  N N 91  
CVC OP1    O  N N 92  
CVC OP2    O  N N 93  
CVC V      V  N N 94  
CVC C4     C  N N 95  
CVC C8     C  N N 96  
CVC H1     H  N N 97  
CVC H2     H  N N 98  
CVC H3     H  N N 99  
CVC H4     H  N N 100 
CVC H5     H  N N 101 
CVC H6     H  N N 102 
CVC H7     H  N N 103 
CVC H8     H  N N 104 
CVC H9     H  N N 105 
CVC H10    H  N N 106 
CVC H11    H  N N 107 
CVC H12    H  N N 108 
CVC H13    H  N N 109 
CVC H14    H  N N 110 
G   OP3    O  N N 111 
G   P      P  N N 112 
G   OP1    O  N N 113 
G   OP2    O  N N 114 
G   "O5'"  O  N N 115 
G   "C5'"  C  N N 116 
G   "C4'"  C  N R 117 
G   "O4'"  O  N N 118 
G   "C3'"  C  N S 119 
G   "O3'"  O  N N 120 
G   "C2'"  C  N R 121 
G   "O2'"  O  N N 122 
G   "C1'"  C  N R 123 
G   N9     N  Y N 124 
G   C8     C  Y N 125 
G   N7     N  Y N 126 
G   C5     C  Y N 127 
G   C6     C  N N 128 
G   O6     O  N N 129 
G   N1     N  N N 130 
G   C2     C  N N 131 
G   N2     N  N N 132 
G   N3     N  N N 133 
G   C4     C  Y N 134 
G   HOP3   H  N N 135 
G   HOP2   H  N N 136 
G   "H5'"  H  N N 137 
G   "H5''" H  N N 138 
G   "H4'"  H  N N 139 
G   "H3'"  H  N N 140 
G   "HO3'" H  N N 141 
G   "H2'"  H  N N 142 
G   "HO2'" H  N N 143 
G   "H1'"  H  N N 144 
G   H8     H  N N 145 
G   H1     H  N N 146 
G   H21    H  N N 147 
G   H22    H  N N 148 
MG  MG     MG N N 149 
U   OP3    O  N N 150 
U   P      P  N N 151 
U   OP1    O  N N 152 
U   OP2    O  N N 153 
U   "O5'"  O  N N 154 
U   "C5'"  C  N N 155 
U   "C4'"  C  N R 156 
U   "O4'"  O  N N 157 
U   "C3'"  C  N S 158 
U   "O3'"  O  N N 159 
U   "C2'"  C  N R 160 
U   "O2'"  O  N N 161 
U   "C1'"  C  N R 162 
U   N1     N  N N 163 
U   C2     C  N N 164 
U   O2     O  N N 165 
U   N3     N  N N 166 
U   C4     C  N N 167 
U   O4     O  N N 168 
U   C5     C  N N 169 
U   C6     C  N N 170 
U   HOP3   H  N N 171 
U   HOP2   H  N N 172 
U   "H5'"  H  N N 173 
U   "H5''" H  N N 174 
U   "H4'"  H  N N 175 
U   "H3'"  H  N N 176 
U   "HO3'" H  N N 177 
U   "H2'"  H  N N 178 
U   "HO2'" H  N N 179 
U   "H1'"  H  N N 180 
U   H3     H  N N 181 
U   H5     H  N N 182 
U   H6     H  N N 183 
# 
loop_
_chem_comp_bond.comp_id 
_chem_comp_bond.atom_id_1 
_chem_comp_bond.atom_id_2 
_chem_comp_bond.value_order 
_chem_comp_bond.pdbx_aromatic_flag 
_chem_comp_bond.pdbx_stereo_config 
_chem_comp_bond.pdbx_ordinal 
A   OP3   P      sing N N 1   
A   OP3   HOP3   sing N N 2   
A   P     OP1    doub N N 3   
A   P     OP2    sing N N 4   
A   P     "O5'"  sing N N 5   
A   OP2   HOP2   sing N N 6   
A   "O5'" "C5'"  sing N N 7   
A   "C5'" "C4'"  sing N N 8   
A   "C5'" "H5'"  sing N N 9   
A   "C5'" "H5''" sing N N 10  
A   "C4'" "O4'"  sing N N 11  
A   "C4'" "C3'"  sing N N 12  
A   "C4'" "H4'"  sing N N 13  
A   "O4'" "C1'"  sing N N 14  
A   "C3'" "O3'"  sing N N 15  
A   "C3'" "C2'"  sing N N 16  
A   "C3'" "H3'"  sing N N 17  
A   "O3'" "HO3'" sing N N 18  
A   "C2'" "O2'"  sing N N 19  
A   "C2'" "C1'"  sing N N 20  
A   "C2'" "H2'"  sing N N 21  
A   "O2'" "HO2'" sing N N 22  
A   "C1'" N9     sing N N 23  
A   "C1'" "H1'"  sing N N 24  
A   N9    C8     sing Y N 25  
A   N9    C4     sing Y N 26  
A   C8    N7     doub Y N 27  
A   C8    H8     sing N N 28  
A   N7    C5     sing Y N 29  
A   C5    C6     sing Y N 30  
A   C5    C4     doub Y N 31  
A   C6    N6     sing N N 32  
A   C6    N1     doub Y N 33  
A   N6    H61    sing N N 34  
A   N6    H62    sing N N 35  
A   N1    C2     sing Y N 36  
A   C2    N3     doub Y N 37  
A   C2    H2     sing N N 38  
A   N3    C4     sing Y N 39  
C   OP3   P      sing N N 40  
C   OP3   HOP3   sing N N 41  
C   P     OP1    doub N N 42  
C   P     OP2    sing N N 43  
C   P     "O5'"  sing N N 44  
C   OP2   HOP2   sing N N 45  
C   "O5'" "C5'"  sing N N 46  
C   "C5'" "C4'"  sing N N 47  
C   "C5'" "H5'"  sing N N 48  
C   "C5'" "H5''" sing N N 49  
C   "C4'" "O4'"  sing N N 50  
C   "C4'" "C3'"  sing N N 51  
C   "C4'" "H4'"  sing N N 52  
C   "O4'" "C1'"  sing N N 53  
C   "C3'" "O3'"  sing N N 54  
C   "C3'" "C2'"  sing N N 55  
C   "C3'" "H3'"  sing N N 56  
C   "O3'" "HO3'" sing N N 57  
C   "C2'" "O2'"  sing N N 58  
C   "C2'" "C1'"  sing N N 59  
C   "C2'" "H2'"  sing N N 60  
C   "O2'" "HO2'" sing N N 61  
C   "C1'" N1     sing N N 62  
C   "C1'" "H1'"  sing N N 63  
C   N1    C2     sing N N 64  
C   N1    C6     sing N N 65  
C   C2    O2     doub N N 66  
C   C2    N3     sing N N 67  
C   N3    C4     doub N N 68  
C   C4    N4     sing N N 69  
C   C4    C5     sing N N 70  
C   N4    H41    sing N N 71  
C   N4    H42    sing N N 72  
C   C5    C6     doub N N 73  
C   C5    H5     sing N N 74  
C   C6    H6     sing N N 75  
CVC N02   C02    sing N N 76  
CVC C02   N01    doub N N 77  
CVC C02   C01    sing N N 78  
CVC N01   C4     sing N N 79  
CVC OP2   P      doub N N 80  
CVC C01   C8     doub N N 81  
CVC C4    O01    doub N N 82  
CVC C4    N9     sing N N 83  
CVC N9    C8     sing N N 84  
CVC N9    "C1'"  sing N N 85  
CVC "O5'" P      sing N N 86  
CVC "O5'" "C5'"  sing N N 87  
CVC "O4'" "C1'"  sing N N 88  
CVC "O4'" "C4'"  sing N N 89  
CVC P     OP1    sing N N 90  
CVC P     O02    sing N N 91  
CVC "C1'" "C2'"  sing N N 92  
CVC "C5'" "C4'"  sing N N 93  
CVC "C4'" "C3'"  sing N N 94  
CVC "C2'" "O2'"  sing N N 95  
CVC "C2'" "C3'"  sing N N 96  
CVC "O2'" V      sing N N 97  
CVC "C3'" "O3'"  sing N N 98  
CVC O1V   V      sing N N 99  
CVC "O3'" V      sing N N 100 
CVC V     O2V    sing N N 101 
CVC "C5'" H1     sing N N 102 
CVC "C5'" H2     sing N N 103 
CVC "C4'" H3     sing N N 104 
CVC "C3'" H4     sing N N 105 
CVC "C2'" H5     sing N N 106 
CVC "C1'" H6     sing N N 107 
CVC C01   H7     sing N N 108 
CVC O1V   H8     sing N N 109 
CVC N02   H9     sing N N 110 
CVC N02   H10    sing N N 111 
CVC O02   H11    sing N N 112 
CVC O2V   H12    sing N N 113 
CVC OP1   H13    sing N N 114 
CVC C8    H14    sing N N 115 
G   OP3   P      sing N N 116 
G   OP3   HOP3   sing N N 117 
G   P     OP1    doub N N 118 
G   P     OP2    sing N N 119 
G   P     "O5'"  sing N N 120 
G   OP2   HOP2   sing N N 121 
G   "O5'" "C5'"  sing N N 122 
G   "C5'" "C4'"  sing N N 123 
G   "C5'" "H5'"  sing N N 124 
G   "C5'" "H5''" sing N N 125 
G   "C4'" "O4'"  sing N N 126 
G   "C4'" "C3'"  sing N N 127 
G   "C4'" "H4'"  sing N N 128 
G   "O4'" "C1'"  sing N N 129 
G   "C3'" "O3'"  sing N N 130 
G   "C3'" "C2'"  sing N N 131 
G   "C3'" "H3'"  sing N N 132 
G   "O3'" "HO3'" sing N N 133 
G   "C2'" "O2'"  sing N N 134 
G   "C2'" "C1'"  sing N N 135 
G   "C2'" "H2'"  sing N N 136 
G   "O2'" "HO2'" sing N N 137 
G   "C1'" N9     sing N N 138 
G   "C1'" "H1'"  sing N N 139 
G   N9    C8     sing Y N 140 
G   N9    C4     sing Y N 141 
G   C8    N7     doub Y N 142 
G   C8    H8     sing N N 143 
G   N7    C5     sing Y N 144 
G   C5    C6     sing N N 145 
G   C5    C4     doub Y N 146 
G   C6    O6     doub N N 147 
G   C6    N1     sing N N 148 
G   N1    C2     sing N N 149 
G   N1    H1     sing N N 150 
G   C2    N2     sing N N 151 
G   C2    N3     doub N N 152 
G   N2    H21    sing N N 153 
G   N2    H22    sing N N 154 
G   N3    C4     sing N N 155 
U   OP3   P      sing N N 156 
U   OP3   HOP3   sing N N 157 
U   P     OP1    doub N N 158 
U   P     OP2    sing N N 159 
U   P     "O5'"  sing N N 160 
U   OP2   HOP2   sing N N 161 
U   "O5'" "C5'"  sing N N 162 
U   "C5'" "C4'"  sing N N 163 
U   "C5'" "H5'"  sing N N 164 
U   "C5'" "H5''" sing N N 165 
U   "C4'" "O4'"  sing N N 166 
U   "C4'" "C3'"  sing N N 167 
U   "C4'" "H4'"  sing N N 168 
U   "O4'" "C1'"  sing N N 169 
U   "C3'" "O3'"  sing N N 170 
U   "C3'" "C2'"  sing N N 171 
U   "C3'" "H3'"  sing N N 172 
U   "O3'" "HO3'" sing N N 173 
U   "C2'" "O2'"  sing N N 174 
U   "C2'" "C1'"  sing N N 175 
U   "C2'" "H2'"  sing N N 176 
U   "O2'" "HO2'" sing N N 177 
U   "C1'" N1     sing N N 178 
U   "C1'" "H1'"  sing N N 179 
U   N1    C2     sing N N 180 
U   N1    C6     sing N N 181 
U   C2    O2     doub N N 182 
U   C2    N3     sing N N 183 
U   N3    C4     sing N N 184 
U   N3    H3     sing N N 185 
U   C4    O4     doub N N 186 
U   C4    C5     sing N N 187 
U   C5    C6     doub N N 188 
U   C5    H5     sing N N 189 
U   C6    H6     sing N N 190 
# 
loop_
_ndb_struct_conf_na.entry_id 
_ndb_struct_conf_na.feature 
5EAO 'double helix'         
5EAO 'a-form double helix'  
5EAO 'hairpin loop'         
5EAO 'mismatched base pair' 
# 
loop_
_ndb_struct_na_base_pair.model_number 
_ndb_struct_na_base_pair.i_label_asym_id 
_ndb_struct_na_base_pair.i_label_comp_id 
_ndb_struct_na_base_pair.i_label_seq_id 
_ndb_struct_na_base_pair.i_symmetry 
_ndb_struct_na_base_pair.j_label_asym_id 
_ndb_struct_na_base_pair.j_label_comp_id 
_ndb_struct_na_base_pair.j_label_seq_id 
_ndb_struct_na_base_pair.j_symmetry 
_ndb_struct_na_base_pair.shear 
_ndb_struct_na_base_pair.stretch 
_ndb_struct_na_base_pair.stagger 
_ndb_struct_na_base_pair.buckle 
_ndb_struct_na_base_pair.propeller 
_ndb_struct_na_base_pair.opening 
_ndb_struct_na_base_pair.pair_number 
_ndb_struct_na_base_pair.pair_name 
_ndb_struct_na_base_pair.i_auth_asym_id 
_ndb_struct_na_base_pair.i_auth_seq_id 
_ndb_struct_na_base_pair.i_PDB_ins_code 
_ndb_struct_na_base_pair.j_auth_asym_id 
_ndb_struct_na_base_pair.j_auth_seq_id 
_ndb_struct_na_base_pair.j_PDB_ins_code 
_ndb_struct_na_base_pair.hbond_type_28 
_ndb_struct_na_base_pair.hbond_type_12 
1 A U 7  1_555 B A 13 1_555 4.320  -2.525 -0.298 -6.546  -6.979  -92.520 1  A_U7:A13_B  A 7  ? B 13 ? 24 4 
1 A A 10 1_555 A G 29 1_555 -3.239 3.733  0.142  -16.633 -8.607  69.437  2  A_A10:G29_A A 10 ? A 29 ? 10 6 
1 A A 32 1_555 A U 28 1_555 -4.264 -2.019 0.492  -2.426  7.911   -95.911 3  A_A32:U28_A A 32 ? A 28 ? 24 4 
1 A G 34 1_555 A C 27 1_555 -0.150 -0.099 0.146  8.567   -1.085  0.136   4  A_G34:C27_A A 34 ? A 27 ? 19 1 
1 A C 35 1_555 A G 26 1_555 0.159  -0.180 -0.080 5.783   -5.469  1.459   5  A_C35:G26_A A 35 ? A 26 ? 19 1 
1 A G 36 1_555 A C 25 1_555 -0.116 -0.179 0.176  -3.448  -7.008  -2.183  6  A_G36:C25_A A 36 ? A 25 ? 19 1 
1 A A 37 1_555 A U 24 1_555 0.039  -0.256 0.549  -7.580  -2.184  -3.397  7  A_A37:U24_A A 37 ? A 24 ? 20 1 
1 A C 38 1_555 A G 23 1_555 0.189  -0.156 0.753  -10.870 4.906   4.609   8  A_C38:G23_A A 38 ? A 23 ? 19 1 
1 A G 39 1_555 A A 22 1_555 6.293  -4.280 1.293  14.383  9.239   10.621  9  A_G39:A22_A A 39 ? A 22 ? 11 9 
1 A G 11 1_555 B C 12 1_555 -0.204 -0.096 -0.386 -7.432  -8.305  0.198   10 A_G11:C12_B A 11 ? B 12 ? 19 1 
1 A C 12 1_555 B G 11 1_555 0.146  -0.090 -0.237 -2.461  -3.740  0.590   11 A_C12:G11_B A 12 ? B 11 ? 19 1 
1 A C 13 1_555 B G 10 1_555 0.214  -0.146 -0.029 -0.783  -5.017  1.704   12 A_C13:G10_B A 13 ? B 10 ? 19 1 
1 A C 14 1_555 B G 9  1_555 0.185  -0.149 -0.018 -1.966  -5.019  0.291   13 A_C14:G9_B  A 14 ? B 9  ? 19 1 
1 A A 15 1_555 B U 8  1_555 0.114  -0.106 0.184  -2.019  -1.389  -2.181  14 A_A15:U8_B  A 15 ? B 8  ? 20 1 
1 A C 16 1_555 A G 21 1_555 0.227  -0.156 0.219  5.723   0.225   1.173   15 A_C16:G21_A A 16 ? A 21 ? 19 1 
1 A A 41 1_555 A G 18 1_555 -4.531 2.886  0.134  38.173  -38.079 75.629  16 A_A41:G18_A A 41 ? A 18 ? ?  ? 
1 A A 42 1_555 B U 6  1_555 -0.045 -0.144 0.555  7.484   5.901   -1.849  17 A_A42:U6_B  A 42 ? B 6  ? 20 1 
1 A C 43 1_555 B G 5  1_555 0.123  -0.264 0.645  6.083   -4.223  0.294   18 A_C43:G5_B  A 43 ? B 5  ? 19 1 
1 A G 44 1_555 B C 4  1_555 -0.164 -0.145 0.132  5.859   -5.656  1.196   19 A_G44:C4_B  A 44 ? B 4  ? 19 1 
1 A C 45 1_555 B G 3  1_555 0.197  -0.165 0.113  4.417   -5.810  -0.040  20 A_C45:G3_B  A 45 ? B 3  ? 19 1 
1 A C 46 1_555 B G 2  1_555 0.197  -0.156 -0.034 0.820   -4.381  0.566   21 A_C46:G2_B  A 46 ? B 2  ? 19 1 
1 A C 47 1_555 B G 1  1_555 0.187  -0.118 0.057  -4.316  -3.714  -0.137  22 A_C47:G1_B  A 47 ? B 1  ? 19 1 
# 
loop_
_ndb_struct_na_base_pair_step.model_number 
_ndb_struct_na_base_pair_step.i_label_asym_id_1 
_ndb_struct_na_base_pair_step.i_label_comp_id_1 
_ndb_struct_na_base_pair_step.i_label_seq_id_1 
_ndb_struct_na_base_pair_step.i_symmetry_1 
_ndb_struct_na_base_pair_step.j_label_asym_id_1 
_ndb_struct_na_base_pair_step.j_label_comp_id_1 
_ndb_struct_na_base_pair_step.j_label_seq_id_1 
_ndb_struct_na_base_pair_step.j_symmetry_1 
_ndb_struct_na_base_pair_step.i_label_asym_id_2 
_ndb_struct_na_base_pair_step.i_label_comp_id_2 
_ndb_struct_na_base_pair_step.i_label_seq_id_2 
_ndb_struct_na_base_pair_step.i_symmetry_2 
_ndb_struct_na_base_pair_step.j_label_asym_id_2 
_ndb_struct_na_base_pair_step.j_label_comp_id_2 
_ndb_struct_na_base_pair_step.j_label_seq_id_2 
_ndb_struct_na_base_pair_step.j_symmetry_2 
_ndb_struct_na_base_pair_step.shift 
_ndb_struct_na_base_pair_step.slide 
_ndb_struct_na_base_pair_step.rise 
_ndb_struct_na_base_pair_step.tilt 
_ndb_struct_na_base_pair_step.roll 
_ndb_struct_na_base_pair_step.twist 
_ndb_struct_na_base_pair_step.x_displacement 
_ndb_struct_na_base_pair_step.y_displacement 
_ndb_struct_na_base_pair_step.helical_rise 
_ndb_struct_na_base_pair_step.inclination 
_ndb_struct_na_base_pair_step.tip 
_ndb_struct_na_base_pair_step.helical_twist 
_ndb_struct_na_base_pair_step.step_number 
_ndb_struct_na_base_pair_step.step_name 
_ndb_struct_na_base_pair_step.i_auth_asym_id_1 
_ndb_struct_na_base_pair_step.i_auth_seq_id_1 
_ndb_struct_na_base_pair_step.i_PDB_ins_code_1 
_ndb_struct_na_base_pair_step.j_auth_asym_id_1 
_ndb_struct_na_base_pair_step.j_auth_seq_id_1 
_ndb_struct_na_base_pair_step.j_PDB_ins_code_1 
_ndb_struct_na_base_pair_step.i_auth_asym_id_2 
_ndb_struct_na_base_pair_step.i_auth_seq_id_2 
_ndb_struct_na_base_pair_step.i_PDB_ins_code_2 
_ndb_struct_na_base_pair_step.j_auth_asym_id_2 
_ndb_struct_na_base_pair_step.j_auth_seq_id_2 
_ndb_struct_na_base_pair_step.j_PDB_ins_code_2 
1 A A 10 1_555 A G 29 1_555 A A 32 1_555 A U 28 1_555 -2.853 -2.568 -2.616 165.196 -48.319 -8.642 1.182  -1.787 1.814 25.182  
86.095 -172.140 1  AA_A10A32:U28G29_AA A 10 ? A 29 ? A 32 ? A 28 ? 
1 A A 32 1_555 A U 28 1_555 A G 34 1_555 A C 27 1_555 3.083  -1.809 2.998  -4.754  4.440   75.284 -1.594 -2.643 2.734 3.629   
3.885  75.523   2  AA_A32G34:C27U28_AA A 32 ? A 28 ? A 34 ? A 27 ? 
1 A G 34 1_555 A C 27 1_555 A C 35 1_555 A G 26 1_555 0.223  -1.484 3.222  0.219   6.153   38.344 -2.947 -0.309 2.959 9.295   
-0.331 38.816   3  AA_G34C35:G26C27_AA A 34 ? A 27 ? A 35 ? A 26 ? 
1 A C 35 1_555 A G 26 1_555 A G 36 1_555 A C 25 1_555 -0.068 -1.856 3.357  1.186   7.485   29.644 -4.940 0.354  2.811 14.336  
-2.271 30.577   4  AA_C35G36:C25G26_AA A 35 ? A 26 ? A 36 ? A 25 ? 
1 A G 36 1_555 A C 25 1_555 A A 37 1_555 A U 24 1_555 0.315  -1.899 3.138  -0.738  5.619   33.263 -4.105 -0.652 2.781 9.728   
1.277  33.729   5  AA_G36A37:U24C25_AA A 36 ? A 25 ? A 37 ? A 24 ? 
1 A A 37 1_555 A U 24 1_555 A C 38 1_555 A G 23 1_555 0.859  -1.661 3.318  0.902   3.263   34.211 -3.317 -1.314 3.172 5.531   
-1.529 34.373   6  AA_A37C38:G23U24_AA A 37 ? A 24 ? A 38 ? A 23 ? 
1 A C 38 1_555 A G 23 1_555 A G 39 1_555 A A 22 1_555 0.304  0.900  2.868  2.587   10.804  51.645 0.377  -0.190 2.998 12.240  
-2.931 52.746   7  AA_C38G39:A22G23_AA A 38 ? A 23 ? A 39 ? A 22 ? 
1 A G 11 1_555 B C 12 1_555 A C 12 1_555 B G 11 1_555 -0.641 -1.395 3.154  -3.611  2.857   32.914 -2.897 0.542  3.076 5.012   
6.335  33.226   8  AA_G11C12:G11C12_BB A 11 ? B 12 ? A 12 ? B 11 ? 
1 A C 12 1_555 B G 11 1_555 A C 13 1_555 B G 10 1_555 0.131  -1.714 3.297  -1.680  4.937   32.651 -3.823 -0.506 3.002 8.713   
2.964  33.053   9  AA_C12C13:G10G11_BB A 12 ? B 11 ? A 13 ? B 10 ? 
1 A C 13 1_555 B G 10 1_555 A C 14 1_555 B G 9  1_555 -0.209 -2.191 3.278  -0.384  4.057   27.935 -5.395 0.343  2.939 8.349   
0.789  28.225   10 AA_C13C14:G9G10_BB  A 13 ? B 10 ? A 14 ? B 9  ? 
1 A C 14 1_555 B G 9  1_555 A A 15 1_555 B U 8  1_555 -0.279 -1.673 3.067  -0.512  8.071   31.561 -4.219 0.419  2.575 14.542  
0.923  32.555   11 AA_C14A15:U8G9_BB   A 14 ? B 9  ? A 15 ? B 8  ? 
1 A A 15 1_555 B U 8  1_555 A C 16 1_555 A G 21 1_555 -1.150 -1.187 3.178  3.363   14.784  19.890 -6.415 3.496  1.690 36.680  
-8.344 24.963   12 AA_A15C16:G21U8_AB  A 15 ? B 8  ? A 16 ? A 21 ? 
1 A A 41 1_555 A G 18 1_555 A A 42 1_555 B U 6  1_555 1.110  2.541  3.383  2.849   -25.988 90.315 2.216  -0.713 2.773 -18.024 
-1.976 93.232   13 AA_A41A42:U6G18_BA  A 41 ? A 18 ? A 42 ? B 6  ? 
1 A A 42 1_555 B U 6  1_555 A C 43 1_555 B G 5  1_555 0.196  -1.350 3.366  -0.359  11.184  32.653 -3.954 -0.384 2.766 19.203  
0.616  34.468   14 AA_A42C43:G5U6_BB   A 42 ? B 6  ? A 43 ? B 5  ? 
1 A C 43 1_555 B G 5  1_555 A G 44 1_555 B C 4  1_555 -0.716 -1.962 2.867  -0.695  14.842  29.847 -5.274 1.164  1.739 26.825  
1.257  33.265   15 AA_C43G44:C4G5_BB   A 43 ? B 5  ? A 44 ? B 4  ? 
1 A G 44 1_555 B C 4  1_555 A C 45 1_555 B G 3  1_555 -0.326 -1.668 3.300  -3.413  2.264   34.348 -3.155 0.023  3.204 3.817   
5.754  34.584   16 AA_G44C45:G3C4_BB   A 44 ? B 4  ? A 45 ? B 3  ? 
1 A C 45 1_555 B G 3  1_555 A C 46 1_555 B G 2  1_555 -0.009 -2.024 3.279  0.638   5.724   31.198 -4.702 0.128  2.871 10.531  
-1.174 31.712   17 AA_C45C46:G2G3_BB   A 45 ? B 3  ? A 46 ? B 2  ? 
1 A C 46 1_555 B G 2  1_555 A C 47 1_555 B G 1  1_555 -0.161 -1.908 3.229  1.030   6.392   33.247 -4.237 0.432  2.818 11.040  
-1.780 33.854   18 AA_C46C47:G1G2_BB   A 46 ? B 2  ? A 47 ? B 1  ? 
# 
_pdbx_audit_support.funding_organization   
'National Institutes of Health/National Institute of General Medical Sciences (NIH/NIGMS)' 
_pdbx_audit_support.country                'United States' 
_pdbx_audit_support.grant_number           'RO1 GM095923' 
_pdbx_audit_support.ordinal                1 
# 
_pdbx_entity_nonpoly.entity_id   3 
_pdbx_entity_nonpoly.name        'MAGNESIUM ION' 
_pdbx_entity_nonpoly.comp_id     MG 
# 
_pdbx_initial_refinement_model.id               1 
_pdbx_initial_refinement_model.entity_id_list   ? 
_pdbx_initial_refinement_model.type             'experimental model' 
_pdbx_initial_refinement_model.source_name      PDB 
_pdbx_initial_refinement_model.accession_code   5DI2 
_pdbx_initial_refinement_model.details          ? 
# 
